data_2UXQ
#
_entry.id   2UXQ
#
_cell.length_a   59.324
_cell.length_b   73.279
_cell.length_c   126.413
_cell.angle_alpha   98.90
_cell.angle_beta   98.98
_cell.angle_gamma   113.88
#
_symmetry.space_group_name_H-M   'P 1'
#
loop_
_entity.id
_entity.type
_entity.pdbx_description
1 polymer 'ISOCITRATE DEHYDROGENASE NATIVE'
2 non-polymer GLYCEROL
3 non-polymer 'SULFATE ION'
4 non-polymer 'MAGNESIUM ION'
5 non-polymer DI(HYDROXYETHYL)ETHER
6 water water
#
_entity_poly.entity_id   1
_entity_poly.type   'polypeptide(L)'
_entity_poly.pdbx_seq_one_letter_code
;MKIQMKTPLVELDGDEMTRVLWPLIKDKLLLPFIDLQTEYYDLGIEERDRTNDQITIDAAEAIKKYGVGVKNATITPNQD
RVEEYGLKEQWKSPNATVRAMLDGTVFRKPIMVKNIKPSVRSWQKPIVVGRHAYGDFYKNAEIFAEAGGKLEIVVTDKNG
KETRQTIMEVDEPAIVQGIHNTVASIGHFARACFEYSLDQKIDCWFATKDTISKQYDQRFKIIFEEIFAQEYKEKFAAAG
IEYFYTLIDDVVARMMKTEGGMLWACKNYDGDVMSDMVASAFGSLAMMSSVLVSPYGYFEYEAAHGTVQRHYYQHLKGER
TSTNPVALIYAWTGALRKRGELDGTPDLCAFCDSLEAITIECIESGYMTGDLARICEPAAIKVLDSIEFIDELGKRLQQL
NK
;
_entity_poly.pdbx_strand_id   A,B,C,D
#
# COMPACT_ATOMS: atom_id res chain seq x y z
N MET A 1 50.82 -23.54 44.17
CA MET A 1 50.56 -22.07 44.13
C MET A 1 49.24 -21.87 43.45
N LYS A 2 49.27 -21.94 42.13
CA LYS A 2 48.03 -21.83 41.35
C LYS A 2 47.18 -23.07 41.59
N ILE A 3 45.85 -22.91 41.54
CA ILE A 3 44.92 -24.00 41.78
C ILE A 3 44.97 -25.00 40.64
N GLN A 4 45.02 -26.28 40.97
CA GLN A 4 45.12 -27.32 39.96
C GLN A 4 43.75 -27.92 39.57
N MET A 5 43.62 -28.24 38.27
CA MET A 5 42.43 -28.90 37.73
C MET A 5 42.71 -30.35 37.38
N LYS A 6 41.70 -31.18 37.48
CA LYS A 6 41.86 -32.60 37.18
C LYS A 6 41.46 -32.88 35.75
N THR A 7 40.38 -32.22 35.32
CA THR A 7 39.70 -32.49 34.05
C THR A 7 39.54 -31.13 33.33
N PRO A 8 39.88 -31.08 32.03
CA PRO A 8 39.73 -29.85 31.32
C PRO A 8 38.24 -29.41 31.17
N LEU A 9 38.03 -28.11 31.22
CA LEU A 9 36.76 -27.54 30.74
C LEU A 9 36.77 -27.48 29.21
N VAL A 10 35.63 -27.68 28.58
CA VAL A 10 35.51 -27.44 27.14
C VAL A 10 35.16 -25.94 26.99
N GLU A 11 35.95 -25.23 26.20
CA GLU A 11 35.84 -23.79 26.04
C GLU A 11 35.40 -23.46 24.63
N LEU A 12 34.19 -22.91 24.52
CA LEU A 12 33.65 -22.52 23.20
C LEU A 12 33.76 -21.00 23.05
N ASP A 13 34.66 -20.51 22.18
CA ASP A 13 34.83 -19.10 21.94
C ASP A 13 33.72 -18.57 20.99
N GLY A 14 33.59 -17.26 20.94
CA GLY A 14 32.56 -16.59 20.21
C GLY A 14 32.97 -15.43 19.34
N ASP A 15 32.14 -14.38 19.33
CA ASP A 15 32.21 -13.33 18.30
C ASP A 15 32.35 -11.90 18.87
N GLU A 16 32.91 -11.03 18.04
CA GLU A 16 32.84 -9.57 18.21
C GLU A 16 33.33 -9.12 19.60
N MET A 17 32.58 -8.26 20.30
CA MET A 17 33.09 -7.71 21.58
C MET A 17 33.26 -8.73 22.68
N THR A 18 32.37 -9.72 22.70
CA THR A 18 32.52 -10.78 23.69
C THR A 18 33.80 -11.63 23.46
N ARG A 19 34.13 -11.86 22.19
CA ARG A 19 35.37 -12.53 21.82
C ARG A 19 36.57 -11.75 22.28
N VAL A 20 36.49 -10.42 22.18
CA VAL A 20 37.59 -9.48 22.60
C VAL A 20 37.83 -9.63 24.13
N LEU A 21 36.74 -9.62 24.90
CA LEU A 21 36.85 -9.63 26.39
C LEU A 21 37.24 -10.97 27.01
N TRP A 22 36.95 -12.05 26.28
CA TRP A 22 37.09 -13.45 26.77
C TRP A 22 38.56 -13.70 27.22
N PRO A 23 39.56 -13.38 26.37
CA PRO A 23 40.96 -13.56 26.86
C PRO A 23 41.35 -12.66 27.98
N LEU A 24 40.74 -11.49 28.06
CA LEU A 24 41.07 -10.56 29.16
C LEU A 24 40.63 -11.09 30.48
N ILE A 25 39.42 -11.70 30.46
CA ILE A 25 38.94 -12.44 31.65
C ILE A 25 39.93 -13.54 32.05
N LYS A 26 40.33 -14.39 31.08
CA LYS A 26 41.29 -15.46 31.36
C LYS A 26 42.61 -14.88 31.90
N ASP A 27 43.09 -13.86 31.22
CA ASP A 27 44.41 -13.24 31.50
C ASP A 27 44.48 -12.63 32.90
N LYS A 28 43.45 -11.89 33.28
CA LYS A 28 43.54 -11.15 34.55
C LYS A 28 42.78 -11.75 35.74
N LEU A 29 41.79 -12.59 35.45
CA LEU A 29 40.90 -13.12 36.46
C LEU A 29 41.02 -14.64 36.74
N LEU A 30 41.64 -15.40 35.84
CA LEU A 30 41.66 -16.86 35.95
C LEU A 30 43.12 -17.41 35.95
N LEU A 31 43.85 -17.08 34.90
CA LEU A 31 45.21 -17.60 34.68
C LEU A 31 46.21 -17.30 35.82
N PRO A 32 46.15 -16.10 36.43
CA PRO A 32 47.07 -15.89 37.56
C PRO A 32 46.83 -16.80 38.77
N PHE A 33 45.64 -17.37 38.88
CA PHE A 33 45.20 -18.07 40.07
C PHE A 33 44.99 -19.56 39.87
N ILE A 34 44.86 -20.00 38.62
CA ILE A 34 44.47 -21.36 38.26
C ILE A 34 45.34 -21.75 37.07
N ASP A 35 45.88 -22.96 37.13
CA ASP A 35 46.52 -23.58 35.98
C ASP A 35 45.37 -24.14 35.16
N LEU A 36 44.80 -23.25 34.34
CA LEU A 36 43.57 -23.50 33.65
C LEU A 36 43.80 -24.56 32.56
N GLN A 37 43.02 -25.63 32.61
CA GLN A 37 43.03 -26.64 31.54
C GLN A 37 41.74 -26.52 30.76
N THR A 38 41.85 -26.19 29.47
CA THR A 38 40.67 -26.21 28.60
C THR A 38 40.97 -26.93 27.26
N GLU A 39 39.89 -27.40 26.63
CA GLU A 39 39.91 -27.96 25.29
C GLU A 39 39.16 -26.89 24.47
N TYR A 40 39.92 -26.17 23.65
CA TYR A 40 39.44 -24.96 22.96
C TYR A 40 38.79 -25.22 21.62
N TYR A 41 37.56 -24.70 21.46
CA TYR A 41 36.78 -24.80 20.21
C TYR A 41 36.39 -23.36 19.82
N ASP A 42 36.84 -22.92 18.65
CA ASP A 42 36.53 -21.58 18.16
C ASP A 42 35.19 -21.58 17.40
N LEU A 43 34.13 -21.20 18.13
CA LEU A 43 32.83 -20.95 17.53
C LEU A 43 32.60 -19.52 16.98
N GLY A 44 33.67 -18.74 16.83
CA GLY A 44 33.60 -17.52 16.01
C GLY A 44 32.99 -17.84 14.66
N ILE A 45 32.24 -16.87 14.14
CA ILE A 45 31.56 -17.01 12.85
C ILE A 45 32.51 -17.43 11.74
N GLU A 46 33.73 -16.93 11.73
CA GLU A 46 34.65 -17.29 10.63
C GLU A 46 35.13 -18.74 10.69
N GLU A 47 35.31 -19.28 11.90
CA GLU A 47 35.68 -20.70 12.04
C GLU A 47 34.49 -21.61 11.74
N ARG A 48 33.29 -21.20 12.16
CA ARG A 48 32.11 -21.93 11.76
C ARG A 48 32.00 -21.93 10.23
N ASP A 49 32.29 -20.78 9.59
CA ASP A 49 32.18 -20.72 8.14
C ASP A 49 33.23 -21.61 7.46
N ARG A 50 34.46 -21.50 7.90
CA ARG A 50 35.54 -22.32 7.35
C ARG A 50 35.30 -23.83 7.50
N THR A 51 34.74 -24.28 8.65
CA THR A 51 34.47 -25.71 8.89
C THR A 51 33.04 -26.16 8.53
N ASN A 52 32.27 -25.32 7.83
CA ASN A 52 30.91 -25.66 7.44
C ASN A 52 30.05 -26.02 8.66
N ASP A 53 30.33 -25.30 9.76
CA ASP A 53 29.66 -25.46 11.07
C ASP A 53 30.07 -26.77 11.82
N GLN A 54 31.07 -27.51 11.30
CA GLN A 54 31.51 -28.73 11.99
C GLN A 54 32.02 -28.42 13.37
N ILE A 55 32.68 -27.26 13.55
CA ILE A 55 33.30 -26.95 14.87
C ILE A 55 32.26 -26.94 16.01
N THR A 56 31.03 -26.57 15.70
CA THR A 56 29.94 -26.50 16.66
C THR A 56 29.60 -27.89 17.14
N ILE A 57 29.45 -28.81 16.19
CA ILE A 57 29.20 -30.21 16.46
C ILE A 57 30.34 -30.82 17.32
N ASP A 58 31.56 -30.59 16.90
CA ASP A 58 32.74 -31.12 17.59
C ASP A 58 32.81 -30.65 19.04
N ALA A 59 32.47 -29.38 19.27
CA ALA A 59 32.42 -28.83 20.62
C ALA A 59 31.40 -29.48 21.50
N ALA A 60 30.19 -29.71 20.98
CA ALA A 60 29.13 -30.41 21.64
C ALA A 60 29.61 -31.88 22.00
N GLU A 61 30.28 -32.55 21.06
CA GLU A 61 30.89 -33.84 21.35
C GLU A 61 31.92 -33.80 22.48
N ALA A 62 32.71 -32.74 22.55
CA ALA A 62 33.68 -32.62 23.64
C ALA A 62 33.03 -32.36 25.00
N ILE A 63 31.92 -31.63 25.03
CA ILE A 63 31.12 -31.51 26.27
C ILE A 63 30.61 -32.88 26.73
N LYS A 64 30.15 -33.73 25.80
CA LYS A 64 29.69 -35.07 26.11
C LYS A 64 30.84 -35.89 26.69
N LYS A 65 32.01 -35.71 26.13
CA LYS A 65 33.20 -36.46 26.60
C LYS A 65 33.65 -36.09 27.99
N TYR A 66 33.84 -34.79 28.21
CA TYR A 66 34.41 -34.28 29.49
C TYR A 66 33.37 -33.90 30.57
N GLY A 67 32.22 -33.37 30.13
CA GLY A 67 31.05 -33.23 30.95
C GLY A 67 30.57 -31.78 31.10
N VAL A 68 31.50 -30.87 30.97
CA VAL A 68 31.22 -29.42 31.25
C VAL A 68 31.85 -28.51 30.22
N GLY A 69 30.99 -27.62 29.69
CA GLY A 69 31.44 -26.61 28.74
C GLY A 69 31.10 -25.18 29.21
N VAL A 70 31.95 -24.27 28.78
CA VAL A 70 31.74 -22.81 28.92
C VAL A 70 31.69 -22.20 27.54
N LYS A 71 30.62 -21.46 27.28
CA LYS A 71 30.37 -20.91 25.95
C LYS A 71 30.28 -19.39 25.96
N ASN A 72 31.07 -18.78 25.08
CA ASN A 72 31.00 -17.36 24.80
C ASN A 72 29.82 -17.04 23.88
N ALA A 73 29.40 -15.77 23.90
CA ALA A 73 28.36 -15.30 23.00
C ALA A 73 28.78 -15.35 21.53
N THR A 74 27.83 -15.78 20.70
CA THR A 74 28.04 -15.98 19.26
C THR A 74 27.00 -15.28 18.38
N ILE A 75 27.37 -15.05 17.13
CA ILE A 75 26.42 -14.56 16.07
C ILE A 75 25.65 -15.71 15.51
N THR A 76 24.36 -15.58 15.46
CA THR A 76 23.51 -16.45 14.64
C THR A 76 23.19 -15.58 13.37
N PRO A 77 23.82 -15.90 12.23
CA PRO A 77 23.86 -14.92 11.15
C PRO A 77 22.64 -14.80 10.24
N ASN A 78 22.12 -13.58 10.15
CA ASN A 78 21.11 -13.27 9.11
C ASN A 78 21.86 -12.88 7.79
N GLN A 79 21.12 -12.46 6.76
CA GLN A 79 21.75 -12.18 5.49
C GLN A 79 22.68 -10.97 5.56
N ASP A 80 22.34 -10.00 6.41
CA ASP A 80 23.25 -8.91 6.71
C ASP A 80 24.63 -9.43 7.17
N ARG A 81 24.62 -10.43 8.07
CA ARG A 81 25.88 -10.99 8.62
C ARG A 81 26.64 -11.77 7.51
N VAL A 82 25.87 -12.53 6.72
CA VAL A 82 26.41 -13.20 5.54
C VAL A 82 27.20 -12.18 4.68
N GLU A 83 26.58 -11.04 4.41
CA GLU A 83 27.23 -10.01 3.61
C GLU A 83 28.46 -9.48 4.33
N GLU A 84 28.27 -9.10 5.58
CA GLU A 84 29.34 -8.58 6.38
C GLU A 84 30.62 -9.42 6.36
N TYR A 85 30.44 -10.73 6.55
CA TYR A 85 31.56 -11.67 6.74
C TYR A 85 31.84 -12.49 5.49
N GLY A 86 31.02 -12.34 4.44
CA GLY A 86 31.20 -13.13 3.21
C GLY A 86 30.99 -14.62 3.48
N LEU A 87 29.94 -14.95 4.23
CA LEU A 87 29.71 -16.34 4.68
C LEU A 87 29.14 -17.14 3.56
N LYS A 88 29.32 -18.45 3.62
CA LYS A 88 28.71 -19.37 2.67
C LYS A 88 27.20 -19.49 2.79
N GLU A 89 26.72 -19.43 4.04
CA GLU A 89 25.29 -19.47 4.29
C GLU A 89 24.94 -18.94 5.69
N GLN A 90 23.66 -18.80 5.96
CA GLN A 90 23.18 -18.39 7.28
C GLN A 90 23.21 -19.61 8.16
N TRP A 91 24.39 -19.94 8.68
CA TRP A 91 24.58 -21.04 9.62
C TRP A 91 23.55 -20.99 10.76
N LYS A 92 22.96 -22.13 11.08
CA LYS A 92 22.00 -22.30 12.16
C LYS A 92 22.62 -21.90 13.53
N SER A 93 21.79 -21.32 14.39
CA SER A 93 22.15 -21.01 15.75
C SER A 93 23.01 -22.07 16.40
N PRO A 94 24.24 -21.73 16.78
CA PRO A 94 25.00 -22.77 17.47
C PRO A 94 24.43 -23.17 18.83
N ASN A 95 23.70 -22.26 19.51
CA ASN A 95 23.04 -22.59 20.76
C ASN A 95 21.99 -23.65 20.53
N ALA A 96 21.24 -23.49 19.46
CA ALA A 96 20.23 -24.45 19.11
C ALA A 96 20.86 -25.81 18.80
N THR A 97 21.98 -25.82 18.07
CA THR A 97 22.67 -27.08 17.78
C THR A 97 23.18 -27.78 19.04
N VAL A 98 23.82 -27.03 19.90
CA VAL A 98 24.33 -27.61 21.14
C VAL A 98 23.17 -28.18 22.00
N ARG A 99 22.12 -27.39 22.17
N ARG A 99 22.10 -27.43 22.16
CA ARG A 99 20.95 -27.80 22.96
CA ARG A 99 20.96 -27.89 22.98
C ARG A 99 20.32 -29.07 22.40
C ARG A 99 20.30 -29.13 22.40
N ALA A 100 20.21 -29.17 21.07
CA ALA A 100 19.67 -30.32 20.35
C ALA A 100 20.49 -31.57 20.60
N MET A 101 21.80 -31.40 20.62
CA MET A 101 22.72 -32.50 20.88
C MET A 101 22.77 -32.95 22.33
N LEU A 102 22.57 -32.05 23.31
CA LEU A 102 22.73 -32.43 24.71
C LEU A 102 21.36 -32.71 25.42
N ASP A 103 20.32 -32.04 24.96
CA ASP A 103 19.01 -31.97 25.62
C ASP A 103 19.17 -31.26 26.98
N GLY A 104 18.03 -31.01 27.67
CA GLY A 104 18.02 -30.50 29.00
C GLY A 104 17.13 -29.25 29.21
N THR A 105 17.45 -28.57 30.29
CA THR A 105 16.78 -27.34 30.72
C THR A 105 17.84 -26.25 30.98
N VAL A 106 17.55 -25.04 30.51
CA VAL A 106 18.45 -23.93 30.68
C VAL A 106 17.92 -23.09 31.86
N PHE A 107 18.71 -23.04 32.93
CA PHE A 107 18.37 -22.26 34.12
C PHE A 107 19.04 -20.88 34.00
N ARG A 108 18.19 -19.87 34.09
CA ARG A 108 18.54 -18.46 33.89
C ARG A 108 18.18 -17.70 35.17
N LYS A 109 19.17 -17.18 35.87
CA LYS A 109 18.98 -16.52 37.20
C LYS A 109 19.64 -15.14 37.18
N PRO A 110 18.95 -14.13 37.69
CA PRO A 110 19.56 -12.79 37.77
C PRO A 110 20.75 -12.77 38.74
N ILE A 111 21.74 -11.99 38.36
CA ILE A 111 22.90 -11.67 39.13
C ILE A 111 22.56 -10.32 39.74
N MET A 112 22.16 -10.37 41.01
CA MET A 112 21.58 -9.21 41.73
C MET A 112 22.64 -8.47 42.57
N VAL A 113 22.52 -7.13 42.56
CA VAL A 113 23.37 -6.25 43.29
C VAL A 113 22.44 -5.34 44.14
N LYS A 114 22.89 -5.04 45.34
CA LYS A 114 22.10 -4.22 46.30
C LYS A 114 21.70 -2.80 45.84
N ASN A 115 22.45 -2.26 44.91
CA ASN A 115 22.29 -0.88 44.42
C ASN A 115 21.55 -0.73 43.09
N ILE A 116 20.88 -1.81 42.67
CA ILE A 116 20.04 -1.80 41.49
C ILE A 116 18.67 -2.42 41.82
N LYS A 117 17.67 -1.58 41.82
CA LYS A 117 16.28 -1.98 41.96
C LYS A 117 15.74 -2.54 40.64
N PRO A 118 14.93 -3.58 40.69
CA PRO A 118 14.34 -4.11 39.46
C PRO A 118 13.36 -3.12 38.81
N SER A 119 13.17 -3.21 37.50
CA SER A 119 12.17 -2.45 36.75
C SER A 119 10.76 -2.70 37.27
N VAL A 120 10.47 -3.91 37.66
CA VAL A 120 9.14 -4.29 38.17
C VAL A 120 9.11 -4.04 39.68
N ARG A 121 8.31 -3.04 40.06
CA ARG A 121 8.24 -2.54 41.45
C ARG A 121 8.02 -3.60 42.50
N SER A 122 7.20 -4.60 42.20
CA SER A 122 6.87 -5.61 43.19
C SER A 122 7.96 -6.62 43.48
N TRP A 123 8.91 -6.81 42.57
CA TRP A 123 9.90 -7.86 42.72
C TRP A 123 10.86 -7.56 43.88
N GLN A 124 10.88 -8.48 44.82
CA GLN A 124 11.75 -8.40 46.00
C GLN A 124 12.68 -9.60 46.05
N LYS A 125 12.43 -10.63 45.24
CA LYS A 125 13.17 -11.89 45.33
C LYS A 125 13.49 -12.33 43.89
N PRO A 126 14.61 -13.07 43.70
CA PRO A 126 14.91 -13.46 42.33
C PRO A 126 13.80 -14.36 41.75
N ILE A 127 13.65 -14.27 40.45
CA ILE A 127 12.86 -15.17 39.62
C ILE A 127 13.86 -15.90 38.70
N VAL A 128 13.80 -17.23 38.73
CA VAL A 128 14.61 -18.09 37.87
C VAL A 128 13.71 -18.61 36.79
N VAL A 129 14.17 -18.53 35.54
CA VAL A 129 13.49 -19.16 34.44
C VAL A 129 14.15 -20.48 34.07
N GLY A 130 13.35 -21.54 34.03
CA GLY A 130 13.83 -22.88 33.61
C GLY A 130 13.26 -23.14 32.25
N ARG A 131 14.13 -23.00 31.26
CA ARG A 131 13.71 -23.05 29.86
C ARG A 131 14.01 -24.43 29.28
N HIS A 132 12.95 -25.12 28.82
CA HIS A 132 13.11 -26.40 28.09
C HIS A 132 14.03 -26.15 26.88
N ALA A 133 15.16 -26.88 26.77
CA ALA A 133 16.22 -26.59 25.79
C ALA A 133 15.99 -27.24 24.42
N TYR A 134 15.00 -28.15 24.32
CA TYR A 134 14.86 -29.04 23.17
C TYR A 134 13.57 -28.82 22.39
N GLY A 135 13.68 -28.82 21.06
CA GLY A 135 12.51 -28.95 20.18
C GLY A 135 11.69 -27.69 19.97
N ASP A 136 10.40 -27.90 19.71
CA ASP A 136 9.50 -26.86 19.33
C ASP A 136 10.09 -26.13 18.14
N PHE A 137 9.90 -24.82 18.00
CA PHE A 137 10.24 -24.23 16.71
C PHE A 137 11.74 -24.04 16.45
N TYR A 138 12.61 -24.33 17.43
CA TYR A 138 14.03 -24.36 17.21
C TYR A 138 14.47 -25.52 16.26
N LYS A 139 13.62 -26.49 16.06
CA LYS A 139 13.79 -27.46 14.94
C LYS A 139 12.51 -27.47 14.09
N ASN A 140 12.41 -26.48 13.24
CA ASN A 140 11.18 -26.32 12.49
C ASN A 140 11.37 -26.84 11.08
N ALA A 141 10.26 -27.17 10.48
CA ALA A 141 10.17 -27.32 9.05
C ALA A 141 9.20 -26.26 8.57
N GLU A 142 9.52 -25.60 7.47
CA GLU A 142 8.74 -24.53 6.97
C GLU A 142 8.62 -24.57 5.46
N ILE A 143 7.43 -24.22 4.99
CA ILE A 143 7.19 -24.08 3.56
C ILE A 143 6.47 -22.78 3.24
N PHE A 144 6.98 -22.10 2.23
CA PHE A 144 6.29 -20.96 1.63
C PHE A 144 5.50 -21.48 0.44
N ALA A 145 4.21 -21.68 0.69
CA ALA A 145 3.23 -22.21 -0.26
C ALA A 145 2.73 -21.07 -1.16
N GLU A 146 3.51 -20.78 -2.19
CA GLU A 146 3.25 -19.63 -3.02
C GLU A 146 1.99 -19.78 -3.83
N ALA A 147 1.46 -21.01 -3.94
CA ALA A 147 0.22 -21.24 -4.68
C ALA A 147 -0.90 -21.70 -3.76
N GLY A 148 -0.67 -21.65 -2.45
CA GLY A 148 -1.59 -22.22 -1.51
C GLY A 148 -1.66 -23.75 -1.62
N GLY A 149 -2.81 -24.28 -1.27
CA GLY A 149 -3.07 -25.69 -1.26
C GLY A 149 -3.63 -26.23 0.04
N LYS A 150 -3.69 -27.56 0.10
CA LYS A 150 -4.02 -28.28 1.31
C LYS A 150 -2.74 -28.33 2.13
N LEU A 151 -2.81 -27.84 3.38
CA LEU A 151 -1.63 -27.75 4.28
C LEU A 151 -1.86 -28.72 5.43
N GLU A 152 -0.95 -29.67 5.57
CA GLU A 152 -1.08 -30.79 6.50
C GLU A 152 0.18 -31.08 7.28
N ILE A 153 -0.02 -31.70 8.42
CA ILE A 153 1.04 -32.46 9.06
C ILE A 153 0.80 -33.97 8.78
N VAL A 154 1.89 -34.68 8.66
CA VAL A 154 1.89 -36.09 8.28
C VAL A 154 2.92 -36.80 9.13
N VAL A 155 2.48 -37.91 9.73
CA VAL A 155 3.31 -38.79 10.50
C VAL A 155 3.26 -40.16 9.83
N THR A 156 4.42 -40.67 9.46
CA THR A 156 4.56 -42.01 8.87
C THR A 156 5.39 -42.82 9.88
N ASP A 157 4.73 -43.80 10.51
CA ASP A 157 5.39 -44.66 11.53
C ASP A 157 6.23 -45.82 10.95
N LYS A 158 6.92 -46.54 11.83
CA LYS A 158 7.75 -47.69 11.46
C LYS A 158 6.96 -48.75 10.67
N ASN A 159 5.71 -48.97 11.12
CA ASN A 159 4.82 -50.03 10.64
C ASN A 159 3.82 -49.60 9.57
N GLY A 160 4.19 -48.65 8.73
CA GLY A 160 2.84 -48.26 7.87
C GLY A 160 1.60 -47.01 7.98
N LYS A 161 1.31 -46.80 9.25
CA LYS A 161 -0.08 -46.62 9.70
C LYS A 161 0.75 -44.83 9.12
N GLU A 162 0.05 -44.19 8.29
CA GLU A 162 0.04 -42.76 8.05
C GLU A 162 -1.04 -42.08 8.86
N THR A 163 -0.66 -40.99 9.53
CA THR A 163 -1.62 -40.15 10.22
C THR A 163 -1.45 -38.73 9.66
N ARG A 164 -2.56 -38.16 9.22
CA ARG A 164 -2.62 -36.84 8.57
C ARG A 164 -3.59 -35.96 9.31
N GLN A 165 -3.23 -34.70 9.47
CA GLN A 165 -4.16 -33.72 9.99
C GLN A 165 -4.06 -32.44 9.19
N THR A 166 -5.23 -31.85 8.90
CA THR A 166 -5.24 -30.69 8.09
C THR A 166 -5.13 -29.43 8.95
N ILE A 167 -4.13 -28.63 8.63
CA ILE A 167 -3.94 -27.30 9.26
C ILE A 167 -5.03 -26.37 8.70
N MET A 168 -5.05 -26.28 7.38
CA MET A 168 -5.97 -25.42 6.64
C MET A 168 -5.80 -25.76 5.18
N GLU A 169 -6.86 -25.53 4.42
CA GLU A 169 -6.81 -25.59 2.96
C GLU A 169 -7.12 -24.19 2.44
N VAL A 170 -6.21 -23.66 1.64
CA VAL A 170 -6.26 -22.29 1.16
C VAL A 170 -5.95 -22.22 -0.33
N ASP A 171 -6.49 -21.17 -0.97
CA ASP A 171 -6.31 -20.89 -2.39
C ASP A 171 -5.63 -19.52 -2.56
N GLU A 172 -4.54 -19.33 -1.81
CA GLU A 172 -3.81 -18.10 -1.80
C GLU A 172 -2.40 -18.38 -1.25
N PRO A 173 -1.41 -17.51 -1.53
CA PRO A 173 -0.10 -17.72 -0.98
C PRO A 173 -0.12 -17.75 0.57
N ALA A 174 0.53 -18.76 1.10
CA ALA A 174 0.48 -19.07 2.53
C ALA A 174 1.84 -19.53 3.00
N ILE A 175 2.04 -19.51 4.31
CA ILE A 175 3.25 -20.02 4.95
C ILE A 175 2.81 -21.12 5.92
N VAL A 176 3.68 -22.14 6.10
CA VAL A 176 3.39 -23.33 6.89
C VAL A 176 4.59 -23.62 7.77
N GLN A 177 4.35 -23.91 9.04
CA GLN A 177 5.39 -24.31 9.95
C GLN A 177 4.96 -25.57 10.67
N GLY A 178 5.88 -26.52 10.81
CA GLY A 178 5.74 -27.64 11.68
C GLY A 178 6.85 -27.76 12.72
N ILE A 179 6.45 -28.17 13.91
CA ILE A 179 7.35 -28.45 15.02
C ILE A 179 7.04 -29.77 15.70
N HIS A 180 7.94 -30.20 16.60
CA HIS A 180 7.79 -31.39 17.38
C HIS A 180 8.42 -31.24 18.74
N ASN A 181 8.03 -32.16 19.61
CA ASN A 181 8.78 -32.50 20.77
C ASN A 181 8.59 -34.01 21.08
N THR A 182 9.35 -34.46 22.05
CA THR A 182 9.31 -35.86 22.50
C THR A 182 8.82 -35.94 23.94
N VAL A 183 8.08 -36.99 24.22
CA VAL A 183 7.58 -37.26 25.57
C VAL A 183 8.76 -37.37 26.54
N ALA A 184 9.83 -38.05 26.11
CA ALA A 184 11.02 -38.24 26.98
C ALA A 184 11.65 -36.89 27.38
N SER A 185 11.84 -36.03 26.37
CA SER A 185 12.47 -34.70 26.63
C SER A 185 11.60 -33.86 27.56
N ILE A 186 10.31 -33.88 27.31
CA ILE A 186 9.39 -33.14 28.18
C ILE A 186 9.51 -33.67 29.60
N GLY A 187 9.54 -34.97 29.78
CA GLY A 187 9.68 -35.53 31.13
C GLY A 187 10.95 -35.12 31.85
N HIS A 188 12.07 -35.12 31.13
CA HIS A 188 13.34 -34.73 31.67
C HIS A 188 13.30 -33.24 32.10
N PHE A 189 12.57 -32.48 31.31
CA PHE A 189 12.34 -31.04 31.58
C PHE A 189 11.56 -30.85 32.90
N ALA A 190 10.45 -31.60 33.05
CA ALA A 190 9.67 -31.55 34.28
C ALA A 190 10.53 -31.97 35.49
N ARG A 191 11.29 -33.08 35.37
CA ARG A 191 12.13 -33.52 36.48
C ARG A 191 13.22 -32.51 36.85
N ALA A 192 13.87 -31.91 35.85
CA ALA A 192 14.91 -30.93 36.11
C ALA A 192 14.31 -29.74 36.90
N CYS A 193 13.12 -29.30 36.51
CA CYS A 193 12.49 -28.19 37.19
C CYS A 193 12.11 -28.56 38.62
N PHE A 194 11.55 -29.78 38.81
CA PHE A 194 11.13 -30.19 40.13
C PHE A 194 12.33 -30.34 41.04
N GLU A 195 13.41 -30.91 40.50
CA GLU A 195 14.67 -31.05 41.27
C GLU A 195 15.28 -29.70 41.66
N TYR A 196 15.30 -28.76 40.70
CA TYR A 196 15.83 -27.41 40.94
C TYR A 196 15.01 -26.74 42.08
N SER A 197 13.68 -26.81 41.99
CA SER A 197 12.79 -26.24 42.98
C SER A 197 13.10 -26.84 44.36
N LEU A 198 13.25 -28.16 44.42
CA LEU A 198 13.58 -28.79 45.73
C LEU A 198 14.90 -28.31 46.30
N ASP A 199 15.93 -28.30 45.45
CA ASP A 199 17.28 -28.00 45.83
C ASP A 199 17.36 -26.55 46.34
N GLN A 200 16.64 -25.65 45.65
CA GLN A 200 16.64 -24.25 45.98
C GLN A 200 15.56 -23.81 46.95
N LYS A 201 14.66 -24.73 47.29
CA LYS A 201 13.51 -24.50 48.15
C LYS A 201 12.61 -23.35 47.67
N ILE A 202 12.25 -23.45 46.41
CA ILE A 202 11.37 -22.46 45.82
C ILE A 202 10.25 -23.15 45.08
N ASP A 203 9.11 -22.44 44.95
CA ASP A 203 7.96 -22.97 44.24
C ASP A 203 8.25 -23.11 42.74
N CYS A 204 7.51 -23.98 42.08
CA CYS A 204 7.60 -24.15 40.63
C CYS A 204 6.29 -23.74 39.95
N TRP A 205 6.36 -22.83 38.98
CA TRP A 205 5.21 -22.42 38.19
C TRP A 205 5.47 -22.85 36.77
N PHE A 206 4.49 -23.48 36.15
CA PHE A 206 4.55 -23.85 34.76
C PHE A 206 3.29 -23.42 34.04
N ALA A 207 3.41 -23.03 32.78
CA ALA A 207 2.27 -22.59 32.01
C ALA A 207 2.34 -22.83 30.53
N THR A 208 1.19 -23.09 29.92
CA THR A 208 1.08 -23.21 28.47
C THR A 208 -0.25 -22.57 28.03
N LYS A 209 -0.64 -22.82 26.78
CA LYS A 209 -1.96 -22.44 26.29
C LYS A 209 -2.75 -23.69 25.83
N ASP A 210 -2.94 -24.61 26.75
CA ASP A 210 -3.54 -25.94 26.49
C ASP A 210 -5.03 -25.83 26.11
N THR A 211 -5.63 -24.68 26.38
CA THR A 211 -7.01 -24.39 25.97
C THR A 211 -7.16 -24.19 24.46
N ILE A 212 -6.07 -23.80 23.80
CA ILE A 212 -6.00 -23.65 22.39
C ILE A 212 -5.25 -24.82 21.68
N SER A 213 -4.15 -25.25 22.28
CA SER A 213 -3.34 -26.37 21.84
C SER A 213 -3.71 -27.59 22.71
N LYS A 214 -4.72 -28.33 22.23
CA LYS A 214 -5.40 -29.33 23.03
C LYS A 214 -4.74 -30.72 23.04
N GLN A 215 -3.73 -30.93 22.18
CA GLN A 215 -2.88 -32.12 22.25
C GLN A 215 -1.43 -31.78 22.54
N TYR A 216 -0.93 -30.69 21.95
CA TYR A 216 0.51 -30.40 22.03
C TYR A 216 0.89 -29.81 23.39
N ASP A 217 0.40 -28.58 23.68
CA ASP A 217 0.66 -28.03 24.99
C ASP A 217 0.03 -28.91 26.07
N GLN A 218 -1.12 -29.50 25.78
CA GLN A 218 -1.79 -30.38 26.73
C GLN A 218 -0.86 -31.53 27.21
N ARG A 219 -0.07 -32.05 26.29
CA ARG A 219 0.90 -33.13 26.62
C ARG A 219 1.95 -32.65 27.60
N PHE A 220 2.39 -31.41 27.48
CA PHE A 220 3.25 -30.85 28.53
C PHE A 220 2.56 -30.79 29.88
N LYS A 221 1.35 -30.23 29.91
CA LYS A 221 0.58 -30.18 31.14
C LYS A 221 0.45 -31.55 31.83
N ILE A 222 0.04 -32.55 31.05
CA ILE A 222 -0.15 -33.92 31.53
C ILE A 222 1.13 -34.53 32.11
N ILE A 223 2.23 -34.46 31.35
CA ILE A 223 3.53 -35.00 31.79
C ILE A 223 4.00 -34.35 33.09
N PHE A 224 3.97 -33.03 33.16
CA PHE A 224 4.20 -32.33 34.44
C PHE A 224 3.32 -32.85 35.58
N GLU A 225 2.02 -32.90 35.35
CA GLU A 225 1.07 -33.32 36.38
C GLU A 225 1.36 -34.76 36.87
N GLU A 226 1.61 -35.68 35.94
CA GLU A 226 1.87 -37.08 36.28
C GLU A 226 3.20 -37.30 36.97
N ILE A 227 4.27 -36.66 36.46
CA ILE A 227 5.55 -36.74 37.13
C ILE A 227 5.44 -36.12 38.52
N PHE A 228 4.71 -35.02 38.64
CA PHE A 228 4.66 -34.36 39.95
C PHE A 228 3.93 -35.26 40.95
N ALA A 229 2.78 -35.76 40.54
CA ALA A 229 1.96 -36.65 41.40
C ALA A 229 2.73 -37.92 41.79
N GLN A 230 3.40 -38.52 40.82
CA GLN A 230 4.09 -39.80 41.04
C GLN A 230 5.40 -39.69 41.79
N GLU A 231 6.14 -38.60 41.56
CA GLU A 231 7.54 -38.51 41.96
C GLU A 231 7.90 -37.35 42.91
N TYR A 232 7.10 -36.28 42.96
CA TYR A 232 7.49 -35.09 43.74
C TYR A 232 6.49 -34.54 44.71
N LYS A 233 5.24 -34.98 44.66
CA LYS A 233 4.20 -34.35 45.51
C LYS A 233 4.58 -34.37 47.00
N GLU A 234 5.08 -35.52 47.46
CA GLU A 234 5.42 -35.68 48.87
C GLU A 234 6.66 -34.90 49.27
N LYS A 235 7.67 -34.91 48.39
CA LYS A 235 8.91 -34.14 48.56
C LYS A 235 8.66 -32.65 48.65
N PHE A 236 7.81 -32.13 47.74
CA PHE A 236 7.36 -30.76 47.83
C PHE A 236 6.69 -30.40 49.14
N ALA A 237 5.73 -31.23 49.54
CA ALA A 237 4.99 -31.07 50.82
C ALA A 237 5.98 -31.02 51.98
N ALA A 238 6.94 -31.97 51.98
CA ALA A 238 8.01 -32.04 52.99
C ALA A 238 8.90 -30.79 53.00
N ALA A 239 9.15 -30.19 51.82
CA ALA A 239 10.03 -29.02 51.72
C ALA A 239 9.28 -27.71 51.90
N GLY A 240 7.96 -27.77 51.99
CA GLY A 240 7.12 -26.59 52.17
C GLY A 240 7.01 -25.75 50.88
N ILE A 241 6.98 -26.42 49.74
CA ILE A 241 6.89 -25.74 48.43
C ILE A 241 5.78 -26.34 47.56
N GLU A 242 5.42 -25.61 46.51
CA GLU A 242 4.27 -25.93 45.68
C GLU A 242 4.62 -25.92 44.21
N TYR A 243 3.90 -26.75 43.46
CA TYR A 243 3.89 -26.70 42.01
C TYR A 243 2.54 -26.07 41.61
N PHE A 244 2.60 -25.04 40.78
CA PHE A 244 1.40 -24.29 40.32
C PHE A 244 1.37 -24.29 38.79
N TYR A 245 0.29 -24.80 38.21
CA TYR A 245 0.15 -24.83 36.77
C TYR A 245 -0.95 -23.89 36.39
N THR A 246 -0.69 -23.08 35.37
CA THR A 246 -1.72 -22.18 34.83
C THR A 246 -1.55 -21.89 33.35
N LEU A 247 -2.33 -20.96 32.81
CA LEU A 247 -2.19 -20.57 31.41
C LEU A 247 -1.14 -19.50 31.32
N ILE A 248 -0.43 -19.49 30.20
CA ILE A 248 0.70 -18.64 30.02
C ILE A 248 0.33 -17.13 30.11
N ASP A 249 -0.80 -16.72 29.55
CA ASP A 249 -1.23 -15.34 29.70
C ASP A 249 -1.54 -14.95 31.18
N ASP A 250 -2.04 -15.88 31.98
CA ASP A 250 -2.23 -15.67 33.37
C ASP A 250 -0.91 -15.52 34.17
N VAL A 251 0.08 -16.32 33.81
N VAL A 251 0.08 -16.36 33.89
CA VAL A 251 1.36 -16.28 34.52
CA VAL A 251 1.37 -16.22 34.62
C VAL A 251 2.06 -14.95 34.28
C VAL A 251 2.04 -14.90 34.30
N VAL A 252 2.03 -14.49 33.03
CA VAL A 252 2.66 -13.21 32.69
C VAL A 252 1.99 -12.04 33.39
N ALA A 253 0.65 -12.05 33.50
CA ALA A 253 -0.06 -11.00 34.24
C ALA A 253 0.40 -11.02 35.70
N ARG A 254 0.48 -12.21 36.27
CA ARG A 254 0.94 -12.39 37.67
C ARG A 254 2.37 -11.90 37.90
N MET A 255 3.24 -12.13 36.92
CA MET A 255 4.67 -11.70 36.97
C MET A 255 4.83 -10.21 37.12
N MET A 256 3.86 -9.43 36.67
CA MET A 256 3.90 -7.99 36.88
C MET A 256 3.47 -7.52 38.27
N LYS A 257 2.98 -8.43 39.09
CA LYS A 257 2.50 -8.10 40.45
C LYS A 257 3.14 -8.91 41.58
N THR A 258 3.83 -10.00 41.24
CA THR A 258 4.47 -10.86 42.20
C THR A 258 5.64 -10.23 42.93
N GLU A 259 5.94 -10.77 44.10
CA GLU A 259 7.20 -10.45 44.79
C GLU A 259 8.38 -11.29 44.27
N GLY A 260 8.11 -12.31 43.46
CA GLY A 260 9.17 -13.12 42.91
C GLY A 260 9.40 -14.34 43.79
N GLY A 261 10.55 -14.99 43.59
CA GLY A 261 10.97 -16.05 44.48
C GLY A 261 10.66 -17.46 44.02
N MET A 262 10.20 -17.64 42.79
CA MET A 262 9.83 -18.96 42.28
C MET A 262 10.75 -19.36 41.10
N LEU A 263 10.66 -20.63 40.71
CA LEU A 263 11.19 -21.13 39.45
C LEU A 263 10.02 -21.07 38.43
N TRP A 264 10.21 -20.31 37.39
CA TRP A 264 9.25 -20.19 36.31
C TRP A 264 9.68 -21.13 35.17
N ALA A 265 9.05 -22.29 35.12
CA ALA A 265 9.32 -23.28 34.08
C ALA A 265 8.67 -22.81 32.79
N CYS A 266 9.42 -22.78 31.71
CA CYS A 266 8.93 -22.35 30.43
C CYS A 266 9.26 -23.33 29.32
N LYS A 267 8.31 -23.54 28.43
CA LYS A 267 8.61 -24.13 27.12
C LYS A 267 9.68 -23.29 26.41
N ASN A 268 10.33 -23.94 25.48
CA ASN A 268 11.56 -23.43 24.82
C ASN A 268 11.45 -21.96 24.39
N TYR A 269 10.49 -21.66 23.51
CA TYR A 269 10.25 -20.28 23.03
C TYR A 269 9.93 -19.31 24.16
N ASP A 270 8.98 -19.68 25.02
CA ASP A 270 8.55 -18.83 26.15
C ASP A 270 9.75 -18.53 27.03
N GLY A 271 10.58 -19.54 27.26
CA GLY A 271 11.78 -19.37 28.06
C GLY A 271 12.79 -18.42 27.43
N ASP A 272 13.00 -18.55 26.12
CA ASP A 272 13.89 -17.64 25.39
C ASP A 272 13.51 -16.16 25.63
N VAL A 273 12.24 -15.84 25.34
CA VAL A 273 11.70 -14.50 25.47
C VAL A 273 11.59 -14.06 26.93
N MET A 274 10.98 -14.89 27.79
CA MET A 274 10.72 -14.45 29.17
C MET A 274 12.01 -14.39 30.02
N SER A 275 13.03 -15.17 29.68
CA SER A 275 14.28 -15.07 30.46
C SER A 275 14.90 -13.69 30.16
N ASP A 276 14.79 -13.22 28.94
CA ASP A 276 15.31 -11.89 28.59
C ASP A 276 14.46 -10.77 29.22
N MET A 277 13.16 -10.94 29.26
N MET A 277 13.13 -10.96 29.25
CA MET A 277 12.36 -9.96 29.96
CA MET A 277 12.21 -10.07 30.00
C MET A 277 12.72 -9.87 31.46
C MET A 277 12.72 -9.90 31.43
N VAL A 278 12.91 -11.02 32.10
CA VAL A 278 13.28 -11.03 33.50
C VAL A 278 14.65 -10.43 33.73
N ALA A 279 15.60 -10.85 32.90
CA ALA A 279 16.98 -10.31 32.94
C ALA A 279 16.98 -8.79 32.82
N SER A 280 16.28 -8.23 31.82
CA SER A 280 16.29 -6.80 31.56
C SER A 280 15.68 -6.08 32.77
N ALA A 281 14.60 -6.64 33.30
CA ALA A 281 13.89 -5.98 34.40
C ALA A 281 14.73 -5.98 35.65
N PHE A 282 15.43 -7.08 35.92
CA PHE A 282 16.27 -7.12 37.10
C PHE A 282 17.46 -6.15 36.93
N GLY A 283 17.89 -5.92 35.68
CA GLY A 283 18.83 -4.86 35.38
C GLY A 283 19.48 -4.84 34.03
N SER A 284 20.02 -5.96 33.58
CA SER A 284 20.65 -6.03 32.28
C SER A 284 20.76 -7.53 31.83
N LEU A 285 20.78 -7.77 30.53
CA LEU A 285 20.98 -9.11 29.98
C LEU A 285 22.33 -9.64 30.43
N ALA A 286 23.26 -8.74 30.70
CA ALA A 286 24.57 -9.13 31.18
C ALA A 286 24.59 -9.53 32.64
N MET A 287 23.48 -9.30 33.38
CA MET A 287 23.38 -9.66 34.77
C MET A 287 22.43 -10.81 34.91
N MET A 288 22.71 -11.88 34.18
CA MET A 288 21.88 -13.07 34.16
C MET A 288 22.79 -14.26 33.87
N SER A 289 22.71 -15.28 34.71
CA SER A 289 23.50 -16.50 34.47
C SER A 289 22.66 -17.45 33.62
N SER A 290 23.30 -18.49 33.09
CA SER A 290 22.63 -19.39 32.16
C SER A 290 23.39 -20.70 32.22
N VAL A 291 22.70 -21.75 32.66
CA VAL A 291 23.29 -23.12 32.61
C VAL A 291 22.29 -24.09 32.02
N LEU A 292 22.74 -24.81 30.98
CA LEU A 292 22.02 -25.97 30.43
C LEU A 292 22.43 -27.17 31.29
N VAL A 293 21.44 -27.83 31.87
CA VAL A 293 21.57 -29.03 32.69
C VAL A 293 20.91 -30.15 31.91
N SER A 294 21.75 -31.00 31.34
CA SER A 294 21.28 -32.12 30.52
C SER A 294 20.90 -33.35 31.37
N PRO A 295 19.88 -34.11 30.94
CA PRO A 295 19.50 -35.33 31.72
C PRO A 295 20.55 -36.43 31.60
N TYR A 296 21.50 -36.25 30.70
CA TYR A 296 22.52 -37.22 30.39
C TYR A 296 23.78 -36.90 31.18
N GLY A 297 23.69 -35.86 32.01
CA GLY A 297 24.76 -35.54 32.95
C GLY A 297 25.73 -34.42 32.53
N TYR A 298 25.46 -33.77 31.42
CA TYR A 298 26.34 -32.71 30.93
C TYR A 298 25.83 -31.37 31.40
N PHE A 299 26.73 -30.40 31.33
CA PHE A 299 26.44 -28.99 31.74
C PHE A 299 27.08 -28.06 30.74
N GLU A 300 26.34 -27.02 30.30
CA GLU A 300 26.92 -25.95 29.49
C GLU A 300 26.55 -24.61 30.07
N TYR A 301 27.56 -23.89 30.52
CA TYR A 301 27.45 -22.52 31.05
C TYR A 301 27.74 -21.53 29.92
N GLU A 302 26.86 -20.56 29.77
CA GLU A 302 27.04 -19.59 28.72
C GLU A 302 26.77 -18.17 29.14
N ALA A 303 27.34 -17.27 28.33
CA ALA A 303 26.96 -15.85 28.33
C ALA A 303 25.82 -15.68 27.31
N ALA A 304 24.61 -15.61 27.86
CA ALA A 304 23.38 -15.65 27.07
C ALA A 304 22.95 -14.20 26.72
N HIS A 305 23.72 -13.60 25.84
CA HIS A 305 23.40 -12.27 25.32
C HIS A 305 24.08 -12.04 24.00
N GLY A 306 23.95 -10.83 23.50
CA GLY A 306 24.53 -10.46 22.24
C GLY A 306 26.04 -10.25 22.24
N THR A 307 26.58 -10.13 21.05
CA THR A 307 28.05 -10.01 20.85
C THR A 307 28.52 -8.55 20.72
N VAL A 308 27.56 -7.65 20.60
CA VAL A 308 27.76 -6.17 20.70
C VAL A 308 28.63 -5.62 19.54
N GLN A 309 28.08 -5.77 18.33
CA GLN A 309 28.74 -5.35 17.08
C GLN A 309 29.27 -3.93 17.15
N ARG A 310 28.45 -2.98 17.62
CA ARG A 310 28.84 -1.57 17.67
C ARG A 310 30.08 -1.33 18.55
N HIS A 311 30.14 -2.03 19.68
CA HIS A 311 31.27 -1.93 20.58
C HIS A 311 32.53 -2.54 19.96
N TYR A 312 32.37 -3.68 19.34
CA TYR A 312 33.46 -4.33 18.62
C TYR A 312 34.13 -3.39 17.60
N TYR A 313 33.32 -2.77 16.77
CA TYR A 313 33.83 -1.86 15.78
C TYR A 313 34.59 -0.67 16.42
N GLN A 314 34.07 -0.14 17.53
CA GLN A 314 34.74 0.91 18.32
C GLN A 314 36.10 0.39 18.88
N HIS A 315 36.08 -0.80 19.47
CA HIS A 315 37.27 -1.42 20.01
C HIS A 315 38.39 -1.58 18.96
N LEU A 316 38.03 -2.03 17.76
CA LEU A 316 39.00 -2.12 16.66
C LEU A 316 39.66 -0.78 16.26
N LYS A 317 38.94 0.33 16.51
CA LYS A 317 39.44 1.72 16.32
C LYS A 317 40.17 2.27 17.53
N GLY A 318 40.35 1.44 18.54
CA GLY A 318 41.06 1.78 19.76
C GLY A 318 40.23 2.63 20.72
N GLU A 319 38.90 2.64 20.55
CA GLU A 319 37.94 3.37 21.38
C GLU A 319 37.40 2.51 22.52
N ARG A 320 37.12 3.17 23.64
CA ARG A 320 36.65 2.51 24.87
C ARG A 320 35.20 2.17 24.70
N THR A 321 34.75 1.09 25.35
CA THR A 321 33.37 0.65 25.27
C THR A 321 32.77 0.43 26.65
N SER A 322 31.45 0.45 26.70
CA SER A 322 30.71 0.23 27.97
C SER A 322 30.13 -1.17 28.11
N THR A 323 30.59 -2.13 27.30
CA THR A 323 30.14 -3.50 27.41
C THR A 323 30.33 -4.10 28.81
N ASN A 324 29.27 -4.71 29.35
CA ASN A 324 29.26 -5.28 30.67
C ASN A 324 29.70 -6.76 30.57
N PRO A 325 30.87 -7.12 31.16
CA PRO A 325 31.37 -8.48 31.08
C PRO A 325 30.93 -9.46 32.19
N VAL A 326 29.98 -9.07 33.04
CA VAL A 326 29.65 -9.88 34.20
C VAL A 326 29.15 -11.31 33.79
N ALA A 327 28.32 -11.43 32.77
CA ALA A 327 27.80 -12.72 32.34
C ALA A 327 28.90 -13.60 31.78
N LEU A 328 29.91 -13.00 31.14
CA LEU A 328 31.05 -13.75 30.65
C LEU A 328 31.79 -14.32 31.87
N ILE A 329 32.00 -13.46 32.88
CA ILE A 329 32.66 -13.85 34.12
C ILE A 329 31.95 -15.01 34.82
N TYR A 330 30.63 -14.86 34.99
CA TYR A 330 29.82 -15.87 35.66
C TYR A 330 29.68 -17.20 34.87
N ALA A 331 29.81 -17.13 33.54
CA ALA A 331 29.86 -18.35 32.73
C ALA A 331 31.11 -19.14 33.15
N TRP A 332 32.22 -18.45 33.24
CA TRP A 332 33.46 -19.07 33.63
C TRP A 332 33.42 -19.60 35.07
N THR A 333 32.99 -18.77 36.01
CA THR A 333 32.95 -19.19 37.41
C THR A 333 31.95 -20.34 37.60
N GLY A 334 30.81 -20.30 36.92
CA GLY A 334 29.89 -21.37 37.02
C GLY A 334 30.40 -22.70 36.46
N ALA A 335 31.04 -22.65 35.29
CA ALA A 335 31.61 -23.85 34.67
C ALA A 335 32.77 -24.42 35.51
N LEU A 336 33.63 -23.53 35.98
CA LEU A 336 34.79 -23.98 36.78
C LEU A 336 34.35 -24.57 38.14
N ARG A 337 33.32 -23.96 38.72
CA ARG A 337 32.78 -24.48 39.97
C ARG A 337 32.24 -25.90 39.75
N LYS A 338 31.47 -26.08 38.68
CA LYS A 338 30.93 -27.39 38.41
C LYS A 338 32.04 -28.42 38.14
N ARG A 339 33.05 -27.99 37.39
CA ARG A 339 34.20 -28.80 37.06
C ARG A 339 34.83 -29.27 38.39
N GLY A 340 34.99 -28.32 39.32
CA GLY A 340 35.59 -28.62 40.63
C GLY A 340 34.77 -29.51 41.52
N GLU A 341 33.44 -29.36 41.45
CA GLU A 341 32.50 -30.27 42.13
C GLU A 341 32.66 -31.70 41.61
N LEU A 342 32.57 -31.84 40.30
CA LEU A 342 32.70 -33.14 39.66
C LEU A 342 34.06 -33.80 39.90
N ASP A 343 35.13 -33.01 39.97
CA ASP A 343 36.49 -33.52 40.08
C ASP A 343 36.97 -33.67 41.55
N GLY A 344 36.18 -33.15 42.48
CA GLY A 344 36.57 -33.14 43.89
C GLY A 344 37.79 -32.30 44.12
N THR A 345 37.78 -31.10 43.55
CA THR A 345 38.88 -30.13 43.68
C THR A 345 38.25 -28.83 44.28
N PRO A 346 37.91 -28.83 45.58
CA PRO A 346 37.10 -27.73 46.17
C PRO A 346 37.78 -26.34 46.17
N ASP A 347 39.11 -26.29 46.08
CA ASP A 347 39.80 -25.01 46.02
C ASP A 347 39.37 -24.24 44.77
N LEU A 348 39.07 -24.96 43.69
CA LEU A 348 38.62 -24.31 42.49
C LEU A 348 37.23 -23.67 42.76
N CYS A 349 36.33 -24.44 43.36
CA CYS A 349 35.01 -23.94 43.73
C CYS A 349 35.11 -22.70 44.61
N ALA A 350 36.00 -22.75 45.61
CA ALA A 350 36.24 -21.60 46.52
C ALA A 350 36.65 -20.33 45.77
N PHE A 351 37.56 -20.50 44.83
CA PHE A 351 38.03 -19.41 44.02
C PHE A 351 36.85 -18.81 43.24
N CYS A 352 36.03 -19.69 42.69
CA CYS A 352 34.84 -19.26 41.89
C CYS A 352 33.88 -18.45 42.75
N ASP A 353 33.61 -18.93 43.98
CA ASP A 353 32.76 -18.19 44.91
C ASP A 353 33.37 -16.79 45.17
N SER A 354 34.67 -16.76 45.36
CA SER A 354 35.41 -15.50 45.60
C SER A 354 35.36 -14.52 44.43
N LEU A 355 35.59 -15.01 43.23
CA LEU A 355 35.51 -14.12 42.07
C LEU A 355 34.09 -13.56 41.82
N GLU A 356 33.06 -14.37 42.01
CA GLU A 356 31.67 -13.86 41.92
C GLU A 356 31.49 -12.80 42.99
N ALA A 357 31.90 -13.08 44.23
CA ALA A 357 31.71 -12.09 45.33
C ALA A 357 32.46 -10.79 45.08
N ILE A 358 33.66 -10.89 44.59
CA ILE A 358 34.47 -9.74 44.30
C ILE A 358 33.82 -8.86 43.21
N THR A 359 33.25 -9.51 42.21
CA THR A 359 32.53 -8.79 41.15
C THR A 359 31.34 -7.99 41.68
N ILE A 360 30.48 -8.67 42.44
CA ILE A 360 29.35 -8.07 43.14
C ILE A 360 29.79 -6.88 44.01
N GLU A 361 30.83 -7.09 44.80
CA GLU A 361 31.30 -6.08 45.75
C GLU A 361 31.86 -4.87 45.01
N CYS A 362 32.54 -5.08 43.88
CA CYS A 362 32.99 -3.99 43.02
C CYS A 362 31.83 -3.09 42.58
N ILE A 363 30.77 -3.71 42.07
CA ILE A 363 29.61 -2.96 41.57
C ILE A 363 28.93 -2.26 42.74
N GLU A 364 28.76 -3.00 43.85
CA GLU A 364 28.03 -2.43 45.05
C GLU A 364 28.81 -1.29 45.69
N SER A 365 30.13 -1.28 45.51
N SER A 365 30.13 -1.29 45.51
CA SER A 365 31.02 -0.16 45.96
CA SER A 365 31.02 -0.18 45.94
C SER A 365 31.08 1.04 44.99
C SER A 365 30.93 1.08 45.07
N GLY A 366 30.33 0.97 43.88
CA GLY A 366 30.16 2.10 42.99
C GLY A 366 31.03 2.10 41.76
N TYR A 367 31.65 0.96 41.43
CA TYR A 367 32.56 0.92 40.28
C TYR A 367 31.97 -0.08 39.30
N MET A 368 31.53 0.39 38.15
CA MET A 368 30.69 -0.43 37.30
C MET A 368 30.69 0.11 35.91
N THR A 369 30.22 -0.70 34.97
CA THR A 369 30.06 -0.27 33.60
C THR A 369 28.83 0.64 33.42
N GLY A 370 28.89 1.43 32.34
CA GLY A 370 27.82 2.36 31.92
C GLY A 370 26.38 1.98 31.98
N ASP A 371 26.04 0.75 31.58
CA ASP A 371 24.72 0.20 31.68
C ASP A 371 24.15 0.10 33.11
N LEU A 372 25.01 -0.21 34.08
CA LEU A 372 24.60 -0.34 35.45
C LEU A 372 24.52 1.05 36.09
N ALA A 373 25.46 1.89 35.72
CA ALA A 373 25.56 3.24 36.28
C ALA A 373 24.33 4.06 35.85
N ARG A 374 23.71 3.69 34.74
CA ARG A 374 22.43 4.33 34.29
C ARG A 374 21.25 4.06 35.21
N ILE A 375 21.30 2.97 35.98
CA ILE A 375 20.13 2.50 36.71
C ILE A 375 20.36 2.30 38.21
N CYS A 376 21.59 2.52 38.68
CA CYS A 376 21.93 2.26 40.09
C CYS A 376 21.54 3.45 40.96
N GLU A 377 21.37 3.17 42.23
CA GLU A 377 21.05 4.20 43.24
C GLU A 377 21.65 3.69 44.54
N PRO A 378 22.52 4.53 45.16
CA PRO A 378 22.92 5.86 44.75
C PRO A 378 23.83 5.83 43.50
N ALA A 379 24.14 7.01 42.99
CA ALA A 379 24.98 7.21 41.81
C ALA A 379 26.29 6.44 41.90
N ALA A 380 26.69 5.89 40.76
CA ALA A 380 28.00 5.29 40.68
C ALA A 380 29.12 6.25 41.10
N ILE A 381 30.14 5.69 41.73
CA ILE A 381 31.33 6.47 42.03
C ILE A 381 32.15 6.71 40.76
N LYS A 382 32.42 5.66 40.00
CA LYS A 382 33.24 5.79 38.79
C LYS A 382 32.66 4.82 37.77
N VAL A 383 32.34 5.32 36.57
CA VAL A 383 31.96 4.48 35.44
C VAL A 383 33.24 3.97 34.76
N LEU A 384 33.39 2.63 34.68
CA LEU A 384 34.55 1.99 34.06
C LEU A 384 34.10 1.46 32.72
N ASP A 385 34.97 1.63 31.73
CA ASP A 385 34.82 0.95 30.46
C ASP A 385 35.04 -0.55 30.67
N SER A 386 34.69 -1.35 29.68
CA SER A 386 34.65 -2.80 29.83
C SER A 386 36.00 -3.34 30.32
N ILE A 387 37.07 -2.82 29.72
CA ILE A 387 38.40 -3.28 30.02
C ILE A 387 38.94 -2.72 31.30
N GLU A 388 38.63 -1.44 31.59
CA GLU A 388 38.91 -0.88 32.92
C GLU A 388 38.22 -1.72 34.02
N PHE A 389 37.01 -2.17 33.75
CA PHE A 389 36.24 -2.99 34.70
C PHE A 389 36.91 -4.33 35.02
N ILE A 390 37.29 -5.05 33.97
CA ILE A 390 38.09 -6.25 34.15
C ILE A 390 39.40 -5.96 34.86
N ASP A 391 40.06 -4.88 34.47
CA ASP A 391 41.35 -4.53 35.09
C ASP A 391 41.19 -4.22 36.60
N GLU A 392 40.11 -3.55 36.94
CA GLU A 392 39.73 -3.25 38.35
C GLU A 392 39.54 -4.53 39.15
N LEU A 393 38.82 -5.50 38.59
CA LEU A 393 38.58 -6.77 39.28
C LEU A 393 39.93 -7.48 39.47
N GLY A 394 40.77 -7.37 38.45
CA GLY A 394 42.14 -7.92 38.52
C GLY A 394 42.89 -7.27 39.67
N LYS A 395 42.78 -5.95 39.77
CA LYS A 395 43.48 -5.17 40.82
C LYS A 395 43.03 -5.63 42.19
N ARG A 396 41.71 -5.81 42.33
CA ARG A 396 41.12 -6.30 43.58
C ARG A 396 41.55 -7.68 43.94
N LEU A 397 41.60 -8.58 42.96
CA LEU A 397 42.05 -9.91 43.20
C LEU A 397 43.49 -9.90 43.70
N GLN A 398 44.30 -9.06 43.12
CA GLN A 398 45.74 -8.99 43.51
C GLN A 398 45.86 -8.36 44.91
N GLN A 399 45.05 -7.32 45.18
CA GLN A 399 44.97 -6.66 46.51
C GLN A 399 44.57 -7.64 47.64
N LEU A 400 43.78 -8.65 47.29
CA LEU A 400 43.32 -9.64 48.21
C LEU A 400 44.24 -10.83 48.28
N ASN A 401 45.37 -10.76 47.56
CA ASN A 401 46.41 -11.77 47.57
C ASN A 401 45.85 -13.17 47.20
N LYS A 402 44.96 -13.23 46.22
CA LYS A 402 44.42 -14.53 45.79
C LYS A 402 45.48 -15.40 45.11
N MET B 1 -35.37 14.42 23.26
CA MET B 1 -35.49 12.96 23.01
C MET B 1 -34.13 12.33 23.35
N LYS B 2 -34.06 11.00 23.34
CA LYS B 2 -32.77 10.29 23.55
C LYS B 2 -31.95 10.31 22.28
N ILE B 3 -30.65 10.07 22.42
CA ILE B 3 -29.81 9.98 21.24
C ILE B 3 -30.30 8.85 20.36
N GLN B 4 -30.45 9.15 19.08
CA GLN B 4 -30.92 8.18 18.10
C GLN B 4 -29.78 7.45 17.36
N MET B 5 -29.99 6.18 17.06
CA MET B 5 -29.02 5.39 16.30
C MET B 5 -29.63 5.04 14.95
N LYS B 6 -28.79 5.08 13.94
CA LYS B 6 -29.15 4.83 12.58
C LYS B 6 -29.05 3.33 12.28
N THR B 7 -28.07 2.64 12.84
CA THR B 7 -27.83 1.21 12.60
C THR B 7 -27.62 0.50 13.94
N PRO B 8 -28.16 -0.72 14.11
CA PRO B 8 -27.93 -1.33 15.39
C PRO B 8 -26.49 -1.84 15.52
N LEU B 9 -26.03 -1.90 16.76
CA LEU B 9 -24.83 -2.63 17.14
C LEU B 9 -25.18 -4.12 17.21
N VAL B 10 -24.22 -4.97 16.91
CA VAL B 10 -24.37 -6.39 17.17
C VAL B 10 -23.80 -6.64 18.59
N GLU B 11 -24.61 -7.27 19.44
CA GLU B 11 -24.34 -7.41 20.86
C GLU B 11 -24.15 -8.90 21.20
N LEU B 12 -22.96 -9.21 21.69
CA LEU B 12 -22.65 -10.58 22.04
C LEU B 12 -22.52 -10.68 23.57
N ASP B 13 -23.48 -11.36 24.18
CA ASP B 13 -23.47 -11.55 25.63
C ASP B 13 -22.52 -12.70 26.06
N GLY B 14 -22.25 -12.74 27.35
CA GLY B 14 -21.20 -13.56 27.87
C GLY B 14 -21.60 -14.30 29.12
N ASP B 15 -20.63 -14.47 29.99
CA ASP B 15 -20.74 -15.40 31.13
C ASP B 15 -20.52 -14.79 32.52
N GLU B 16 -21.07 -15.51 33.52
CA GLU B 16 -20.78 -15.30 34.95
C GLU B 16 -20.90 -13.81 35.36
N MET B 17 -19.88 -13.25 36.00
CA MET B 17 -20.07 -11.89 36.61
C MET B 17 -20.19 -10.84 35.58
N THR B 18 -19.47 -11.02 34.48
CA THR B 18 -19.53 -10.05 33.39
C THR B 18 -20.93 -10.04 32.78
N ARG B 19 -21.53 -11.22 32.63
CA ARG B 19 -22.96 -11.35 32.26
C ARG B 19 -23.91 -10.62 33.24
N VAL B 20 -23.66 -10.73 34.55
CA VAL B 20 -24.45 -10.02 35.55
C VAL B 20 -24.39 -8.49 35.38
N LEU B 21 -23.20 -7.97 35.11
CA LEU B 21 -23.00 -6.53 35.05
C LEU B 21 -23.49 -5.86 33.76
N TRP B 22 -23.52 -6.64 32.68
CA TRP B 22 -23.82 -6.20 31.33
C TRP B 22 -25.19 -5.46 31.27
N PRO B 23 -26.27 -6.06 31.79
CA PRO B 23 -27.53 -5.31 31.78
C PRO B 23 -27.59 -4.11 32.71
N LEU B 24 -26.81 -4.11 33.78
CA LEU B 24 -26.72 -2.94 34.66
C LEU B 24 -26.05 -1.73 33.96
N ILE B 25 -24.99 -2.01 33.20
CA ILE B 25 -24.43 -1.02 32.32
C ILE B 25 -25.47 -0.45 31.36
N LYS B 26 -26.18 -1.32 30.67
CA LYS B 26 -27.22 -0.86 29.74
C LYS B 26 -28.26 -0.03 30.48
N ASP B 27 -28.79 -0.58 31.58
CA ASP B 27 -29.85 0.07 32.35
C ASP B 27 -29.45 1.46 32.88
N LYS B 28 -28.25 1.57 33.48
CA LYS B 28 -27.82 2.77 34.21
C LYS B 28 -27.04 3.77 33.37
N LEU B 29 -26.25 3.27 32.40
CA LEU B 29 -25.36 4.10 31.62
C LEU B 29 -25.74 4.39 30.17
N LEU B 30 -26.60 3.59 29.55
CA LEU B 30 -26.86 3.73 28.13
C LEU B 30 -28.35 4.05 27.84
N LEU B 31 -29.24 3.15 28.21
CA LEU B 31 -30.69 3.27 27.92
C LEU B 31 -31.37 4.62 28.38
N PRO B 32 -30.91 5.22 29.48
CA PRO B 32 -31.56 6.50 29.84
C PRO B 32 -31.21 7.68 28.91
N PHE B 33 -30.14 7.51 28.12
CA PHE B 33 -29.55 8.52 27.27
C PHE B 33 -29.63 8.22 25.78
N ILE B 34 -29.84 6.96 25.44
CA ILE B 34 -29.79 6.49 24.08
C ILE B 34 -30.92 5.55 23.81
N ASP B 35 -31.60 5.73 22.68
CA ASP B 35 -32.53 4.73 22.17
C ASP B 35 -31.71 3.62 21.48
N LEU B 36 -31.16 2.77 22.35
CA LEU B 36 -30.18 1.74 22.00
C LEU B 36 -30.79 0.64 21.14
N GLN B 37 -30.22 0.47 19.95
CA GLN B 37 -30.62 -0.57 19.05
C GLN B 37 -29.49 -1.57 18.99
N THR B 38 -29.81 -2.82 19.32
CA THR B 38 -28.88 -3.92 19.08
C THR B 38 -29.54 -5.17 18.53
N GLU B 39 -28.75 -5.92 17.80
CA GLU B 39 -29.02 -7.32 17.45
C GLU B 39 -28.31 -8.25 18.44
N TYR B 40 -29.10 -8.89 19.30
CA TYR B 40 -28.56 -9.58 20.48
C TYR B 40 -28.26 -11.06 20.17
N TYR B 41 -27.06 -11.51 20.55
CA TYR B 41 -26.61 -12.89 20.42
C TYR B 41 -26.04 -13.31 21.77
N ASP B 42 -26.67 -14.31 22.36
CA ASP B 42 -26.28 -14.80 23.67
C ASP B 42 -25.14 -15.82 23.47
N LEU B 43 -23.91 -15.38 23.73
CA LEU B 43 -22.76 -16.29 23.73
C LEU B 43 -22.40 -16.78 25.15
N GLY B 44 -23.36 -16.71 26.08
CA GLY B 44 -23.22 -17.46 27.28
C GLY B 44 -22.97 -18.92 26.94
N ILE B 45 -22.24 -19.54 27.84
CA ILE B 45 -21.83 -20.96 27.67
C ILE B 45 -23.00 -21.93 27.40
N GLU B 46 -24.13 -21.70 28.07
CA GLU B 46 -25.27 -22.61 27.94
C GLU B 46 -25.93 -22.50 26.56
N GLU B 47 -25.91 -21.28 26.01
CA GLU B 47 -26.49 -21.07 24.68
C GLU B 47 -25.57 -21.56 23.60
N ARG B 48 -24.25 -21.42 23.81
CA ARG B 48 -23.32 -22.01 22.85
C ARG B 48 -23.49 -23.56 22.92
N ASP B 49 -23.69 -24.09 24.12
CA ASP B 49 -23.88 -25.53 24.25
C ASP B 49 -25.17 -26.01 23.57
N ARG B 50 -26.26 -25.27 23.80
CA ARG B 50 -27.57 -25.55 23.21
C ARG B 50 -27.51 -25.63 21.69
N THR B 51 -26.80 -24.68 21.10
CA THR B 51 -26.79 -24.48 19.65
C THR B 51 -25.60 -25.14 19.00
N ASN B 52 -24.86 -25.94 19.76
CA ASN B 52 -23.61 -26.59 19.30
C ASN B 52 -22.62 -25.59 18.72
N ASP B 53 -22.56 -24.43 19.40
CA ASP B 53 -21.69 -23.32 19.08
C ASP B 53 -22.10 -22.58 17.81
N GLN B 54 -23.26 -22.89 17.21
CA GLN B 54 -23.72 -22.17 16.05
C GLN B 54 -23.95 -20.69 16.36
N ILE B 55 -24.41 -20.39 17.56
CA ILE B 55 -24.68 -18.99 17.93
C ILE B 55 -23.46 -18.05 17.71
N THR B 56 -22.27 -18.60 17.97
CA THR B 56 -21.00 -17.89 17.80
C THR B 56 -20.80 -17.48 16.31
N ILE B 57 -20.95 -18.45 15.44
CA ILE B 57 -20.85 -18.27 14.00
C ILE B 57 -21.89 -17.27 13.57
N ASP B 58 -23.13 -17.42 14.03
CA ASP B 58 -24.22 -16.55 13.66
C ASP B 58 -23.93 -15.07 14.05
N ALA B 59 -23.45 -14.89 15.27
CA ALA B 59 -23.03 -13.59 15.80
C ALA B 59 -21.92 -12.95 14.93
N ALA B 60 -20.93 -13.74 14.52
CA ALA B 60 -19.82 -13.25 13.71
C ALA B 60 -20.37 -12.81 12.35
N GLU B 61 -21.29 -13.62 11.79
CA GLU B 61 -21.96 -13.24 10.54
C GLU B 61 -22.71 -11.92 10.62
N ALA B 62 -23.41 -11.70 11.73
CA ALA B 62 -24.10 -10.47 11.98
C ALA B 62 -23.14 -9.26 12.06
N ILE B 63 -21.96 -9.46 12.66
CA ILE B 63 -20.97 -8.37 12.73
C ILE B 63 -20.58 -8.00 11.31
N LYS B 64 -20.38 -9.01 10.48
CA LYS B 64 -19.99 -8.80 9.07
C LYS B 64 -21.08 -8.04 8.33
N LYS B 65 -22.33 -8.35 8.62
CA LYS B 65 -23.48 -7.72 8.00
C LYS B 65 -23.68 -6.28 8.44
N TYR B 66 -23.62 -6.00 9.74
CA TYR B 66 -23.89 -4.67 10.26
C TYR B 66 -22.64 -3.75 10.35
N GLY B 67 -21.52 -4.33 10.71
CA GLY B 67 -20.23 -3.70 10.67
C GLY B 67 -19.54 -3.58 12.02
N VAL B 68 -20.31 -3.47 13.10
CA VAL B 68 -19.72 -3.25 14.42
C VAL B 68 -20.37 -4.16 15.46
N GLY B 69 -19.51 -4.84 16.19
CA GLY B 69 -19.93 -5.61 17.33
C GLY B 69 -19.36 -5.16 18.65
N VAL B 70 -20.12 -5.46 19.70
CA VAL B 70 -19.66 -5.36 21.12
C VAL B 70 -19.77 -6.75 21.80
N LYS B 71 -18.67 -7.18 22.42
CA LYS B 71 -18.58 -8.50 22.99
C LYS B 71 -18.21 -8.52 24.49
N ASN B 72 -19.06 -9.19 25.22
CA ASN B 72 -18.89 -9.47 26.66
C ASN B 72 -17.90 -10.64 26.80
N ALA B 73 -17.24 -10.71 27.94
CA ALA B 73 -16.30 -11.76 28.31
C ALA B 73 -17.04 -13.09 28.36
N THR B 74 -16.36 -14.10 27.81
CA THR B 74 -16.91 -15.47 27.74
C THR B 74 -16.03 -16.53 28.32
N ILE B 75 -16.62 -17.68 28.60
CA ILE B 75 -15.88 -18.84 29.09
C ILE B 75 -15.43 -19.64 27.89
N THR B 76 -14.12 -19.93 27.80
CA THR B 76 -13.59 -21.03 26.93
C THR B 76 -13.44 -22.28 27.80
N PRO B 77 -14.37 -23.26 27.64
CA PRO B 77 -14.53 -24.27 28.67
C PRO B 77 -13.44 -25.32 28.68
N ASN B 78 -12.76 -25.44 29.81
CA ASN B 78 -11.89 -26.59 30.06
C ASN B 78 -12.78 -27.74 30.64
N GLN B 79 -12.17 -28.87 31.00
CA GLN B 79 -12.97 -29.99 31.53
C GLN B 79 -13.72 -29.69 32.87
N ASP B 80 -13.12 -28.92 33.78
CA ASP B 80 -13.85 -28.40 34.94
C ASP B 80 -15.17 -27.72 34.59
N ARG B 81 -15.13 -26.85 33.58
CA ARG B 81 -16.32 -26.16 33.09
C ARG B 81 -17.31 -27.12 32.44
N VAL B 82 -16.79 -28.09 31.68
CA VAL B 82 -17.64 -29.09 31.11
C VAL B 82 -18.45 -29.77 32.22
N GLU B 83 -17.78 -30.12 33.30
CA GLU B 83 -18.46 -30.79 34.43
C GLU B 83 -19.43 -29.84 35.15
N GLU B 84 -18.96 -28.60 35.37
CA GLU B 84 -19.75 -27.57 36.05
C GLU B 84 -21.07 -27.32 35.33
N TYR B 85 -21.02 -27.18 34.00
CA TYR B 85 -22.21 -26.87 33.24
C TYR B 85 -22.83 -28.07 32.52
N GLY B 86 -22.25 -29.25 32.65
CA GLY B 86 -22.68 -30.41 31.89
C GLY B 86 -22.71 -30.17 30.40
N LEU B 87 -21.56 -29.75 29.87
CA LEU B 87 -21.45 -29.38 28.45
C LEU B 87 -21.22 -30.61 27.57
N LYS B 88 -21.58 -30.48 26.30
CA LYS B 88 -21.42 -31.56 25.30
C LYS B 88 -19.95 -31.79 24.99
N GLU B 89 -19.20 -30.69 24.90
CA GLU B 89 -17.75 -30.77 24.66
C GLU B 89 -17.03 -29.50 25.10
N GLN B 90 -15.72 -29.52 24.97
CA GLN B 90 -14.88 -28.33 25.20
C GLN B 90 -14.96 -27.45 23.96
N TRP B 91 -16.03 -26.65 23.89
CA TRP B 91 -16.26 -25.74 22.77
C TRP B 91 -15.04 -24.81 22.61
N LYS B 92 -14.72 -24.57 21.35
CA LYS B 92 -13.55 -23.75 20.94
C LYS B 92 -13.74 -22.29 21.40
N SER B 93 -12.63 -21.62 21.70
CA SER B 93 -12.69 -20.20 22.11
C SER B 93 -13.57 -19.43 21.13
N PRO B 94 -14.64 -18.75 21.60
CA PRO B 94 -15.42 -17.91 20.70
C PRO B 94 -14.68 -16.69 20.19
N ASN B 95 -13.71 -16.22 20.95
CA ASN B 95 -12.81 -15.16 20.48
C ASN B 95 -12.02 -15.61 19.26
N ALA B 96 -11.47 -16.81 19.34
CA ALA B 96 -10.67 -17.42 18.27
C ALA B 96 -11.56 -17.56 17.05
N THR B 97 -12.80 -18.01 17.27
CA THR B 97 -13.76 -18.14 16.17
C THR B 97 -14.10 -16.83 15.46
N VAL B 98 -14.44 -15.77 16.23
CA VAL B 98 -14.77 -14.49 15.64
C VAL B 98 -13.56 -13.92 14.86
N ARG B 99 -12.39 -14.01 15.47
N ARG B 99 -12.38 -14.02 15.44
CA ARG B 99 -11.15 -13.48 14.86
CA ARG B 99 -11.18 -13.48 14.80
C ARG B 99 -10.82 -14.21 13.54
C ARG B 99 -10.90 -14.20 13.49
N ALA B 100 -11.05 -15.52 13.52
CA ALA B 100 -10.85 -16.34 12.32
C ALA B 100 -11.77 -15.87 11.20
N MET B 101 -13.02 -15.64 11.55
CA MET B 101 -14.03 -15.27 10.58
C MET B 101 -13.88 -13.84 10.07
N LEU B 102 -13.40 -12.93 10.91
CA LEU B 102 -13.37 -11.48 10.55
C LEU B 102 -12.02 -11.07 9.98
N ASP B 103 -10.97 -11.74 10.46
CA ASP B 103 -9.59 -11.39 10.27
C ASP B 103 -9.34 -9.99 10.92
N GLY B 104 -8.08 -9.60 10.96
CA GLY B 104 -7.66 -8.26 11.29
C GLY B 104 -6.59 -8.17 12.36
N THR B 105 -6.63 -7.05 13.10
CA THR B 105 -5.62 -6.76 14.12
C THR B 105 -6.39 -6.29 15.35
N VAL B 106 -5.99 -6.81 16.51
CA VAL B 106 -6.63 -6.44 17.79
C VAL B 106 -5.74 -5.41 18.47
N PHE B 107 -6.28 -4.19 18.65
CA PHE B 107 -5.59 -3.14 19.31
C PHE B 107 -6.00 -3.11 20.78
N ARG B 108 -5.03 -3.23 21.66
CA ARG B 108 -5.21 -3.27 23.12
C ARG B 108 -4.46 -2.10 23.72
N LYS B 109 -5.20 -1.26 24.42
CA LYS B 109 -4.65 -0.04 24.95
C LYS B 109 -5.00 0.13 26.46
N PRO B 110 -4.01 0.45 27.29
CA PRO B 110 -4.35 0.67 28.71
C PRO B 110 -5.32 1.85 28.88
N ILE B 111 -6.23 1.70 29.84
CA ILE B 111 -7.12 2.76 30.25
C ILE B 111 -6.43 3.33 31.50
N MET B 112 -5.79 4.49 31.32
CA MET B 112 -4.85 4.98 32.30
C MET B 112 -5.50 6.01 33.19
N VAL B 113 -5.16 5.91 34.46
CA VAL B 113 -5.57 6.89 35.49
C VAL B 113 -4.34 7.41 36.22
N LYS B 114 -4.34 8.69 36.58
CA LYS B 114 -3.15 9.35 37.04
C LYS B 114 -2.73 8.88 38.42
N ASN B 115 -3.67 8.29 39.15
CA ASN B 115 -3.42 7.81 40.51
C ASN B 115 -3.02 6.33 40.64
N ILE B 116 -2.64 5.70 39.54
CA ILE B 116 -2.07 4.35 39.59
C ILE B 116 -0.71 4.30 38.81
N LYS B 117 0.36 4.00 39.54
CA LYS B 117 1.67 3.91 38.94
C LYS B 117 1.76 2.53 38.24
N PRO B 118 2.31 2.49 37.01
CA PRO B 118 2.56 1.16 36.38
C PRO B 118 3.57 0.30 37.18
N SER B 119 3.51 -1.02 36.99
CA SER B 119 4.44 -1.95 37.62
C SER B 119 5.88 -1.67 37.18
N VAL B 120 6.03 -1.33 35.91
CA VAL B 120 7.32 -1.14 35.28
C VAL B 120 7.66 0.37 35.50
N ARG B 121 8.69 0.61 36.30
CA ARG B 121 9.07 1.97 36.72
C ARG B 121 9.22 2.99 35.62
N SER B 122 9.80 2.59 34.49
CA SER B 122 10.08 3.50 33.40
C SER B 122 8.85 3.99 32.60
N TRP B 123 7.77 3.23 32.64
CA TRP B 123 6.61 3.53 31.79
C TRP B 123 5.91 4.82 32.21
N GLN B 124 5.88 5.78 31.30
CA GLN B 124 5.26 7.10 31.54
C GLN B 124 4.13 7.37 30.49
N LYS B 125 4.12 6.58 29.41
CA LYS B 125 3.21 6.76 28.26
C LYS B 125 2.57 5.42 27.94
N PRO B 126 1.34 5.44 27.39
CA PRO B 126 0.71 4.17 27.13
C PRO B 126 1.52 3.40 26.10
N ILE B 127 1.44 2.08 26.24
CA ILE B 127 1.93 1.13 25.23
C ILE B 127 0.73 0.38 24.64
N VAL B 128 0.58 0.46 23.32
CA VAL B 128 -0.53 -0.19 22.67
C VAL B 128 0.00 -1.43 22.01
N VAL B 129 -0.69 -2.52 22.20
CA VAL B 129 -0.30 -3.78 21.51
C VAL B 129 -1.25 -3.94 20.33
N GLY B 130 -0.69 -4.09 19.15
CA GLY B 130 -1.46 -4.42 17.90
C GLY B 130 -1.20 -5.89 17.57
N ARG B 131 -2.16 -6.73 17.93
CA ARG B 131 -2.05 -8.18 17.83
C ARG B 131 -2.72 -8.68 16.55
N HIS B 132 -1.93 -9.36 15.73
CA HIS B 132 -2.46 -10.02 14.54
C HIS B 132 -3.51 -11.03 14.98
N ALA B 133 -4.72 -10.91 14.46
CA ALA B 133 -5.87 -11.68 14.94
C ALA B 133 -6.01 -13.07 14.33
N TYR B 134 -5.29 -13.31 13.25
CA TYR B 134 -5.53 -14.45 12.36
C TYR B 134 -4.42 -15.49 12.36
N GLY B 135 -4.79 -16.78 12.39
CA GLY B 135 -3.88 -17.84 12.09
C GLY B 135 -2.85 -18.14 13.16
N ASP B 136 -1.72 -18.64 12.71
CA ASP B 136 -0.73 -19.29 13.60
C ASP B 136 -1.37 -20.39 14.47
N PHE B 137 -0.97 -20.53 15.74
CA PHE B 137 -1.38 -21.70 16.42
C PHE B 137 -2.86 -21.66 16.88
N TYR B 138 -3.55 -20.56 16.64
CA TYR B 138 -5.00 -20.44 16.93
C TYR B 138 -5.83 -21.28 15.92
N LYS B 139 -5.19 -21.70 14.82
CA LYS B 139 -5.74 -22.75 13.98
C LYS B 139 -4.68 -23.85 13.74
N ASN B 140 -4.58 -24.78 14.68
CA ASN B 140 -3.48 -25.72 14.64
C ASN B 140 -3.95 -27.09 14.17
N ALA B 141 -3.02 -27.88 13.67
CA ALA B 141 -3.21 -29.31 13.56
C ALA B 141 -2.18 -29.93 14.48
N GLU B 142 -2.57 -30.99 15.17
CA GLU B 142 -1.69 -31.66 16.11
C GLU B 142 -1.89 -33.16 16.01
N ILE B 143 -0.81 -33.88 16.21
CA ILE B 143 -0.79 -35.34 16.33
C ILE B 143 0.06 -35.73 17.52
N PHE B 144 -0.49 -36.58 18.38
CA PHE B 144 0.28 -37.33 19.35
C PHE B 144 0.77 -38.61 18.69
N ALA B 145 2.03 -38.58 18.20
CA ALA B 145 2.66 -39.68 17.50
C ALA B 145 3.22 -40.68 18.52
N GLU B 146 2.35 -41.57 18.96
CA GLU B 146 2.65 -42.43 20.11
C GLU B 146 3.75 -43.47 19.81
N ALA B 147 3.93 -43.80 18.55
CA ALA B 147 5.02 -44.66 18.11
C ALA B 147 6.13 -43.92 17.36
N GLY B 148 6.09 -42.59 17.36
CA GLY B 148 7.06 -41.80 16.62
C GLY B 148 6.86 -41.90 15.11
N GLY B 149 7.98 -41.83 14.40
CA GLY B 149 7.98 -41.81 12.95
C GLY B 149 8.63 -40.60 12.32
N LYS B 150 8.45 -40.53 11.02
CA LYS B 150 8.88 -39.38 10.24
C LYS B 150 7.77 -38.34 10.37
N LEU B 151 8.12 -37.17 10.84
CA LEU B 151 7.18 -36.11 11.09
C LEU B 151 7.43 -35.07 10.01
N GLU B 152 6.39 -34.77 9.24
CA GLU B 152 6.47 -33.88 8.09
C GLU B 152 5.31 -32.87 8.05
N ILE B 153 5.59 -31.77 7.39
CA ILE B 153 4.54 -30.95 6.83
C ILE B 153 4.48 -31.20 5.33
N VAL B 154 3.26 -31.13 4.81
CA VAL B 154 2.99 -31.36 3.41
C VAL B 154 1.97 -30.39 2.88
N VAL B 155 2.30 -29.84 1.71
CA VAL B 155 1.42 -28.96 0.99
C VAL B 155 1.14 -29.58 -0.39
N THR B 156 -0.13 -29.65 -0.74
CA THR B 156 -0.53 -30.12 -2.09
C THR B 156 -1.33 -29.00 -2.74
N ASP B 157 -0.83 -28.42 -3.82
CA ASP B 157 -1.55 -27.33 -4.49
C ASP B 157 -2.64 -27.88 -5.41
N LYS B 158 -3.41 -26.98 -6.00
CA LYS B 158 -4.84 -26.99 -6.95
C LYS B 158 -4.85 -28.81 -8.39
N ASN B 159 -3.72 -28.15 -8.65
CA ASN B 159 -2.72 -28.65 -9.64
C ASN B 159 -1.94 -29.91 -9.24
N GLY B 160 -2.00 -30.29 -7.95
CA GLY B 160 -1.42 -31.54 -7.44
C GLY B 160 0.06 -31.57 -7.09
N LYS B 161 0.78 -30.46 -7.28
CA LYS B 161 2.21 -30.38 -6.91
C LYS B 161 2.29 -30.50 -5.39
N GLU B 162 3.08 -31.47 -4.92
CA GLU B 162 3.29 -31.76 -3.50
C GLU B 162 4.65 -31.24 -3.05
N THR B 163 4.67 -30.50 -1.94
CA THR B 163 5.94 -30.10 -1.34
C THR B 163 5.97 -30.69 0.07
N ARG B 164 7.07 -31.31 0.45
CA ARG B 164 7.18 -31.89 1.76
C ARG B 164 8.43 -31.41 2.45
N GLN B 165 8.35 -31.23 3.77
CA GLN B 165 9.53 -30.94 4.54
C GLN B 165 9.45 -31.73 5.81
N THR B 166 10.60 -32.26 6.23
CA THR B 166 10.68 -33.01 7.45
C THR B 166 11.02 -32.15 8.67
N ILE B 167 10.16 -32.28 9.66
CA ILE B 167 10.41 -31.69 10.97
C ILE B 167 11.50 -32.47 11.70
N MET B 168 11.28 -33.77 11.82
CA MET B 168 12.19 -34.64 12.50
C MET B 168 11.79 -36.07 12.19
N GLU B 169 12.72 -37.00 12.38
CA GLU B 169 12.38 -38.42 12.37
C GLU B 169 12.81 -39.01 13.70
N VAL B 170 11.85 -39.56 14.42
CA VAL B 170 12.09 -40.01 15.76
C VAL B 170 11.59 -41.46 15.94
N ASP B 171 12.21 -42.19 16.87
CA ASP B 171 11.81 -43.58 17.16
C ASP B 171 11.34 -43.66 18.61
N GLU B 172 10.45 -42.75 18.99
CA GLU B 172 9.93 -42.66 20.37
C GLU B 172 8.65 -41.79 20.36
N PRO B 173 7.80 -41.88 21.41
CA PRO B 173 6.61 -41.07 21.51
C PRO B 173 6.94 -39.57 21.35
N ALA B 174 6.23 -38.92 20.45
CA ALA B 174 6.47 -37.52 20.10
C ALA B 174 5.13 -36.80 19.88
N ILE B 175 5.16 -35.46 19.95
CA ILE B 175 4.02 -34.63 19.60
C ILE B 175 4.39 -33.74 18.41
N VAL B 176 3.39 -33.41 17.61
CA VAL B 176 3.59 -32.66 16.37
C VAL B 176 2.54 -31.59 16.28
N GLN B 177 2.95 -30.42 15.82
CA GLN B 177 2.05 -29.30 15.60
C GLN B 177 2.36 -28.64 14.28
N GLY B 178 1.31 -28.27 13.58
CA GLY B 178 1.31 -27.51 12.38
C GLY B 178 0.43 -26.25 12.44
N ILE B 179 0.98 -25.15 11.91
CA ILE B 179 0.29 -23.87 11.79
C ILE B 179 0.54 -23.21 10.41
N HIS B 180 -0.32 -22.23 10.11
CA HIS B 180 -0.23 -21.50 8.87
C HIS B 180 -0.54 -20.05 9.09
N ASN B 181 -0.11 -19.25 8.13
CA ASN B 181 -0.70 -17.93 7.94
C ASN B 181 -0.78 -17.60 6.46
N THR B 182 -1.35 -16.47 6.13
CA THR B 182 -1.47 -16.05 4.72
C THR B 182 -0.76 -14.75 4.48
N VAL B 183 -0.22 -14.67 3.26
CA VAL B 183 0.43 -13.44 2.81
C VAL B 183 -0.53 -12.26 2.92
N ALA B 184 -1.79 -12.45 2.47
CA ALA B 184 -2.77 -11.39 2.48
C ALA B 184 -3.06 -10.89 3.91
N SER B 185 -3.31 -11.85 4.82
CA SER B 185 -3.58 -11.54 6.24
C SER B 185 -2.43 -10.76 6.89
N ILE B 186 -1.22 -11.21 6.67
CA ILE B 186 -0.03 -10.50 7.18
C ILE B 186 0.07 -9.06 6.64
N GLY B 187 -0.15 -8.88 5.34
CA GLY B 187 -0.17 -7.55 4.73
C GLY B 187 -1.20 -6.60 5.32
N HIS B 188 -2.40 -7.09 5.55
CA HIS B 188 -3.45 -6.31 6.17
C HIS B 188 -3.08 -5.96 7.63
N PHE B 189 -2.39 -6.88 8.29
CA PHE B 189 -1.85 -6.67 9.68
C PHE B 189 -0.86 -5.52 9.68
N ALA B 190 0.08 -5.56 8.76
CA ALA B 190 1.10 -4.54 8.61
C ALA B 190 0.41 -3.22 8.35
N ARG B 191 -0.50 -3.22 7.39
CA ARG B 191 -1.24 -1.98 7.07
C ARG B 191 -2.00 -1.37 8.24
N ALA B 192 -2.73 -2.21 8.99
CA ALA B 192 -3.50 -1.76 10.12
C ALA B 192 -2.58 -1.13 11.16
N CYS B 193 -1.44 -1.77 11.40
CA CYS B 193 -0.49 -1.25 12.35
C CYS B 193 0.06 0.13 11.95
N PHE B 194 0.45 0.23 10.67
CA PHE B 194 1.02 1.50 10.18
C PHE B 194 -0.02 2.65 10.19
N GLU B 195 -1.24 2.32 9.80
CA GLU B 195 -2.36 3.26 9.82
C GLU B 195 -2.66 3.72 11.24
N TYR B 196 -2.62 2.79 12.19
CA TYR B 196 -2.87 3.12 13.60
C TYR B 196 -1.81 4.11 14.11
N SER B 197 -0.56 3.76 13.83
CA SER B 197 0.60 4.55 14.19
C SER B 197 0.48 5.99 13.64
N LEU B 198 0.11 6.11 12.37
CA LEU B 198 -0.05 7.40 11.72
C LEU B 198 -1.19 8.19 12.37
N ASP B 199 -2.34 7.55 12.53
CA ASP B 199 -3.51 8.16 13.16
C ASP B 199 -3.19 8.69 14.54
N GLN B 200 -2.46 7.91 15.32
CA GLN B 200 -2.16 8.28 16.69
C GLN B 200 -0.81 8.97 16.87
N LYS B 201 -0.03 9.07 15.81
CA LYS B 201 1.26 9.75 15.82
C LYS B 201 2.21 9.11 16.85
N ILE B 202 2.30 7.79 16.73
CA ILE B 202 3.21 6.98 17.55
C ILE B 202 4.05 6.09 16.64
N ASP B 203 5.27 5.78 17.11
CA ASP B 203 6.17 4.89 16.43
C ASP B 203 5.53 3.50 16.43
N CYS B 204 5.91 2.70 15.46
CA CYS B 204 5.56 1.27 15.39
C CYS B 204 6.81 0.39 15.59
N TRP B 205 6.71 -0.56 16.51
CA TRP B 205 7.74 -1.59 16.78
C TRP B 205 7.16 -2.96 16.42
N PHE B 206 7.89 -3.75 15.65
CA PHE B 206 7.46 -5.12 15.33
C PHE B 206 8.67 -6.03 15.53
N ALA B 207 8.41 -7.29 15.91
CA ALA B 207 9.52 -8.19 16.18
C ALA B 207 9.05 -9.63 15.99
N THR B 208 9.96 -10.46 15.50
CA THR B 208 9.75 -11.92 15.41
C THR B 208 11.08 -12.64 15.81
N LYS B 209 11.19 -13.96 15.53
CA LYS B 209 12.46 -14.68 15.70
C LYS B 209 12.92 -15.21 14.32
N ASP B 210 13.07 -14.27 13.39
CA ASP B 210 13.41 -14.54 11.98
C ASP B 210 14.78 -15.22 11.80
N THR B 211 15.65 -15.15 12.81
CA THR B 211 16.93 -15.86 12.80
C THR B 211 16.75 -17.40 12.96
N ILE B 212 15.68 -17.84 13.61
CA ILE B 212 15.40 -19.24 13.88
C ILE B 212 14.38 -19.77 12.86
N SER B 213 13.37 -18.93 12.60
CA SER B 213 12.28 -19.23 11.67
C SER B 213 12.53 -18.44 10.41
N LYS B 214 13.23 -19.10 9.50
CA LYS B 214 13.86 -18.45 8.37
C LYS B 214 12.96 -18.30 7.13
N GLN B 215 11.76 -18.89 7.18
CA GLN B 215 10.73 -18.74 6.14
C GLN B 215 9.41 -18.21 6.71
N TYR B 216 9.04 -18.67 7.91
CA TYR B 216 7.75 -18.34 8.48
C TYR B 216 7.83 -16.93 9.09
N ASP B 217 8.59 -16.75 10.18
CA ASP B 217 8.78 -15.43 10.75
C ASP B 217 9.42 -14.45 9.76
N GLN B 218 10.34 -14.97 8.94
CA GLN B 218 10.98 -14.17 7.92
C GLN B 218 9.93 -13.54 7.00
N ARG B 219 8.88 -14.28 6.72
CA ARG B 219 7.81 -13.76 5.84
C ARG B 219 7.09 -12.57 6.46
N PHE B 220 6.82 -12.59 7.76
CA PHE B 220 6.29 -11.39 8.45
C PHE B 220 7.25 -10.24 8.31
N LYS B 221 8.54 -10.46 8.59
CA LYS B 221 9.53 -9.41 8.53
C LYS B 221 9.53 -8.76 7.15
N ILE B 222 9.59 -9.57 6.11
CA ILE B 222 9.64 -9.07 4.72
C ILE B 222 8.41 -8.28 4.33
N ILE B 223 7.24 -8.77 4.73
CA ILE B 223 6.02 -8.14 4.38
C ILE B 223 5.89 -6.76 5.04
N PHE B 224 6.22 -6.64 6.34
CA PHE B 224 6.27 -5.34 7.01
C PHE B 224 7.26 -4.38 6.35
N GLU B 225 8.44 -4.88 6.03
CA GLU B 225 9.52 -4.07 5.45
C GLU B 225 9.10 -3.54 4.10
N GLU B 226 8.52 -4.42 3.28
CA GLU B 226 8.11 -4.05 1.92
C GLU B 226 6.94 -3.11 1.90
N ILE B 227 5.90 -3.45 2.64
CA ILE B 227 4.75 -2.50 2.85
C ILE B 227 5.20 -1.17 3.41
N PHE B 228 6.07 -1.20 4.40
CA PHE B 228 6.53 0.03 4.96
C PHE B 228 7.25 0.86 3.90
N ALA B 229 8.25 0.27 3.26
CA ALA B 229 9.08 0.94 2.22
C ALA B 229 8.21 1.55 1.12
N GLN B 230 7.26 0.76 0.63
CA GLN B 230 6.45 1.07 -0.54
C GLN B 230 5.22 1.94 -0.25
N GLU B 231 4.71 1.94 0.98
CA GLU B 231 3.43 2.59 1.27
C GLU B 231 3.45 3.59 2.42
N TYR B 232 4.42 3.53 3.32
CA TYR B 232 4.35 4.30 4.56
C TYR B 232 5.55 5.16 4.89
N LYS B 233 6.68 4.87 4.29
CA LYS B 233 7.95 5.50 4.65
C LYS B 233 7.83 7.03 4.74
N GLU B 234 7.29 7.58 3.66
CA GLU B 234 7.14 9.03 3.50
C GLU B 234 6.14 9.61 4.45
N LYS B 235 5.00 8.95 4.58
CA LYS B 235 3.97 9.35 5.48
C LYS B 235 4.50 9.42 6.93
N PHE B 236 5.27 8.39 7.30
CA PHE B 236 5.85 8.31 8.63
C PHE B 236 6.82 9.49 8.85
N ALA B 237 7.72 9.72 7.89
CA ALA B 237 8.70 10.78 8.04
C ALA B 237 8.02 12.18 8.14
N ALA B 238 6.95 12.39 7.39
CA ALA B 238 6.18 13.64 7.49
C ALA B 238 5.51 13.78 8.83
N ALA B 239 5.09 12.66 9.44
CA ALA B 239 4.39 12.64 10.70
C ALA B 239 5.35 12.66 11.89
N GLY B 240 6.66 12.60 11.61
CA GLY B 240 7.67 12.54 12.68
C GLY B 240 7.66 11.22 13.48
N ILE B 241 7.32 10.11 12.82
CA ILE B 241 7.34 8.80 13.48
C ILE B 241 8.21 7.80 12.72
N GLU B 242 8.52 6.67 13.39
CA GLU B 242 9.40 5.66 12.84
C GLU B 242 8.80 4.27 12.97
N TYR B 243 9.22 3.39 12.06
CA TYR B 243 9.02 1.93 12.15
C TYR B 243 10.36 1.29 12.54
N PHE B 244 10.35 0.47 13.60
CA PHE B 244 11.49 -0.23 14.15
C PHE B 244 11.19 -1.72 14.16
N TYR B 245 12.03 -2.49 13.50
CA TYR B 245 11.95 -3.93 13.54
C TYR B 245 13.17 -4.50 14.29
N THR B 246 12.93 -5.47 15.16
CA THR B 246 13.98 -6.18 15.87
C THR B 246 13.56 -7.64 16.16
N LEU B 247 14.40 -8.38 16.88
CA LEU B 247 14.00 -9.71 17.35
C LEU B 247 13.15 -9.60 18.63
N ILE B 248 12.29 -10.58 18.81
CA ILE B 248 11.26 -10.61 19.88
C ILE B 248 11.88 -10.56 21.31
N ASP B 249 12.98 -11.32 21.50
CA ASP B 249 13.74 -11.27 22.77
C ASP B 249 14.29 -9.85 23.04
N ASP B 250 14.72 -9.15 22.00
CA ASP B 250 15.24 -7.80 22.13
C ASP B 250 14.12 -6.82 22.46
N VAL B 251 12.99 -6.95 21.78
CA VAL B 251 11.89 -6.03 22.04
C VAL B 251 11.36 -6.14 23.51
N VAL B 252 11.23 -7.37 24.00
N VAL B 252 11.21 -7.36 24.01
CA VAL B 252 10.76 -7.56 25.38
CA VAL B 252 10.71 -7.48 25.36
C VAL B 252 11.74 -7.01 26.42
C VAL B 252 11.73 -6.93 26.39
N ALA B 253 13.02 -7.09 26.11
CA ALA B 253 14.06 -6.61 27.00
C ALA B 253 13.97 -5.06 27.02
N ARG B 254 13.78 -4.47 25.84
CA ARG B 254 13.58 -3.01 25.71
C ARG B 254 12.34 -2.53 26.46
N MET B 255 11.31 -3.37 26.46
CA MET B 255 10.01 -2.96 27.07
C MET B 255 10.13 -2.79 28.55
N MET B 256 11.12 -3.44 29.20
CA MET B 256 11.32 -3.27 30.60
C MET B 256 12.03 -1.97 30.98
N LYS B 257 12.53 -1.26 29.97
N LYS B 257 12.53 -1.23 29.99
CA LYS B 257 13.34 -0.04 30.15
CA LYS B 257 13.25 0.03 30.28
C LYS B 257 12.74 1.25 29.53
C LYS B 257 12.73 1.28 29.52
N THR B 258 11.78 1.08 28.61
CA THR B 258 11.24 2.15 27.80
C THR B 258 10.31 3.06 28.61
N GLU B 259 10.10 4.28 28.10
CA GLU B 259 9.13 5.18 28.72
C GLU B 259 7.74 4.89 28.18
N GLY B 260 7.68 4.08 27.12
CA GLY B 260 6.43 3.71 26.49
C GLY B 260 6.10 4.62 25.32
N GLY B 261 4.87 4.63 24.90
CA GLY B 261 4.43 5.56 23.83
C GLY B 261 4.45 5.11 22.40
N MET B 262 4.61 3.81 22.20
CA MET B 262 4.61 3.26 20.88
C MET B 262 3.49 2.24 20.70
N LEU B 263 3.27 1.90 19.44
CA LEU B 263 2.50 0.74 19.03
C LEU B 263 3.45 -0.46 18.86
N TRP B 264 3.18 -1.50 19.64
CA TRP B 264 3.92 -2.73 19.66
C TRP B 264 3.14 -3.75 18.86
N ALA B 265 3.48 -3.88 17.58
CA ALA B 265 2.87 -4.86 16.71
C ALA B 265 3.37 -6.27 17.11
N CYS B 266 2.43 -7.23 17.24
CA CYS B 266 2.77 -8.62 17.65
C CYS B 266 2.05 -9.65 16.81
N LYS B 267 2.78 -10.71 16.50
CA LYS B 267 2.16 -11.90 15.94
C LYS B 267 1.12 -12.37 16.97
N ASN B 268 0.18 -13.17 16.48
CA ASN B 268 -1.03 -13.60 17.24
C ASN B 268 -0.74 -14.06 18.71
N TYR B 269 0.07 -15.09 18.84
CA TYR B 269 0.46 -15.59 20.14
C TYR B 269 1.17 -14.56 21.00
N ASP B 270 2.23 -13.95 20.48
CA ASP B 270 2.95 -12.87 21.19
C ASP B 270 1.98 -11.78 21.70
N GLY B 271 1.10 -11.32 20.81
CA GLY B 271 0.13 -10.33 21.17
C GLY B 271 -0.87 -10.71 22.26
N ASP B 272 -1.31 -11.96 22.26
CA ASP B 272 -2.20 -12.55 23.28
C ASP B 272 -1.51 -12.47 24.69
N VAL B 273 -0.26 -12.93 24.75
CA VAL B 273 0.49 -12.97 26.00
C VAL B 273 0.90 -11.54 26.44
N MET B 274 1.50 -10.80 25.52
CA MET B 274 2.09 -9.51 25.86
C MET B 274 1.04 -8.43 26.17
N SER B 275 -0.10 -8.50 25.51
CA SER B 275 -1.12 -7.52 25.80
C SER B 275 -1.54 -7.71 27.28
N ASP B 276 -1.63 -8.97 27.73
CA ASP B 276 -1.95 -9.28 29.14
C ASP B 276 -0.83 -8.85 30.11
N MET B 277 0.43 -9.01 29.71
N MET B 277 0.43 -9.03 29.68
N MET B 277 0.42 -9.00 29.71
CA MET B 277 1.56 -8.48 30.52
CA MET B 277 1.63 -8.50 30.37
CA MET B 277 1.50 -8.48 30.53
C MET B 277 1.48 -6.94 30.62
C MET B 277 1.42 -6.99 30.60
C MET B 277 1.41 -6.95 30.64
N VAL B 278 1.21 -6.26 29.52
CA VAL B 278 1.11 -4.79 29.53
C VAL B 278 -0.10 -4.34 30.35
N ALA B 279 -1.21 -5.04 30.19
CA ALA B 279 -2.47 -4.71 30.88
C ALA B 279 -2.23 -4.81 32.38
N SER B 280 -1.68 -5.93 32.80
CA SER B 280 -1.39 -6.14 34.21
C SER B 280 -0.47 -5.07 34.80
N ALA B 281 0.65 -4.81 34.12
CA ALA B 281 1.60 -3.84 34.55
C ALA B 281 1.01 -2.44 34.64
N PHE B 282 0.18 -2.03 33.66
CA PHE B 282 -0.44 -0.71 33.83
C PHE B 282 -1.43 -0.69 34.99
N GLY B 283 -1.98 -1.83 35.38
CA GLY B 283 -2.77 -1.94 36.63
C GLY B 283 -3.71 -3.14 36.67
N SER B 284 -4.41 -3.40 35.57
CA SER B 284 -5.46 -4.40 35.58
C SER B 284 -5.83 -4.83 34.18
N LEU B 285 -6.23 -6.10 34.01
CA LEU B 285 -6.73 -6.54 32.72
C LEU B 285 -8.10 -5.87 32.47
N ALA B 286 -8.79 -5.43 33.53
CA ALA B 286 -10.04 -4.67 33.35
C ALA B 286 -9.76 -3.21 32.96
N MET B 287 -8.50 -2.77 33.01
CA MET B 287 -8.19 -1.41 32.64
C MET B 287 -7.42 -1.47 31.29
N MET B 288 -8.04 -2.10 30.31
CA MET B 288 -7.41 -2.29 28.99
C MET B 288 -8.53 -2.42 28.02
N SER B 289 -8.56 -1.55 26.99
CA SER B 289 -9.49 -1.68 25.90
C SER B 289 -9.04 -2.70 24.82
N SER B 290 -10.00 -3.14 24.01
CA SER B 290 -9.69 -4.16 22.96
C SER B 290 -10.63 -3.95 21.79
N VAL B 291 -10.04 -3.69 20.61
CA VAL B 291 -10.82 -3.61 19.38
C VAL B 291 -10.14 -4.38 18.23
N LEU B 292 -10.89 -5.31 17.65
CA LEU B 292 -10.53 -5.99 16.41
C LEU B 292 -10.91 -5.07 15.23
N VAL B 293 -9.94 -4.69 14.42
CA VAL B 293 -10.14 -3.89 13.23
C VAL B 293 -9.86 -4.79 12.04
N SER B 294 -10.92 -5.15 11.31
CA SER B 294 -10.77 -6.08 10.15
C SER B 294 -10.47 -5.27 8.88
N PRO B 295 -9.62 -5.81 7.99
CA PRO B 295 -9.42 -5.11 6.69
C PRO B 295 -10.68 -5.06 5.81
N TYR B 296 -11.65 -5.91 6.13
CA TYR B 296 -12.89 -6.07 5.39
C TYR B 296 -13.97 -5.10 5.88
N GLY B 297 -13.63 -4.24 6.84
CA GLY B 297 -14.45 -3.12 7.22
C GLY B 297 -15.25 -3.26 8.51
N TYR B 298 -15.03 -4.37 9.21
CA TYR B 298 -15.71 -4.73 10.45
C TYR B 298 -14.88 -4.36 11.68
N PHE B 299 -15.61 -4.17 12.76
CA PHE B 299 -15.03 -3.85 14.06
C PHE B 299 -15.69 -4.69 15.16
N GLU B 300 -14.89 -5.21 16.09
CA GLU B 300 -15.43 -5.90 17.25
C GLU B 300 -14.74 -5.36 18.53
N TYR B 301 -15.53 -4.72 19.40
CA TYR B 301 -15.06 -4.20 20.64
C TYR B 301 -15.41 -5.21 21.72
N GLU B 302 -14.43 -5.56 22.56
CA GLU B 302 -14.69 -6.54 23.59
C GLU B 302 -14.08 -6.20 24.93
N ALA B 303 -14.59 -6.86 25.95
CA ALA B 303 -14.01 -6.89 27.27
C ALA B 303 -13.06 -8.07 27.32
N ALA B 304 -11.77 -7.80 27.18
CA ALA B 304 -10.81 -8.88 27.01
C ALA B 304 -10.20 -9.37 28.35
N HIS B 305 -11.03 -10.03 29.13
CA HIS B 305 -10.63 -10.54 30.44
C HIS B 305 -11.56 -11.65 30.84
N GLY B 306 -11.34 -12.17 32.03
CA GLY B 306 -12.06 -13.28 32.51
C GLY B 306 -13.44 -12.86 32.93
N THR B 307 -14.23 -13.89 33.25
CA THR B 307 -15.64 -13.76 33.61
C THR B 307 -15.92 -13.69 35.12
N VAL B 308 -14.84 -13.86 35.91
CA VAL B 308 -14.79 -13.66 37.37
C VAL B 308 -15.68 -14.62 38.15
N GLN B 309 -15.44 -15.91 37.92
CA GLN B 309 -16.23 -16.98 38.53
C GLN B 309 -16.44 -16.78 40.04
N ARG B 310 -15.36 -16.53 40.78
CA ARG B 310 -15.45 -16.31 42.21
C ARG B 310 -16.47 -15.20 42.60
N HIS B 311 -16.43 -14.10 41.87
CA HIS B 311 -17.33 -12.98 42.13
C HIS B 311 -18.78 -13.33 41.73
N TYR B 312 -18.95 -14.11 40.65
CA TYR B 312 -20.26 -14.54 40.22
C TYR B 312 -20.98 -15.36 41.32
N TYR B 313 -20.25 -16.31 41.92
CA TYR B 313 -20.79 -17.15 42.98
C TYR B 313 -21.19 -16.29 44.17
N GLN B 314 -20.39 -15.27 44.48
CA GLN B 314 -20.70 -14.32 45.55
C GLN B 314 -21.96 -13.53 45.26
N HIS B 315 -22.05 -13.02 44.04
CA HIS B 315 -23.22 -12.31 43.59
C HIS B 315 -24.49 -13.12 43.72
N LEU B 316 -24.47 -14.40 43.32
CA LEU B 316 -25.67 -15.23 43.39
C LEU B 316 -26.10 -15.45 44.83
N LYS B 317 -25.16 -15.33 45.75
CA LYS B 317 -25.39 -15.39 47.21
C LYS B 317 -25.80 -14.03 47.85
N GLY B 318 -26.05 -13.04 47.04
CA GLY B 318 -26.45 -11.74 47.52
C GLY B 318 -25.33 -10.90 48.12
N GLU B 319 -24.06 -11.27 47.82
CA GLU B 319 -22.90 -10.52 48.31
C GLU B 319 -22.45 -9.52 47.25
N ARG B 320 -22.04 -8.34 47.70
CA ARG B 320 -21.50 -7.36 46.76
C ARG B 320 -20.03 -7.73 46.43
N THR B 321 -19.64 -7.36 45.20
CA THR B 321 -18.35 -7.75 44.65
C THR B 321 -17.46 -6.58 44.31
N SER B 322 -16.16 -6.85 44.19
CA SER B 322 -15.18 -5.83 43.81
C SER B 322 -14.82 -5.87 42.32
N THR B 323 -15.67 -6.54 41.54
CA THR B 323 -15.45 -6.67 40.09
C THR B 323 -15.31 -5.28 39.43
N ASN B 324 -14.30 -5.13 38.57
CA ASN B 324 -14.03 -3.91 37.90
C ASN B 324 -14.71 -3.93 36.56
N PRO B 325 -15.76 -3.09 36.40
CA PRO B 325 -16.46 -3.08 35.11
C PRO B 325 -15.95 -2.16 34.01
N VAL B 326 -14.78 -1.56 34.18
CA VAL B 326 -14.32 -0.54 33.23
C VAL B 326 -14.14 -1.02 31.79
N ALA B 327 -13.52 -2.18 31.61
CA ALA B 327 -13.38 -2.77 30.28
C ALA B 327 -14.73 -3.01 29.62
N LEU B 328 -15.72 -3.43 30.43
CA LEU B 328 -17.06 -3.65 29.88
C LEU B 328 -17.66 -2.36 29.37
N ILE B 329 -17.50 -1.31 30.16
CA ILE B 329 -17.97 0.05 29.80
C ILE B 329 -17.30 0.55 28.55
N TYR B 330 -15.97 0.41 28.47
CA TYR B 330 -15.20 0.88 27.31
C TYR B 330 -15.47 0.03 26.04
N ALA B 331 -15.94 -1.22 26.21
CA ALA B 331 -16.33 -2.00 25.05
C ALA B 331 -17.56 -1.34 24.41
N TRP B 332 -18.55 -1.01 25.25
CA TRP B 332 -19.78 -0.34 24.78
C TRP B 332 -19.50 1.08 24.18
N THR B 333 -18.74 1.88 24.90
CA THR B 333 -18.42 3.21 24.42
C THR B 333 -17.60 3.19 23.14
N GLY B 334 -16.63 2.26 23.02
CA GLY B 334 -15.85 2.11 21.81
C GLY B 334 -16.73 1.72 20.62
N ALA B 335 -17.64 0.77 20.85
CA ALA B 335 -18.54 0.23 19.82
C ALA B 335 -19.56 1.31 19.38
N LEU B 336 -20.17 1.95 20.35
CA LEU B 336 -21.15 3.03 20.06
C LEU B 336 -20.48 4.22 19.34
N ARG B 337 -19.26 4.58 19.75
CA ARG B 337 -18.51 5.59 19.05
C ARG B 337 -18.30 5.21 17.60
N LYS B 338 -17.84 3.99 17.33
CA LYS B 338 -17.56 3.61 15.96
C LYS B 338 -18.86 3.60 15.14
N ARG B 339 -19.92 2.99 15.70
CA ARG B 339 -21.23 2.96 15.07
C ARG B 339 -21.66 4.41 14.71
N GLY B 340 -21.46 5.35 15.65
CA GLY B 340 -21.76 6.79 15.46
C GLY B 340 -20.93 7.48 14.36
N GLU B 341 -19.67 7.04 14.25
CA GLU B 341 -18.75 7.51 13.23
C GLU B 341 -19.19 7.06 11.86
N LEU B 342 -19.49 5.77 11.77
CA LEU B 342 -19.92 5.16 10.51
C LEU B 342 -21.26 5.72 10.05
N ASP B 343 -22.14 6.00 11.00
CA ASP B 343 -23.51 6.43 10.73
C ASP B 343 -23.66 7.96 10.53
N GLY B 344 -22.64 8.72 10.91
CA GLY B 344 -22.69 10.18 10.88
C GLY B 344 -23.66 10.70 11.93
N THR B 345 -23.62 10.15 13.14
CA THR B 345 -24.49 10.51 14.27
C THR B 345 -23.58 10.96 15.45
N PRO B 346 -23.06 12.19 15.37
CA PRO B 346 -22.04 12.65 16.30
C PRO B 346 -22.48 12.87 17.75
N ASP B 347 -23.77 12.97 18.01
CA ASP B 347 -24.23 13.03 19.39
C ASP B 347 -23.91 11.72 20.14
N LEU B 348 -23.96 10.60 19.42
CA LEU B 348 -23.60 9.32 19.98
C LEU B 348 -22.11 9.32 20.37
N CYS B 349 -21.26 9.74 19.46
CA CYS B 349 -19.80 9.83 19.71
C CYS B 349 -19.48 10.75 20.89
N ALA B 350 -20.18 11.89 20.96
CA ALA B 350 -19.97 12.84 22.08
C ALA B 350 -20.37 12.23 23.42
N PHE B 351 -21.47 11.46 23.42
CA PHE B 351 -21.90 10.76 24.63
C PHE B 351 -20.80 9.77 25.11
N CYS B 352 -20.27 9.04 24.16
CA CYS B 352 -19.19 8.06 24.45
C CYS B 352 -17.97 8.72 25.04
N ASP B 353 -17.58 9.88 24.47
CA ASP B 353 -16.51 10.69 25.03
C ASP B 353 -16.79 11.08 26.49
N SER B 354 -18.00 11.59 26.74
CA SER B 354 -18.43 11.93 28.09
C SER B 354 -18.34 10.76 29.09
N LEU B 355 -18.88 9.60 28.72
CA LEU B 355 -18.92 8.49 29.65
C LEU B 355 -17.49 8.00 29.94
N GLU B 356 -16.67 7.92 28.90
CA GLU B 356 -15.26 7.59 29.15
C GLU B 356 -14.56 8.56 30.13
N ALA B 357 -14.69 9.87 29.87
CA ALA B 357 -14.18 10.92 30.75
C ALA B 357 -14.69 10.83 32.20
N ILE B 358 -15.99 10.60 32.36
CA ILE B 358 -16.64 10.45 33.67
C ILE B 358 -16.02 9.30 34.43
N THR B 359 -15.74 8.20 33.73
CA THR B 359 -15.25 6.99 34.35
C THR B 359 -13.87 7.28 34.93
N ILE B 360 -13.04 7.97 34.15
CA ILE B 360 -11.70 8.32 34.55
C ILE B 360 -11.74 9.34 35.71
N GLU B 361 -12.56 10.35 35.56
CA GLU B 361 -12.71 11.39 36.62
C GLU B 361 -13.08 10.78 37.97
N CYS B 362 -14.00 9.83 37.94
CA CYS B 362 -14.45 9.18 39.14
C CYS B 362 -13.31 8.43 39.86
N ILE B 363 -12.56 7.58 39.13
CA ILE B 363 -11.42 6.87 39.67
C ILE B 363 -10.28 7.78 40.13
N GLU B 364 -9.99 8.80 39.36
CA GLU B 364 -8.91 9.74 39.66
C GLU B 364 -9.29 10.60 40.87
N SER B 365 -10.61 10.73 41.12
CA SER B 365 -11.13 11.47 42.31
C SER B 365 -11.09 10.64 43.59
N GLY B 366 -10.83 9.33 43.43
CA GLY B 366 -10.62 8.42 44.55
C GLY B 366 -11.81 7.53 44.91
N TYR B 367 -12.72 7.34 43.96
CA TYR B 367 -13.90 6.54 44.09
C TYR B 367 -13.80 5.39 43.07
N MET B 368 -13.62 4.18 43.55
CA MET B 368 -13.22 3.11 42.65
C MET B 368 -13.47 1.74 43.25
N THR B 369 -13.37 0.71 42.40
CA THR B 369 -13.53 -0.65 42.87
C THR B 369 -12.25 -1.08 43.63
N GLY B 370 -12.39 -2.18 44.38
CA GLY B 370 -11.39 -2.66 45.35
C GLY B 370 -10.05 -3.02 44.77
N ASP B 371 -10.05 -3.54 43.53
CA ASP B 371 -8.82 -3.89 42.86
C ASP B 371 -7.95 -2.65 42.63
N LEU B 372 -8.58 -1.57 42.18
CA LEU B 372 -7.85 -0.33 41.95
C LEU B 372 -7.42 0.35 43.27
N ALA B 373 -8.27 0.27 44.29
CA ALA B 373 -7.99 0.85 45.63
C ALA B 373 -6.76 0.19 46.26
N ARG B 374 -6.51 -1.07 45.90
CA ARG B 374 -5.33 -1.79 46.35
C ARG B 374 -4.02 -1.22 45.84
N ILE B 375 -4.05 -0.54 44.69
CA ILE B 375 -2.83 -0.09 44.00
C ILE B 375 -2.70 1.37 43.73
N CYS B 376 -3.70 2.15 44.11
CA CYS B 376 -3.65 3.56 43.82
C CYS B 376 -2.89 4.29 44.95
N GLU B 377 -2.50 5.51 44.61
CA GLU B 377 -1.80 6.43 45.51
C GLU B 377 -2.10 7.81 45.01
N PRO B 378 -2.62 8.68 45.90
CA PRO B 378 -2.96 8.39 47.31
C PRO B 378 -4.10 7.38 47.50
N ALA B 379 -4.38 7.01 48.75
CA ALA B 379 -5.42 6.09 49.04
C ALA B 379 -6.77 6.58 48.52
N ALA B 380 -7.57 5.62 48.08
CA ALA B 380 -8.96 5.86 47.68
C ALA B 380 -9.72 6.56 48.82
N ILE B 381 -10.64 7.41 48.45
CA ILE B 381 -11.58 8.01 49.41
C ILE B 381 -12.64 6.98 49.81
N LYS B 382 -13.13 6.23 48.81
CA LYS B 382 -14.21 5.30 49.01
C LYS B 382 -14.07 4.19 48.03
N VAL B 383 -14.10 2.97 48.56
CA VAL B 383 -14.21 1.78 47.68
C VAL B 383 -15.68 1.50 47.39
N LEU B 384 -16.01 1.48 46.12
CA LEU B 384 -17.35 1.23 45.70
C LEU B 384 -17.39 -0.21 45.16
N ASP B 385 -18.43 -0.94 45.52
CA ASP B 385 -18.63 -2.27 44.90
C ASP B 385 -18.97 -2.09 43.43
N SER B 386 -18.97 -3.19 42.67
N SER B 386 -18.96 -3.18 42.65
CA SER B 386 -19.11 -3.14 41.22
CA SER B 386 -19.15 -3.12 41.21
C SER B 386 -20.41 -2.49 40.79
C SER B 386 -20.40 -2.34 40.89
N ILE B 387 -21.47 -2.72 41.57
CA ILE B 387 -22.79 -2.20 41.28
C ILE B 387 -22.92 -0.72 41.74
N GLU B 388 -22.44 -0.43 42.93
CA GLU B 388 -22.28 0.99 43.39
C GLU B 388 -21.47 1.83 42.42
N PHE B 389 -20.43 1.24 41.83
CA PHE B 389 -19.57 2.00 40.92
C PHE B 389 -20.34 2.38 39.67
N ILE B 390 -21.04 1.40 39.11
CA ILE B 390 -21.86 1.62 37.93
C ILE B 390 -22.95 2.66 38.26
N ASP B 391 -23.55 2.50 39.43
CA ASP B 391 -24.61 3.42 39.89
C ASP B 391 -24.04 4.88 39.96
N GLU B 392 -22.81 5.02 40.45
CA GLU B 392 -22.14 6.33 40.59
C GLU B 392 -21.92 7.01 39.25
N LEU B 393 -21.48 6.23 38.26
CA LEU B 393 -21.27 6.74 36.92
C LEU B 393 -22.59 7.14 36.31
N GLY B 394 -23.63 6.38 36.62
CA GLY B 394 -24.98 6.75 36.11
C GLY B 394 -25.46 8.09 36.70
N LYS B 395 -25.15 8.31 37.94
CA LYS B 395 -25.49 9.59 38.61
C LYS B 395 -24.72 10.76 38.01
N ARG B 396 -23.46 10.55 37.67
CA ARG B 396 -22.67 11.56 37.00
C ARG B 396 -23.25 11.84 35.64
N LEU B 397 -23.68 10.81 34.92
CA LEU B 397 -24.22 11.03 33.59
C LEU B 397 -25.53 11.82 33.70
N GLN B 398 -26.35 11.45 34.69
CA GLN B 398 -27.63 12.14 34.90
C GLN B 398 -27.38 13.64 35.15
N GLN B 399 -26.32 13.97 35.89
CA GLN B 399 -25.94 15.34 36.18
C GLN B 399 -25.41 16.10 34.96
N LEU B 400 -24.83 15.40 33.97
CA LEU B 400 -24.53 16.01 32.68
C LEU B 400 -25.81 16.35 31.93
N ASN B 401 -26.72 15.37 31.87
CA ASN B 401 -27.85 15.41 30.94
C ASN B 401 -29.15 15.95 31.58
N MET C 1 -43.64 42.48 -41.91
CA MET C 1 -43.96 41.33 -41.02
C MET C 1 -42.66 40.65 -40.64
N LYS C 2 -42.61 40.17 -39.42
CA LYS C 2 -41.45 39.42 -38.95
C LYS C 2 -41.44 38.02 -39.57
N ILE C 3 -40.27 37.40 -39.57
CA ILE C 3 -40.19 36.00 -40.02
C ILE C 3 -41.05 35.03 -39.16
N GLN C 4 -41.85 34.20 -39.83
CA GLN C 4 -42.76 33.29 -39.16
C GLN C 4 -42.15 31.90 -38.99
N MET C 5 -42.41 31.31 -37.84
CA MET C 5 -42.04 29.93 -37.56
C MET C 5 -43.25 29.05 -37.54
N LYS C 6 -43.10 27.82 -38.00
CA LYS C 6 -44.14 26.77 -37.92
C LYS C 6 -44.10 25.97 -36.66
N THR C 7 -42.90 25.59 -36.20
CA THR C 7 -42.77 24.67 -35.07
C THR C 7 -41.86 25.32 -34.03
N PRO C 8 -42.21 25.24 -32.74
CA PRO C 8 -41.35 25.82 -31.72
C PRO C 8 -40.00 25.12 -31.62
N LEU C 9 -38.99 25.94 -31.38
CA LEU C 9 -37.67 25.47 -30.93
C LEU C 9 -37.71 25.18 -29.47
N VAL C 10 -37.18 24.05 -29.05
CA VAL C 10 -37.01 23.74 -27.63
C VAL C 10 -35.79 24.52 -27.13
N GLU C 11 -36.01 25.34 -26.10
CA GLU C 11 -35.00 26.20 -25.56
C GLU C 11 -34.58 25.78 -24.13
N LEU C 12 -33.29 25.49 -23.94
CA LEU C 12 -32.80 24.99 -22.67
C LEU C 12 -31.87 26.07 -22.13
N ASP C 13 -32.32 26.80 -21.13
CA ASP C 13 -31.55 27.87 -20.54
C ASP C 13 -30.50 27.29 -19.59
N GLY C 14 -29.56 28.15 -19.18
CA GLY C 14 -28.33 27.71 -18.49
C GLY C 14 -27.97 28.59 -17.30
N ASP C 15 -26.68 28.79 -17.08
CA ASP C 15 -26.17 29.34 -15.81
C ASP C 15 -25.30 30.57 -16.00
N GLU C 16 -25.21 31.32 -14.91
CA GLU C 16 -24.22 32.37 -14.76
C GLU C 16 -24.15 33.33 -15.96
N MET C 17 -22.95 33.63 -16.46
CA MET C 17 -22.85 34.68 -17.45
C MET C 17 -23.54 34.35 -18.76
N THR C 18 -23.49 33.07 -19.14
CA THR C 18 -24.18 32.69 -20.38
C THR C 18 -25.71 32.84 -20.23
N ARG C 19 -26.24 32.58 -19.04
CA ARG C 19 -27.66 32.84 -18.70
C ARG C 19 -27.98 34.34 -18.83
N VAL C 20 -27.06 35.20 -18.40
CA VAL C 20 -27.25 36.65 -18.52
C VAL C 20 -27.33 37.13 -19.99
N LEU C 21 -26.45 36.60 -20.83
CA LEU C 21 -26.38 37.07 -22.22
C LEU C 21 -27.49 36.53 -23.12
N TRP C 22 -28.04 35.36 -22.74
CA TRP C 22 -29.07 34.66 -23.52
C TRP C 22 -30.30 35.53 -23.89
N PRO C 23 -30.94 36.22 -22.90
CA PRO C 23 -32.07 37.10 -23.25
C PRO C 23 -31.65 38.30 -24.12
N LEU C 24 -30.41 38.75 -23.98
CA LEU C 24 -29.91 39.90 -24.75
C LEU C 24 -29.77 39.50 -26.24
N ILE C 25 -29.31 38.27 -26.48
CA ILE C 25 -29.26 37.69 -27.83
C ILE C 25 -30.68 37.63 -28.41
N LYS C 26 -31.62 37.08 -27.63
CA LYS C 26 -33.03 37.08 -28.07
C LYS C 26 -33.54 38.50 -28.37
N ASP C 27 -33.33 39.41 -27.40
CA ASP C 27 -33.84 40.79 -27.48
C ASP C 27 -33.32 41.57 -28.69
N LYS C 28 -32.01 41.52 -28.91
CA LYS C 28 -31.30 42.34 -29.92
C LYS C 28 -31.18 41.70 -31.30
N LEU C 29 -31.04 40.38 -31.33
CA LEU C 29 -30.67 39.65 -32.54
C LEU C 29 -31.73 38.77 -33.17
N LEU C 30 -32.74 38.38 -32.41
CA LEU C 30 -33.76 37.45 -32.91
C LEU C 30 -35.19 38.06 -32.98
N LEU C 31 -35.68 38.48 -31.82
CA LEU C 31 -37.05 38.95 -31.65
C LEU C 31 -37.48 40.14 -32.55
N PRO C 32 -36.55 41.08 -32.86
CA PRO C 32 -36.92 42.19 -33.78
C PRO C 32 -37.25 41.73 -35.21
N PHE C 33 -36.80 40.53 -35.57
CA PHE C 33 -36.79 40.01 -36.96
C PHE C 33 -37.60 38.73 -37.15
N ILE C 34 -37.81 38.01 -36.05
CA ILE C 34 -38.52 36.74 -36.04
C ILE C 34 -39.58 36.74 -34.96
N ASP C 35 -40.77 36.28 -35.31
CA ASP C 35 -41.79 35.93 -34.32
C ASP C 35 -41.45 34.57 -33.67
N LEU C 36 -40.53 34.65 -32.74
CA LEU C 36 -39.82 33.52 -32.24
C LEU C 36 -40.75 32.67 -31.41
N GLN C 37 -40.82 31.40 -31.76
CA GLN C 37 -41.58 30.42 -31.01
C GLN C 37 -40.63 29.43 -30.36
N THR C 38 -40.65 29.39 -29.02
CA THR C 38 -39.87 28.44 -28.29
C THR C 38 -40.70 27.82 -27.19
N GLU C 39 -40.30 26.62 -26.81
N GLU C 39 -40.26 26.63 -26.79
CA GLU C 39 -40.75 25.99 -25.57
CA GLU C 39 -40.73 25.96 -25.61
C GLU C 39 -39.56 25.99 -24.60
C GLU C 39 -39.56 25.96 -24.58
N TYR C 40 -39.71 26.75 -23.52
CA TYR C 40 -38.61 27.07 -22.61
C TYR C 40 -38.49 26.10 -21.45
N TYR C 41 -37.27 25.61 -21.24
CA TYR C 41 -36.95 24.71 -20.14
C TYR C 41 -35.78 25.37 -19.42
N ASP C 42 -35.98 25.70 -18.15
CA ASP C 42 -34.89 26.34 -17.42
C ASP C 42 -33.94 25.31 -16.84
N LEU C 43 -32.79 25.08 -17.48
CA LEU C 43 -31.82 24.13 -16.93
C LEU C 43 -30.73 24.85 -16.09
N GLY C 44 -31.01 26.08 -15.63
CA GLY C 44 -30.21 26.67 -14.58
C GLY C 44 -30.08 25.73 -13.39
N ILE C 45 -28.95 25.80 -12.71
CA ILE C 45 -28.68 24.92 -11.57
C ILE C 45 -29.79 24.91 -10.48
N GLU C 46 -30.38 26.06 -10.23
CA GLU C 46 -31.36 26.19 -9.19
C GLU C 46 -32.66 25.50 -9.58
N GLU C 47 -33.07 25.59 -10.86
CA GLU C 47 -34.23 24.88 -11.31
C GLU C 47 -34.04 23.34 -11.37
N ARG C 48 -32.86 22.91 -11.81
CA ARG C 48 -32.46 21.51 -11.71
C ARG C 48 -32.52 21.03 -10.27
N ASP C 49 -32.04 21.85 -9.34
CA ASP C 49 -32.04 21.41 -7.91
C ASP C 49 -33.47 21.29 -7.39
N ARG C 50 -34.27 22.31 -7.64
CA ARG C 50 -35.67 22.38 -7.23
C ARG C 50 -36.46 21.21 -7.78
N THR C 51 -36.18 20.82 -9.03
CA THR C 51 -36.94 19.74 -9.67
C THR C 51 -36.26 18.37 -9.56
N ASN C 52 -35.23 18.24 -8.72
CA ASN C 52 -34.42 17.00 -8.64
C ASN C 52 -33.95 16.49 -10.01
N ASP C 53 -33.54 17.44 -10.83
CA ASP C 53 -33.07 17.20 -12.20
C ASP C 53 -34.14 16.75 -13.22
N GLN C 54 -35.42 16.82 -12.84
CA GLN C 54 -36.49 16.43 -13.76
C GLN C 54 -36.57 17.33 -14.96
N ILE C 55 -36.27 18.61 -14.77
CA ILE C 55 -36.37 19.58 -15.87
C ILE C 55 -35.49 19.17 -17.09
N THR C 56 -34.32 18.64 -16.81
CA THR C 56 -33.38 18.11 -17.81
C THR C 56 -33.97 16.98 -18.71
N ILE C 57 -34.58 16.01 -18.05
CA ILE C 57 -35.35 14.92 -18.69
C ILE C 57 -36.50 15.47 -19.51
N ASP C 58 -37.28 16.35 -18.90
CA ASP C 58 -38.42 17.05 -19.59
C ASP C 58 -37.97 17.74 -20.89
N ALA C 59 -36.86 18.46 -20.80
CA ALA C 59 -36.33 19.18 -21.95
C ALA C 59 -35.92 18.21 -23.07
N ALA C 60 -35.27 17.11 -22.70
CA ALA C 60 -34.88 16.04 -23.66
C ALA C 60 -36.12 15.42 -24.31
N GLU C 61 -37.17 15.15 -23.49
CA GLU C 61 -38.44 14.71 -24.10
C GLU C 61 -39.05 15.70 -25.12
N ALA C 62 -38.99 16.98 -24.81
CA ALA C 62 -39.46 18.02 -25.70
C ALA C 62 -38.63 18.04 -27.00
N ILE C 63 -37.31 17.79 -26.91
CA ILE C 63 -36.53 17.72 -28.15
C ILE C 63 -37.03 16.55 -29.00
N LYS C 64 -37.29 15.41 -28.36
CA LYS C 64 -37.85 14.26 -29.07
C LYS C 64 -39.20 14.59 -29.72
N LYS C 65 -40.03 15.34 -29.00
CA LYS C 65 -41.32 15.76 -29.54
C LYS C 65 -41.24 16.63 -30.79
N TYR C 66 -40.49 17.73 -30.70
CA TYR C 66 -40.46 18.76 -31.73
C TYR C 66 -39.34 18.55 -32.76
N GLY C 67 -38.19 18.06 -32.31
CA GLY C 67 -37.10 17.65 -33.17
C GLY C 67 -35.77 18.40 -32.98
N VAL C 68 -35.84 19.65 -32.51
CA VAL C 68 -34.66 20.54 -32.47
C VAL C 68 -34.68 21.32 -31.14
N GLY C 69 -33.53 21.26 -30.46
CA GLY C 69 -33.26 22.04 -29.28
C GLY C 69 -32.03 22.94 -29.40
N VAL C 70 -32.10 24.05 -28.66
CA VAL C 70 -30.98 24.92 -28.45
C VAL C 70 -30.64 24.93 -26.94
N LYS C 71 -29.37 24.71 -26.62
CA LYS C 71 -28.93 24.57 -25.21
C LYS C 71 -27.85 25.59 -24.81
N ASN C 72 -28.17 26.36 -23.76
CA ASN C 72 -27.24 27.27 -23.12
C ASN C 72 -26.24 26.51 -22.23
N ALA C 73 -25.04 27.06 -22.02
CA ALA C 73 -24.04 26.48 -21.12
C ALA C 73 -24.57 26.38 -19.69
N THR C 74 -24.30 25.24 -19.05
CA THR C 74 -24.80 24.85 -17.71
C THR C 74 -23.66 24.45 -16.80
N ILE C 75 -23.91 24.55 -15.51
CA ILE C 75 -22.99 24.05 -14.49
C ILE C 75 -23.23 22.58 -14.28
N THR C 76 -22.14 21.81 -14.29
CA THR C 76 -22.10 20.45 -13.74
C THR C 76 -21.48 20.56 -12.32
N PRO C 77 -22.31 20.50 -11.30
CA PRO C 77 -21.82 20.98 -9.99
C PRO C 77 -20.87 20.03 -9.25
N ASN C 78 -19.68 20.51 -8.98
CA ASN C 78 -18.81 19.84 -7.98
C ASN C 78 -19.21 20.25 -6.55
N GLN C 79 -18.42 19.82 -5.56
CA GLN C 79 -18.80 20.13 -4.18
C GLN C 79 -18.72 21.61 -3.85
N ASP C 80 -17.81 22.34 -4.46
CA ASP C 80 -17.79 23.80 -4.31
C ASP C 80 -19.10 24.44 -4.80
N ARG C 81 -19.61 23.97 -5.93
CA ARG C 81 -20.89 24.48 -6.46
C ARG C 81 -22.10 24.10 -5.55
N VAL C 82 -22.08 22.88 -5.02
CA VAL C 82 -23.06 22.46 -4.02
C VAL C 82 -23.10 23.47 -2.85
N GLU C 83 -21.93 23.85 -2.33
CA GLU C 83 -21.82 24.83 -1.24
C GLU C 83 -22.29 26.20 -1.67
N GLU C 84 -21.82 26.66 -2.83
CA GLU C 84 -22.22 27.95 -3.36
C GLU C 84 -23.74 28.15 -3.52
N TYR C 85 -24.41 27.14 -4.06
CA TYR C 85 -25.83 27.24 -4.34
C TYR C 85 -26.69 26.54 -3.33
N GLY C 86 -26.09 25.88 -2.35
CA GLY C 86 -26.89 25.12 -1.39
C GLY C 86 -27.65 23.95 -1.99
N LEU C 87 -26.98 23.15 -2.83
CA LEU C 87 -27.67 22.12 -3.61
C LEU C 87 -27.89 20.82 -2.83
N LYS C 88 -28.87 20.03 -3.28
CA LYS C 88 -29.18 18.76 -2.65
C LYS C 88 -28.11 17.73 -2.92
N GLU C 89 -27.48 17.85 -4.09
CA GLU C 89 -26.49 16.87 -4.53
C GLU C 89 -25.70 17.36 -5.73
N GLN C 90 -24.65 16.61 -6.06
CA GLN C 90 -23.90 16.86 -7.29
C GLN C 90 -24.67 16.29 -8.47
N TRP C 91 -25.63 17.05 -8.95
CA TRP C 91 -26.40 16.67 -10.10
C TRP C 91 -25.53 16.31 -11.33
N LYS C 92 -25.91 15.24 -12.00
CA LYS C 92 -25.20 14.77 -13.17
C LYS C 92 -25.26 15.80 -14.31
N SER C 93 -24.18 15.87 -15.09
CA SER C 93 -24.11 16.69 -16.26
C SER C 93 -25.37 16.59 -17.09
N PRO C 94 -26.05 17.70 -17.29
CA PRO C 94 -27.22 17.69 -18.16
C PRO C 94 -26.87 17.35 -19.60
N ASN C 95 -25.63 17.67 -20.02
CA ASN C 95 -25.18 17.38 -21.39
C ASN C 95 -25.12 15.87 -21.50
N ALA C 96 -24.57 15.22 -20.47
CA ALA C 96 -24.48 13.76 -20.47
C ALA C 96 -25.89 13.13 -20.51
N THR C 97 -26.79 13.67 -19.73
CA THR C 97 -28.17 13.16 -19.69
C THR C 97 -28.87 13.26 -21.04
N VAL C 98 -28.76 14.41 -21.66
CA VAL C 98 -29.40 14.63 -22.97
C VAL C 98 -28.81 13.67 -24.02
N ARG C 99 -27.49 13.51 -24.02
N ARG C 99 -27.48 13.58 -24.03
CA ARG C 99 -26.82 12.61 -24.97
CA ARG C 99 -26.75 12.68 -24.92
C ARG C 99 -27.18 11.16 -24.72
C ARG C 99 -27.24 11.25 -24.73
N ALA C 100 -27.33 10.78 -23.47
CA ALA C 100 -27.79 9.43 -23.12
C ALA C 100 -29.20 9.15 -23.62
N MET C 101 -30.05 10.17 -23.54
CA MET C 101 -31.45 10.03 -23.95
C MET C 101 -31.68 10.05 -25.47
N LEU C 102 -30.81 10.77 -26.19
CA LEU C 102 -30.97 10.96 -27.62
C LEU C 102 -30.07 10.07 -28.50
N ASP C 103 -28.87 9.76 -27.98
CA ASP C 103 -27.80 9.11 -28.75
C ASP C 103 -27.39 10.07 -29.91
N GLY C 104 -26.29 9.69 -30.60
CA GLY C 104 -25.87 10.35 -31.77
C GLY C 104 -24.38 10.67 -31.71
N THR C 105 -24.03 11.65 -32.53
CA THR C 105 -22.67 12.15 -32.69
C THR C 105 -22.70 13.67 -32.59
N VAL C 106 -21.77 14.21 -31.79
CA VAL C 106 -21.63 15.65 -31.64
C VAL C 106 -20.57 16.19 -32.61
N PHE C 107 -21.01 17.01 -33.56
CA PHE C 107 -20.06 17.65 -34.50
C PHE C 107 -19.65 19.01 -34.00
N ARG C 108 -18.35 19.19 -33.85
CA ARG C 108 -17.76 20.43 -33.37
C ARG C 108 -16.82 21.00 -34.40
N LYS C 109 -17.10 22.22 -34.78
CA LYS C 109 -16.37 22.87 -35.88
C LYS C 109 -15.96 24.32 -35.47
N PRO C 110 -14.72 24.69 -35.76
CA PRO C 110 -14.31 26.04 -35.40
C PRO C 110 -15.09 27.05 -36.22
N ILE C 111 -15.28 28.20 -35.62
CA ILE C 111 -15.88 29.37 -36.20
C ILE C 111 -14.65 30.25 -36.49
N MET C 112 -14.29 30.27 -37.77
CA MET C 112 -13.00 30.85 -38.17
C MET C 112 -13.17 32.26 -38.67
N VAL C 113 -12.20 33.10 -38.32
CA VAL C 113 -12.13 34.46 -38.81
C VAL C 113 -10.71 34.71 -39.41
N LYS C 114 -10.67 35.54 -40.45
CA LYS C 114 -9.45 35.73 -41.24
C LYS C 114 -8.33 36.38 -40.45
N ASN C 115 -8.70 37.12 -39.39
CA ASN C 115 -7.75 37.87 -38.58
C ASN C 115 -7.25 37.18 -37.31
N ILE C 116 -7.50 35.89 -37.16
CA ILE C 116 -6.93 35.14 -36.07
C ILE C 116 -6.29 33.87 -36.61
N LYS C 117 -4.99 33.75 -36.40
CA LYS C 117 -4.22 32.56 -36.79
C LYS C 117 -4.42 31.52 -35.71
N PRO C 118 -4.56 30.25 -36.13
CA PRO C 118 -4.56 29.16 -35.17
C PRO C 118 -3.24 29.03 -34.41
N SER C 119 -3.32 28.54 -33.16
CA SER C 119 -2.14 28.16 -32.37
C SER C 119 -1.19 27.18 -33.07
N VAL C 120 -1.75 26.23 -33.79
CA VAL C 120 -0.98 25.21 -34.48
C VAL C 120 -0.63 25.78 -35.86
N ARG C 121 0.66 25.97 -36.10
N ARG C 121 0.66 25.95 -36.11
CA ARG C 121 1.18 26.71 -37.28
CA ARG C 121 1.14 26.74 -37.25
C ARG C 121 0.67 26.17 -38.60
C ARG C 121 0.74 26.16 -38.61
N SER C 122 0.65 24.85 -38.71
CA SER C 122 0.31 24.20 -39.96
C SER C 122 -1.16 24.35 -40.36
N TRP C 123 -2.04 24.59 -39.41
CA TRP C 123 -3.47 24.51 -39.70
C TRP C 123 -3.94 25.62 -40.64
N GLN C 124 -4.46 25.21 -41.78
CA GLN C 124 -4.99 26.17 -42.77
C GLN C 124 -6.47 25.99 -43.09
N LYS C 125 -7.05 24.88 -42.67
CA LYS C 125 -8.41 24.49 -43.00
C LYS C 125 -9.03 24.02 -41.72
N PRO C 126 -10.36 24.18 -41.57
CA PRO C 126 -11.00 23.76 -40.34
C PRO C 126 -10.82 22.23 -40.09
N ILE C 127 -10.73 21.84 -38.83
CA ILE C 127 -10.79 20.44 -38.40
C ILE C 127 -12.11 20.30 -37.64
N VAL C 128 -12.93 19.36 -38.06
CA VAL C 128 -14.21 19.07 -37.39
C VAL C 128 -14.01 17.82 -36.52
N VAL C 129 -14.39 17.92 -35.24
CA VAL C 129 -14.40 16.73 -34.41
C VAL C 129 -15.80 16.12 -34.38
N GLY C 130 -15.89 14.84 -34.76
CA GLY C 130 -17.16 14.06 -34.66
C GLY C 130 -17.09 13.12 -33.49
N ARG C 131 -17.70 13.55 -32.38
CA ARG C 131 -17.61 12.82 -31.09
C ARG C 131 -18.79 11.92 -30.84
N HIS C 132 -18.52 10.63 -30.67
CA HIS C 132 -19.56 9.69 -30.31
C HIS C 132 -20.17 10.14 -28.99
N ALA C 133 -21.50 10.32 -28.96
CA ALA C 133 -22.18 10.95 -27.81
C ALA C 133 -22.57 10.03 -26.69
N TYR C 134 -22.46 8.73 -26.90
CA TYR C 134 -23.09 7.72 -26.08
C TYR C 134 -22.05 6.80 -25.48
N GLY C 135 -22.25 6.51 -24.20
CA GLY C 135 -21.63 5.42 -23.49
C GLY C 135 -20.20 5.63 -23.09
N ASP C 136 -19.46 4.52 -23.05
CA ASP C 136 -18.11 4.51 -22.54
C ASP C 136 -18.16 5.09 -21.09
N PHE C 137 -17.15 5.88 -20.66
CA PHE C 137 -17.11 6.20 -19.21
C PHE C 137 -18.17 7.25 -18.78
N TYR C 138 -18.93 7.79 -19.72
CA TYR C 138 -19.99 8.69 -19.33
C TYR C 138 -21.14 7.95 -18.60
N LYS C 139 -21.17 6.63 -18.72
CA LYS C 139 -22.05 5.81 -17.91
C LYS C 139 -21.20 4.73 -17.28
N ASN C 140 -20.61 5.06 -16.15
CA ASN C 140 -19.64 4.19 -15.53
C ASN C 140 -20.21 3.53 -14.31
N ALA C 141 -19.64 2.38 -13.98
CA ALA C 141 -19.78 1.76 -12.64
C ALA C 141 -18.42 1.80 -11.98
N GLU C 142 -18.35 2.16 -10.69
CA GLU C 142 -17.07 2.22 -10.00
C GLU C 142 -17.13 1.70 -8.58
N ILE C 143 -16.04 1.09 -8.12
CA ILE C 143 -15.94 0.57 -6.75
C ILE C 143 -14.57 0.91 -6.21
N PHE C 144 -14.55 1.48 -4.99
CA PHE C 144 -13.37 1.62 -4.21
C PHE C 144 -13.27 0.38 -3.35
N ALA C 145 -12.39 -0.54 -3.76
CA ALA C 145 -12.17 -1.83 -3.11
C ALA C 145 -11.12 -1.69 -2.02
N GLU C 146 -11.55 -1.29 -0.82
CA GLU C 146 -10.59 -0.91 0.23
C GLU C 146 -9.76 -2.07 0.78
N ALA C 147 -10.23 -3.29 0.54
CA ALA C 147 -9.48 -4.49 0.90
C ALA C 147 -9.04 -5.25 -0.32
N GLY C 148 -9.10 -4.61 -1.49
CA GLY C 148 -8.68 -5.32 -2.70
C GLY C 148 -9.65 -6.44 -3.03
N GLY C 149 -9.15 -7.49 -3.66
CA GLY C 149 -10.03 -8.59 -4.04
C GLY C 149 -9.77 -9.04 -5.46
N LYS C 150 -10.54 -10.05 -5.88
CA LYS C 150 -10.64 -10.43 -7.29
C LYS C 150 -11.53 -9.40 -7.97
N LEU C 151 -11.00 -8.72 -8.98
CA LEU C 151 -11.70 -7.61 -9.60
C LEU C 151 -12.10 -8.11 -10.99
N GLU C 152 -13.40 -8.16 -11.24
CA GLU C 152 -13.95 -8.78 -12.47
C GLU C 152 -14.98 -7.90 -13.14
N ILE C 153 -15.18 -8.13 -14.45
CA ILE C 153 -16.41 -7.74 -15.10
C ILE C 153 -17.23 -9.04 -15.31
N VAL C 154 -18.54 -8.87 -15.25
CA VAL C 154 -19.45 -10.00 -15.34
C VAL C 154 -20.63 -9.59 -16.18
N VAL C 155 -20.99 -10.46 -17.11
CA VAL C 155 -22.14 -10.29 -17.97
C VAL C 155 -23.07 -11.47 -17.73
N THR C 156 -24.34 -11.17 -17.51
CA THR C 156 -25.37 -12.19 -17.29
C THR C 156 -26.49 -11.92 -18.27
N ASP C 157 -26.63 -12.80 -19.26
CA ASP C 157 -27.61 -12.61 -20.33
C ASP C 157 -28.94 -13.20 -19.93
N LYS C 158 -29.94 -12.95 -20.75
CA LYS C 158 -31.33 -13.41 -20.53
C LYS C 158 -31.46 -14.95 -20.39
N ASN C 159 -30.62 -15.67 -21.14
CA ASN C 159 -30.50 -17.14 -21.13
C ASN C 159 -29.85 -17.67 -19.85
N GLY C 160 -29.36 -16.76 -19.01
CA GLY C 160 -28.70 -17.11 -17.77
C GLY C 160 -27.20 -17.31 -17.91
N LYS C 161 -26.67 -17.29 -19.13
CA LYS C 161 -25.25 -17.52 -19.35
C LYS C 161 -24.46 -16.34 -18.73
N GLU C 162 -23.48 -16.71 -17.91
CA GLU C 162 -22.67 -15.73 -17.22
C GLU C 162 -21.28 -15.82 -17.81
N THR C 163 -20.74 -14.68 -18.22
CA THR C 163 -19.40 -14.57 -18.74
C THR C 163 -18.67 -13.65 -17.77
N ARG C 164 -17.50 -14.10 -17.33
CA ARG C 164 -16.64 -13.38 -16.38
C ARG C 164 -15.26 -13.18 -16.99
N GLN C 165 -14.65 -12.02 -16.72
CA GLN C 165 -13.28 -11.80 -17.04
C GLN C 165 -12.63 -11.06 -15.90
N THR C 166 -11.41 -11.45 -15.59
CA THR C 166 -10.68 -10.86 -14.49
C THR C 166 -9.85 -9.70 -15.00
N ILE C 167 -10.04 -8.57 -14.34
CA ILE C 167 -9.19 -7.40 -14.52
C ILE C 167 -7.85 -7.58 -13.81
N MET C 168 -7.94 -7.88 -12.52
CA MET C 168 -6.75 -8.10 -11.71
C MET C 168 -7.22 -8.70 -10.40
N GLU C 169 -6.29 -9.30 -9.68
CA GLU C 169 -6.55 -9.81 -8.33
C GLU C 169 -5.48 -9.22 -7.44
N VAL C 170 -5.92 -8.42 -6.47
CA VAL C 170 -5.00 -7.63 -5.62
C VAL C 170 -5.40 -7.81 -4.18
N ASP C 171 -4.42 -7.77 -3.28
CA ASP C 171 -4.70 -7.78 -1.84
C ASP C 171 -4.32 -6.45 -1.23
N GLU C 172 -4.58 -5.36 -1.93
CA GLU C 172 -4.35 -3.99 -1.43
C GLU C 172 -5.48 -3.07 -1.88
N PRO C 173 -5.63 -1.87 -1.25
CA PRO C 173 -6.69 -1.02 -1.68
C PRO C 173 -6.57 -0.61 -3.15
N ALA C 174 -7.71 -0.64 -3.81
CA ALA C 174 -7.78 -0.53 -5.26
C ALA C 174 -9.06 0.13 -5.71
N ILE C 175 -9.05 0.62 -6.94
CA ILE C 175 -10.21 1.19 -7.57
C ILE C 175 -10.49 0.45 -8.86
N VAL C 176 -11.76 0.37 -9.18
CA VAL C 176 -12.27 -0.40 -10.30
C VAL C 176 -13.27 0.44 -11.05
N GLN C 177 -13.18 0.41 -12.38
CA GLN C 177 -14.18 1.06 -13.23
C GLN C 177 -14.65 0.12 -14.36
N GLY C 178 -15.94 0.11 -14.63
CA GLY C 178 -16.53 -0.56 -15.76
C GLY C 178 -17.29 0.39 -16.68
N ILE C 179 -17.21 0.11 -17.98
CA ILE C 179 -17.92 0.87 -18.98
C ILE C 179 -18.49 -0.06 -20.06
N HIS C 180 -19.39 0.49 -20.87
CA HIS C 180 -19.98 -0.28 -21.94
C HIS C 180 -20.22 0.59 -23.14
N ASN C 181 -20.51 -0.10 -24.24
CA ASN C 181 -21.11 0.54 -25.38
C ASN C 181 -21.92 -0.53 -26.12
N THR C 182 -22.74 -0.06 -27.05
CA THR C 182 -23.54 -0.97 -27.87
C THR C 182 -23.12 -0.98 -29.33
N VAL C 183 -23.27 -2.15 -29.95
CA VAL C 183 -22.96 -2.29 -31.36
C VAL C 183 -23.79 -1.32 -32.24
N ALA C 184 -25.07 -1.18 -31.91
CA ALA C 184 -25.98 -0.33 -32.64
C ALA C 184 -25.53 1.17 -32.55
N SER C 185 -25.17 1.61 -31.37
CA SER C 185 -24.76 3.02 -31.19
C SER C 185 -23.47 3.33 -31.92
N ILE C 186 -22.54 2.37 -31.89
CA ILE C 186 -21.31 2.49 -32.61
C ILE C 186 -21.60 2.62 -34.15
N GLY C 187 -22.55 1.81 -34.65
CA GLY C 187 -22.96 1.84 -36.06
C GLY C 187 -23.52 3.20 -36.50
N HIS C 188 -24.36 3.77 -35.67
CA HIS C 188 -24.98 5.10 -35.92
C HIS C 188 -23.91 6.18 -35.94
N PHE C 189 -22.96 6.06 -35.02
CA PHE C 189 -21.71 6.85 -34.98
C PHE C 189 -20.92 6.78 -36.28
N ALA C 190 -20.58 5.57 -36.72
CA ALA C 190 -19.88 5.41 -37.95
C ALA C 190 -20.64 6.03 -39.13
N ARG C 191 -21.92 5.71 -39.24
CA ARG C 191 -22.72 6.21 -40.39
C ARG C 191 -22.83 7.75 -40.38
N ALA C 192 -23.04 8.31 -39.18
CA ALA C 192 -23.10 9.76 -38.98
C ALA C 192 -21.85 10.41 -39.46
N CYS C 193 -20.68 9.84 -39.12
CA CYS C 193 -19.41 10.36 -39.59
C CYS C 193 -19.21 10.23 -41.13
N PHE C 194 -19.50 9.06 -41.66
CA PHE C 194 -19.38 8.88 -43.08
C PHE C 194 -20.37 9.81 -43.85
N GLU C 195 -21.59 9.95 -43.36
CA GLU C 195 -22.57 10.89 -43.98
C GLU C 195 -22.10 12.36 -43.94
N TYR C 196 -21.59 12.80 -42.80
CA TYR C 196 -20.97 14.12 -42.66
C TYR C 196 -19.82 14.38 -43.64
N SER C 197 -18.87 13.42 -43.71
CA SER C 197 -17.76 13.51 -44.61
C SER C 197 -18.21 13.67 -46.09
N LEU C 198 -19.19 12.87 -46.45
CA LEU C 198 -19.72 12.90 -47.82
C LEU C 198 -20.45 14.22 -48.11
N ASP C 199 -21.25 14.67 -47.17
CA ASP C 199 -21.96 15.93 -47.30
C ASP C 199 -21.00 17.13 -47.46
N GLN C 200 -19.94 17.14 -46.64
CA GLN C 200 -18.99 18.24 -46.64
C GLN C 200 -17.78 18.05 -47.55
N LYS C 201 -17.69 16.90 -48.21
CA LYS C 201 -16.62 16.56 -49.12
C LYS C 201 -15.24 16.66 -48.43
N ILE C 202 -15.17 16.06 -47.24
CA ILE C 202 -13.92 15.99 -46.47
C ILE C 202 -13.61 14.55 -46.07
N ASP C 203 -12.33 14.25 -45.97
CA ASP C 203 -11.90 12.95 -45.54
C ASP C 203 -12.35 12.70 -44.09
N CYS C 204 -12.48 11.41 -43.73
CA CYS C 204 -12.79 10.96 -42.39
C CYS C 204 -11.58 10.19 -41.78
N TRP C 205 -11.14 10.63 -40.60
CA TRP C 205 -10.08 9.93 -39.83
C TRP C 205 -10.66 9.38 -38.55
N PHE C 206 -10.41 8.10 -38.24
CA PHE C 206 -10.90 7.52 -36.97
C PHE C 206 -9.75 6.74 -36.33
N ALA C 207 -9.70 6.75 -35.00
CA ALA C 207 -8.55 6.16 -34.30
C ALA C 207 -8.95 5.65 -32.93
N THR C 208 -8.35 4.50 -32.53
CA THR C 208 -8.51 3.97 -31.18
C THR C 208 -7.16 3.43 -30.71
N LYS C 209 -7.16 2.67 -29.62
CA LYS C 209 -5.94 1.96 -29.20
C LYS C 209 -6.25 0.47 -29.23
N ASP C 210 -6.68 0.00 -30.39
CA ASP C 210 -7.08 -1.42 -30.55
C ASP C 210 -5.94 -2.48 -30.32
N THR C 211 -4.69 -2.03 -30.32
CA THR C 211 -3.53 -2.86 -29.96
C THR C 211 -3.49 -3.22 -28.49
N ILE C 212 -4.13 -2.41 -27.65
CA ILE C 212 -4.18 -2.61 -26.22
C ILE C 212 -5.55 -3.15 -25.82
N SER C 213 -6.58 -2.56 -26.42
CA SER C 213 -7.99 -2.86 -26.17
C SER C 213 -8.42 -3.70 -27.34
N LYS C 214 -8.17 -4.99 -27.20
CA LYS C 214 -8.28 -5.93 -28.31
C LYS C 214 -9.70 -6.47 -28.58
N GLN C 215 -10.64 -6.22 -27.68
CA GLN C 215 -12.07 -6.50 -27.93
C GLN C 215 -12.94 -5.24 -28.03
N TYR C 216 -12.67 -4.26 -27.16
CA TYR C 216 -13.51 -3.08 -27.02
C TYR C 216 -13.23 -2.09 -28.14
N ASP C 217 -12.04 -1.52 -28.16
CA ASP C 217 -11.65 -0.61 -29.19
C ASP C 217 -11.68 -1.32 -30.54
N GLN C 218 -11.24 -2.58 -30.56
CA GLN C 218 -11.30 -3.39 -31.80
C GLN C 218 -12.73 -3.43 -32.42
N ARG C 219 -13.77 -3.53 -31.59
CA ARG C 219 -15.14 -3.53 -32.07
C ARG C 219 -15.51 -2.21 -32.74
N PHE C 220 -14.99 -1.08 -32.26
CA PHE C 220 -15.19 0.16 -32.99
C PHE C 220 -14.53 0.11 -34.36
N LYS C 221 -13.27 -0.32 -34.39
CA LYS C 221 -12.55 -0.40 -35.65
C LYS C 221 -13.28 -1.32 -36.65
N ILE C 222 -13.69 -2.49 -36.18
CA ILE C 222 -14.42 -3.48 -37.03
C ILE C 222 -15.70 -2.90 -37.60
N ILE C 223 -16.48 -2.23 -36.76
CA ILE C 223 -17.77 -1.68 -37.19
C ILE C 223 -17.57 -0.60 -38.22
N PHE C 224 -16.67 0.35 -37.97
CA PHE C 224 -16.31 1.32 -39.02
C PHE C 224 -15.91 0.65 -40.35
N GLU C 225 -15.01 -0.32 -40.26
CA GLU C 225 -14.42 -0.99 -41.45
C GLU C 225 -15.51 -1.67 -42.28
N GLU C 226 -16.43 -2.35 -41.59
CA GLU C 226 -17.48 -3.11 -42.25
C GLU C 226 -18.54 -2.19 -42.86
N ILE C 227 -19.01 -1.23 -42.07
CA ILE C 227 -19.95 -0.22 -42.60
C ILE C 227 -19.33 0.55 -43.77
N PHE C 228 -18.04 0.85 -43.70
CA PHE C 228 -17.44 1.60 -44.76
C PHE C 228 -17.38 0.73 -46.03
N ALA C 229 -16.93 -0.51 -45.87
CA ALA C 229 -16.82 -1.47 -46.99
C ALA C 229 -18.16 -1.69 -47.65
N GLN C 230 -19.16 -1.95 -46.84
CA GLN C 230 -20.49 -2.23 -47.33
C GLN C 230 -21.29 -1.06 -47.87
N GLU C 231 -21.14 0.13 -47.27
CA GLU C 231 -22.09 1.23 -47.46
C GLU C 231 -21.49 2.52 -47.98
N TYR C 232 -20.18 2.72 -47.89
CA TYR C 232 -19.60 4.04 -48.27
C TYR C 232 -18.38 4.06 -49.16
N LYS C 233 -17.71 2.93 -49.36
CA LYS C 233 -16.43 2.92 -50.10
C LYS C 233 -16.58 3.48 -51.50
N GLU C 234 -17.64 3.06 -52.18
CA GLU C 234 -17.92 3.51 -53.56
C GLU C 234 -18.25 5.01 -53.60
N LYS C 235 -19.17 5.41 -52.73
CA LYS C 235 -19.55 6.81 -52.46
C LYS C 235 -18.34 7.71 -52.19
N PHE C 236 -17.45 7.29 -51.28
CA PHE C 236 -16.25 8.07 -51.02
C PHE C 236 -15.36 8.20 -52.27
N ALA C 237 -15.14 7.06 -52.94
CA ALA C 237 -14.39 7.03 -54.20
C ALA C 237 -14.92 8.08 -55.21
N ALA C 238 -16.26 8.14 -55.36
CA ALA C 238 -16.94 9.08 -56.27
C ALA C 238 -16.82 10.55 -55.86
N ALA C 239 -16.78 10.79 -54.55
CA ALA C 239 -16.68 12.14 -53.98
C ALA C 239 -15.26 12.63 -53.87
N GLY C 240 -14.30 11.77 -54.20
CA GLY C 240 -12.90 12.11 -54.09
C GLY C 240 -12.35 12.21 -52.67
N ILE C 241 -12.89 11.43 -51.75
CA ILE C 241 -12.49 11.50 -50.33
C ILE C 241 -12.18 10.09 -49.83
N GLU C 242 -11.54 10.04 -48.65
CA GLU C 242 -10.99 8.81 -48.14
C GLU C 242 -11.34 8.65 -46.68
N TYR C 243 -11.50 7.42 -46.25
CA TYR C 243 -11.50 7.08 -44.82
C TYR C 243 -10.12 6.50 -44.42
N PHE C 244 -9.57 7.00 -43.31
CA PHE C 244 -8.23 6.61 -42.79
C PHE C 244 -8.41 6.22 -41.32
N TYR C 245 -8.10 4.97 -41.00
CA TYR C 245 -8.09 4.48 -39.65
C TYR C 245 -6.65 4.33 -39.20
N THR C 246 -6.37 4.83 -37.98
CA THR C 246 -5.08 4.62 -37.39
C THR C 246 -5.19 4.51 -35.85
N LEU C 247 -4.05 4.48 -35.17
CA LEU C 247 -4.08 4.50 -33.70
C LEU C 247 -4.14 5.92 -33.21
N ILE C 248 -4.80 6.11 -32.06
CA ILE C 248 -5.00 7.43 -31.49
C ILE C 248 -3.72 8.26 -31.25
N ASP C 249 -2.68 7.64 -30.71
CA ASP C 249 -1.41 8.31 -30.51
C ASP C 249 -0.81 8.82 -31.87
N ASP C 250 -0.97 8.02 -32.93
CA ASP C 250 -0.58 8.46 -34.25
C ASP C 250 -1.43 9.62 -34.81
N VAL C 251 -2.74 9.57 -34.59
N VAL C 251 -2.73 9.57 -34.58
CA VAL C 251 -3.59 10.69 -35.09
CA VAL C 251 -3.58 10.64 -35.11
C VAL C 251 -3.23 11.98 -34.39
C VAL C 251 -3.26 11.94 -34.40
N VAL C 252 -3.04 11.94 -33.07
N VAL C 252 -3.03 11.90 -33.08
CA VAL C 252 -2.72 13.18 -32.38
CA VAL C 252 -2.73 13.17 -32.39
C VAL C 252 -1.36 13.75 -32.81
C VAL C 252 -1.37 13.74 -32.82
N ALA C 253 -0.37 12.89 -33.03
CA ALA C 253 0.92 13.33 -33.61
C ALA C 253 0.74 14.03 -34.98
N ARG C 254 -0.05 13.41 -35.85
CA ARG C 254 -0.38 14.00 -37.15
C ARG C 254 -1.09 15.34 -37.07
N MET C 255 -2.04 15.47 -36.13
CA MET C 255 -2.74 16.74 -35.93
C MET C 255 -1.86 17.95 -35.65
N MET C 256 -0.66 17.74 -35.10
CA MET C 256 0.24 18.85 -34.90
C MET C 256 1.00 19.28 -36.15
N LYS C 257 0.86 18.52 -37.23
CA LYS C 257 1.57 18.76 -38.53
C LYS C 257 0.64 18.96 -39.73
N THR C 258 -0.61 18.55 -39.61
CA THR C 258 -1.58 18.57 -40.72
C THR C 258 -1.95 19.98 -41.13
N GLU C 259 -2.39 20.16 -42.38
CA GLU C 259 -2.97 21.40 -42.80
C GLU C 259 -4.44 21.51 -42.33
N GLY C 260 -5.02 20.39 -41.89
CA GLY C 260 -6.45 20.28 -41.45
C GLY C 260 -7.36 19.88 -42.60
N GLY C 261 -8.67 20.09 -42.43
CA GLY C 261 -9.63 19.88 -43.51
C GLY C 261 -10.29 18.51 -43.55
N MET C 262 -10.19 17.74 -42.46
CA MET C 262 -10.83 16.46 -42.31
C MET C 262 -11.91 16.47 -41.21
N LEU C 263 -12.70 15.42 -41.21
CA LEU C 263 -13.53 15.04 -40.09
C LEU C 263 -12.71 14.05 -39.24
N TRP C 264 -12.42 14.45 -38.00
CA TRP C 264 -11.80 13.58 -37.01
C TRP C 264 -12.86 12.92 -36.12
N ALA C 265 -13.18 11.69 -36.50
CA ALA C 265 -14.09 10.93 -35.69
C ALA C 265 -13.39 10.49 -34.42
N CYS C 266 -14.09 10.64 -33.27
CA CYS C 266 -13.57 10.34 -31.94
C CYS C 266 -14.60 9.63 -31.06
N LYS C 267 -14.14 8.58 -30.37
CA LYS C 267 -14.85 7.99 -29.31
C LYS C 267 -15.20 9.12 -28.30
N ASN C 268 -16.15 8.83 -27.46
CA ASN C 268 -16.81 9.81 -26.59
C ASN C 268 -15.77 10.62 -25.82
N TYR C 269 -14.92 9.95 -25.05
CA TYR C 269 -13.93 10.64 -24.20
C TYR C 269 -12.94 11.44 -25.03
N ASP C 270 -12.42 10.80 -26.08
CA ASP C 270 -11.45 11.43 -26.95
C ASP C 270 -12.00 12.68 -27.59
N GLY C 271 -13.28 12.62 -27.97
CA GLY C 271 -13.96 13.70 -28.61
C GLY C 271 -14.19 14.89 -27.63
N ASP C 272 -14.50 14.58 -26.38
CA ASP C 272 -14.66 15.58 -25.31
C ASP C 272 -13.38 16.40 -25.19
N VAL C 273 -12.27 15.70 -24.99
CA VAL C 273 -10.96 16.31 -24.80
C VAL C 273 -10.46 16.98 -26.08
N MET C 274 -10.48 16.24 -27.18
CA MET C 274 -9.89 16.77 -28.42
C MET C 274 -10.67 17.89 -29.07
N SER C 275 -11.99 17.91 -28.89
CA SER C 275 -12.71 19.01 -29.45
C SER C 275 -12.32 20.31 -28.74
N ASP C 276 -12.05 20.24 -27.44
CA ASP C 276 -11.62 21.44 -26.69
C ASP C 276 -10.20 21.85 -27.08
N MET C 277 -9.35 20.87 -27.33
N MET C 277 -9.35 20.87 -27.34
N MET C 277 -9.36 20.86 -27.32
CA MET C 277 -8.00 21.18 -27.79
CA MET C 277 -7.98 21.15 -27.78
CA MET C 277 -7.99 21.09 -27.81
C MET C 277 -8.04 21.91 -29.13
C MET C 277 -8.02 21.87 -29.14
C MET C 277 -8.04 21.87 -29.12
N VAL C 278 -8.83 21.36 -30.06
CA VAL C 278 -8.96 21.96 -31.38
C VAL C 278 -9.62 23.35 -31.33
N ALA C 279 -10.68 23.48 -30.51
CA ALA C 279 -11.35 24.80 -30.32
C ALA C 279 -10.34 25.83 -29.81
N SER C 280 -9.56 25.43 -28.81
CA SER C 280 -8.66 26.36 -28.14
C SER C 280 -7.61 26.78 -29.16
N ALA C 281 -7.07 25.82 -29.91
CA ALA C 281 -6.03 26.12 -30.93
C ALA C 281 -6.55 27.05 -32.03
N PHE C 282 -7.75 26.79 -32.55
CA PHE C 282 -8.31 27.68 -33.52
C PHE C 282 -8.49 29.09 -32.94
N GLY C 283 -8.82 29.21 -31.65
CA GLY C 283 -8.76 30.49 -30.94
C GLY C 283 -9.45 30.62 -29.60
N SER C 284 -10.66 30.04 -29.50
CA SER C 284 -11.44 30.08 -28.28
C SER C 284 -12.44 28.94 -28.25
N LEU C 285 -12.77 28.42 -27.08
N LEU C 285 -12.74 28.44 -27.06
CA LEU C 285 -13.92 27.52 -26.94
CA LEU C 285 -13.87 27.55 -26.86
C LEU C 285 -15.22 28.20 -27.35
C LEU C 285 -15.20 28.20 -27.30
N ALA C 286 -15.24 29.53 -27.28
CA ALA C 286 -16.42 30.28 -27.74
C ALA C 286 -16.50 30.45 -29.25
N MET C 287 -15.42 30.08 -29.96
CA MET C 287 -15.37 30.19 -31.42
C MET C 287 -15.44 28.76 -31.96
N MET C 288 -16.46 28.05 -31.53
CA MET C 288 -16.64 26.62 -31.88
C MET C 288 -18.14 26.34 -31.87
N SER C 289 -18.67 25.69 -32.91
CA SER C 289 -20.08 25.30 -32.93
C SER C 289 -20.18 23.84 -32.43
N SER C 290 -21.39 23.42 -32.03
CA SER C 290 -21.61 22.09 -31.51
C SER C 290 -23.05 21.67 -31.81
N VAL C 291 -23.23 20.54 -32.52
CA VAL C 291 -24.50 19.97 -32.77
C VAL C 291 -24.51 18.46 -32.58
N LEU C 292 -25.42 18.01 -31.72
CA LEU C 292 -25.74 16.62 -31.52
C LEU C 292 -26.69 16.19 -32.60
N VAL C 293 -26.28 15.22 -33.41
CA VAL C 293 -27.09 14.68 -34.49
C VAL C 293 -27.47 13.28 -34.09
N SER C 294 -28.75 13.08 -33.74
CA SER C 294 -29.20 11.81 -33.25
C SER C 294 -29.67 10.90 -34.40
N PRO C 295 -29.48 9.57 -34.23
CA PRO C 295 -29.88 8.63 -35.29
C PRO C 295 -31.39 8.54 -35.48
N TYR C 296 -32.16 9.02 -34.49
CA TYR C 296 -33.63 9.00 -34.52
C TYR C 296 -34.24 10.33 -35.04
N GLY C 297 -33.38 11.23 -35.48
CA GLY C 297 -33.75 12.40 -36.24
C GLY C 297 -33.84 13.67 -35.42
N TYR C 298 -33.32 13.62 -34.19
CA TYR C 298 -33.26 14.77 -33.33
C TYR C 298 -31.94 15.56 -33.49
N PHE C 299 -31.98 16.86 -33.17
CA PHE C 299 -30.79 17.72 -33.22
C PHE C 299 -30.76 18.60 -31.96
N GLU C 300 -29.60 18.70 -31.35
CA GLU C 300 -29.42 19.58 -30.19
C GLU C 300 -28.17 20.45 -30.43
N TYR C 301 -28.42 21.75 -30.53
CA TYR C 301 -27.38 22.76 -30.80
C TYR C 301 -27.02 23.35 -29.46
N GLU C 302 -25.73 23.43 -29.12
CA GLU C 302 -25.37 23.98 -27.81
C GLU C 302 -24.20 24.92 -27.86
N ALA C 303 -24.08 25.71 -26.83
CA ALA C 303 -22.85 26.45 -26.58
C ALA C 303 -21.96 25.59 -25.66
N ALA C 304 -20.92 25.01 -26.27
CA ALA C 304 -20.19 23.92 -25.65
C ALA C 304 -18.97 24.55 -24.95
N HIS C 305 -19.25 25.30 -23.88
CA HIS C 305 -18.18 25.88 -23.10
C HIS C 305 -18.70 26.18 -21.70
N GLY C 306 -17.86 26.81 -20.91
CA GLY C 306 -18.18 27.17 -19.53
C GLY C 306 -19.13 28.33 -19.38
N THR C 307 -19.57 28.54 -18.14
CA THR C 307 -20.66 29.51 -17.85
C THR C 307 -20.02 30.85 -17.36
N VAL C 308 -18.71 30.87 -17.24
CA VAL C 308 -17.93 32.10 -16.95
C VAL C 308 -18.25 32.75 -15.61
N GLN C 309 -18.04 31.97 -14.55
CA GLN C 309 -18.36 32.36 -13.19
C GLN C 309 -17.76 33.74 -12.85
N ARG C 310 -16.51 33.97 -13.20
CA ARG C 310 -15.86 35.23 -12.78
C ARG C 310 -16.50 36.42 -13.45
N HIS C 311 -16.91 36.27 -14.71
CA HIS C 311 -17.61 37.32 -15.40
C HIS C 311 -18.97 37.56 -14.78
N TYR C 312 -19.69 36.48 -14.46
CA TYR C 312 -20.99 36.60 -13.80
C TYR C 312 -20.92 37.43 -12.51
N TYR C 313 -19.90 37.15 -11.69
CA TYR C 313 -19.77 37.91 -10.43
C TYR C 313 -19.54 39.41 -10.67
N GLN C 314 -18.74 39.73 -11.69
CA GLN C 314 -18.55 41.14 -12.16
C GLN C 314 -19.85 41.77 -12.61
N HIS C 315 -20.57 41.08 -13.50
CA HIS C 315 -21.83 41.49 -14.01
C HIS C 315 -22.81 41.88 -12.88
N LEU C 316 -22.88 41.02 -11.87
CA LEU C 316 -23.82 41.23 -10.75
C LEU C 316 -23.49 42.49 -9.92
N LYS C 317 -22.21 42.86 -9.96
CA LYS C 317 -21.68 44.13 -9.42
C LYS C 317 -21.81 45.32 -10.34
N GLY C 318 -22.48 45.13 -11.47
CA GLY C 318 -22.67 46.16 -12.47
C GLY C 318 -21.50 46.48 -13.38
N GLU C 319 -20.55 45.55 -13.50
CA GLU C 319 -19.37 45.74 -14.32
C GLU C 319 -19.56 45.02 -15.66
N ARG C 320 -19.18 45.68 -16.74
CA ARG C 320 -19.19 45.05 -18.09
C ARG C 320 -18.03 44.07 -18.20
N THR C 321 -18.19 43.07 -19.06
CA THR C 321 -17.32 41.90 -19.12
C THR C 321 -16.90 41.73 -20.60
N SER C 322 -15.87 40.93 -20.82
CA SER C 322 -15.34 40.63 -22.13
C SER C 322 -15.83 39.26 -22.64
N THR C 323 -16.86 38.72 -22.02
CA THR C 323 -17.39 37.41 -22.43
C THR C 323 -17.66 37.36 -23.93
N ASN C 324 -17.16 36.28 -24.57
CA ASN C 324 -17.40 36.09 -26.00
C ASN C 324 -18.71 35.30 -26.22
N PRO C 325 -19.75 35.93 -26.80
CA PRO C 325 -21.05 35.26 -27.02
C PRO C 325 -21.21 34.57 -28.36
N VAL C 326 -20.12 34.43 -29.13
CA VAL C 326 -20.28 33.89 -30.47
C VAL C 326 -20.87 32.48 -30.52
N ALA C 327 -20.39 31.59 -29.65
CA ALA C 327 -20.94 30.24 -29.60
C ALA C 327 -22.40 30.25 -29.17
N LEU C 328 -22.79 31.18 -28.28
CA LEU C 328 -24.25 31.29 -27.93
C LEU C 328 -25.08 31.66 -29.17
N ILE C 329 -24.59 32.63 -29.92
CA ILE C 329 -25.22 33.11 -31.12
C ILE C 329 -25.35 31.99 -32.16
N TYR C 330 -24.24 31.30 -32.39
CA TYR C 330 -24.19 30.17 -33.35
C TYR C 330 -25.03 28.98 -32.92
N ALA C 331 -25.24 28.81 -31.62
CA ALA C 331 -26.16 27.75 -31.20
C ALA C 331 -27.57 28.12 -31.66
N TRP C 332 -27.94 29.36 -31.43
CA TRP C 332 -29.26 29.84 -31.86
C TRP C 332 -29.46 29.79 -33.38
N THR C 333 -28.44 30.27 -34.12
CA THR C 333 -28.55 30.31 -35.60
C THR C 333 -28.53 28.86 -36.15
N GLY C 334 -27.80 27.94 -35.50
CA GLY C 334 -27.74 26.57 -35.96
C GLY C 334 -29.06 25.88 -35.75
N ALA C 335 -29.65 26.11 -34.57
CA ALA C 335 -30.91 25.49 -34.23
C ALA C 335 -32.05 26.09 -35.05
N LEU C 336 -32.10 27.42 -35.13
CA LEU C 336 -33.17 28.04 -35.95
C LEU C 336 -33.05 27.62 -37.45
N ARG C 337 -31.83 27.47 -37.99
CA ARG C 337 -31.68 27.07 -39.37
C ARG C 337 -32.28 25.65 -39.52
N LYS C 338 -31.93 24.74 -38.61
CA LYS C 338 -32.41 23.37 -38.72
C LYS C 338 -33.94 23.32 -38.62
N ARG C 339 -34.48 24.12 -37.70
CA ARG C 339 -35.94 24.22 -37.50
C ARG C 339 -36.55 24.67 -38.84
N GLY C 340 -35.94 25.69 -39.47
CA GLY C 340 -36.43 26.22 -40.73
C GLY C 340 -36.39 25.19 -41.84
N GLU C 341 -35.30 24.43 -41.88
CA GLU C 341 -35.17 23.33 -42.84
C GLU C 341 -36.27 22.28 -42.69
N LEU C 342 -36.47 21.82 -41.46
CA LEU C 342 -37.51 20.82 -41.16
C LEU C 342 -38.90 21.37 -41.48
N ASP C 343 -39.12 22.64 -41.24
CA ASP C 343 -40.41 23.28 -41.45
C ASP C 343 -40.69 23.81 -42.87
N GLY C 344 -39.68 23.91 -43.72
CA GLY C 344 -39.82 24.57 -45.05
C GLY C 344 -40.10 26.07 -44.89
N THR C 345 -39.33 26.73 -44.03
CA THR C 345 -39.46 28.17 -43.85
C THR C 345 -38.05 28.72 -44.21
N PRO C 346 -37.74 28.85 -45.52
CA PRO C 346 -36.42 29.25 -45.97
C PRO C 346 -36.01 30.64 -45.51
N ASP C 347 -36.96 31.53 -45.22
CA ASP C 347 -36.59 32.88 -44.78
C ASP C 347 -35.87 32.83 -43.42
N LEU C 348 -36.26 31.88 -42.60
CA LEU C 348 -35.58 31.66 -41.30
C LEU C 348 -34.14 31.20 -41.54
N CYS C 349 -33.92 30.24 -42.44
CA CYS C 349 -32.59 29.76 -42.72
C CYS C 349 -31.68 30.89 -43.26
N ALA C 350 -32.23 31.67 -44.19
CA ALA C 350 -31.58 32.84 -44.77
C ALA C 350 -31.17 33.83 -43.66
N PHE C 351 -32.05 34.06 -42.69
CA PHE C 351 -31.74 35.04 -41.65
C PHE C 351 -30.53 34.50 -40.84
N CYS C 352 -30.57 33.19 -40.55
CA CYS C 352 -29.45 32.52 -39.83
C CYS C 352 -28.11 32.64 -40.56
N ASP C 353 -28.09 32.41 -41.88
CA ASP C 353 -26.92 32.68 -42.70
C ASP C 353 -26.46 34.14 -42.54
N SER C 354 -27.39 35.11 -42.60
CA SER C 354 -27.03 36.53 -42.49
C SER C 354 -26.40 36.85 -41.16
N LEU C 355 -26.99 36.33 -40.10
CA LEU C 355 -26.52 36.66 -38.75
C LEU C 355 -25.14 36.04 -38.53
N GLU C 356 -24.92 34.79 -38.97
CA GLU C 356 -23.60 34.18 -38.84
C GLU C 356 -22.57 35.04 -39.62
N ALA C 357 -22.92 35.42 -40.85
CA ALA C 357 -22.06 36.26 -41.73
C ALA C 357 -21.74 37.65 -41.13
N ILE C 358 -22.73 38.29 -40.52
CA ILE C 358 -22.57 39.57 -39.84
C ILE C 358 -21.60 39.49 -38.65
N THR C 359 -21.71 38.39 -37.91
CA THR C 359 -20.86 38.09 -36.75
C THR C 359 -19.39 38.00 -37.17
N ILE C 360 -19.12 37.21 -38.20
CA ILE C 360 -17.77 37.09 -38.76
C ILE C 360 -17.27 38.42 -39.30
N GLU C 361 -18.12 39.10 -40.06
CA GLU C 361 -17.75 40.36 -40.68
C GLU C 361 -17.39 41.39 -39.62
N CYS C 362 -18.18 41.45 -38.54
CA CYS C 362 -17.94 42.39 -37.44
C CYS C 362 -16.54 42.18 -36.82
N ILE C 363 -16.21 40.92 -36.52
CA ILE C 363 -14.90 40.60 -35.95
C ILE C 363 -13.76 40.89 -36.93
N GLU C 364 -13.92 40.45 -38.18
CA GLU C 364 -12.88 40.68 -39.25
C GLU C 364 -12.68 42.17 -39.57
N SER C 365 -13.69 43.00 -39.31
CA SER C 365 -13.59 44.47 -39.46
C SER C 365 -12.93 45.11 -38.23
N GLY C 366 -12.67 44.31 -37.20
CA GLY C 366 -11.91 44.75 -36.04
C GLY C 366 -12.68 45.15 -34.79
N TYR C 367 -13.93 44.74 -34.72
CA TYR C 367 -14.82 45.06 -33.60
C TYR C 367 -15.14 43.72 -32.94
N MET C 368 -14.62 43.52 -31.74
CA MET C 368 -14.62 42.21 -31.13
C MET C 368 -14.48 42.31 -29.64
N THR C 369 -14.77 41.20 -28.97
CA THR C 369 -14.52 41.06 -27.55
C THR C 369 -13.04 40.89 -27.22
N GLY C 370 -12.73 41.14 -25.94
CA GLY C 370 -11.35 41.21 -25.43
C GLY C 370 -10.47 40.02 -25.64
N ASP C 371 -11.06 38.85 -25.48
CA ASP C 371 -10.38 37.57 -25.74
C ASP C 371 -9.83 37.47 -27.16
N LEU C 372 -10.66 37.87 -28.12
CA LEU C 372 -10.25 37.83 -29.52
C LEU C 372 -9.21 38.91 -29.83
N ALA C 373 -9.37 40.07 -29.23
CA ALA C 373 -8.48 41.22 -29.47
C ALA C 373 -7.08 40.90 -28.98
N ARG C 374 -6.97 39.99 -28.02
CA ARG C 374 -5.65 39.56 -27.54
C ARG C 374 -4.89 38.67 -28.51
N ILE C 375 -5.57 38.04 -29.46
CA ILE C 375 -4.96 37.07 -30.41
C ILE C 375 -5.10 37.40 -31.91
N CYS C 376 -5.80 38.48 -32.23
CA CYS C 376 -5.99 38.88 -33.60
C CYS C 376 -4.74 39.61 -34.15
N GLU C 377 -4.64 39.60 -35.46
CA GLU C 377 -3.63 40.40 -36.18
C GLU C 377 -4.25 40.78 -37.52
N PRO C 378 -4.31 42.09 -37.81
CA PRO C 378 -3.76 43.20 -37.06
C PRO C 378 -4.56 43.49 -35.78
N ALA C 379 -4.12 44.49 -35.01
CA ALA C 379 -4.83 44.85 -33.79
C ALA C 379 -6.28 45.24 -34.01
N ALA C 380 -7.14 44.93 -33.04
CA ALA C 380 -8.55 45.29 -33.10
C ALA C 380 -8.71 46.80 -33.26
N ILE C 381 -9.73 47.25 -33.97
CA ILE C 381 -10.04 48.69 -34.04
C ILE C 381 -10.70 49.16 -32.74
N LYS C 382 -11.60 48.33 -32.19
CA LYS C 382 -12.27 48.63 -30.93
C LYS C 382 -12.65 47.33 -30.24
N VAL C 383 -12.25 47.22 -28.97
CA VAL C 383 -12.66 46.14 -28.09
C VAL C 383 -14.05 46.48 -27.53
N LEU C 384 -15.02 45.63 -27.82
CA LEU C 384 -16.43 45.80 -27.38
C LEU C 384 -16.69 44.87 -26.21
N ASP C 385 -17.35 45.38 -25.15
CA ASP C 385 -17.77 44.49 -24.08
C ASP C 385 -18.83 43.56 -24.66
N SER C 386 -19.24 42.60 -23.86
CA SER C 386 -20.06 41.50 -24.37
C SER C 386 -21.42 42.02 -24.83
N ILE C 387 -21.95 42.99 -24.07
CA ILE C 387 -23.24 43.56 -24.35
C ILE C 387 -23.16 44.56 -25.51
N GLU C 388 -22.10 45.36 -25.54
CA GLU C 388 -21.78 46.19 -26.70
C GLU C 388 -21.65 45.41 -27.98
N PHE C 389 -20.99 44.26 -27.88
CA PHE C 389 -20.78 43.34 -29.03
C PHE C 389 -22.13 42.87 -29.62
N ILE C 390 -23.00 42.34 -28.78
CA ILE C 390 -24.37 42.00 -29.16
C ILE C 390 -25.12 43.17 -29.78
N ASP C 391 -25.08 44.33 -29.12
CA ASP C 391 -25.79 45.50 -29.66
C ASP C 391 -25.31 45.89 -31.05
N GLU C 392 -24.00 45.84 -31.28
CA GLU C 392 -23.37 46.13 -32.57
C GLU C 392 -23.84 45.19 -33.68
N LEU C 393 -23.94 43.90 -33.37
CA LEU C 393 -24.51 42.95 -34.30
C LEU C 393 -25.98 43.31 -34.60
N GLY C 394 -26.74 43.63 -33.55
CA GLY C 394 -28.15 44.05 -33.69
C GLY C 394 -28.30 45.23 -34.67
N LYS C 395 -27.40 46.19 -34.57
CA LYS C 395 -27.38 47.38 -35.48
C LYS C 395 -27.07 47.04 -36.93
N ARG C 396 -26.17 46.08 -37.13
CA ARG C 396 -25.82 45.60 -38.44
C ARG C 396 -26.99 44.84 -39.08
N LEU C 397 -27.73 44.08 -38.26
CA LEU C 397 -28.96 43.42 -38.71
C LEU C 397 -30.04 44.43 -39.08
N GLN C 398 -30.15 45.49 -38.29
CA GLN C 398 -31.11 46.57 -38.57
C GLN C 398 -30.80 47.25 -39.90
N GLN C 399 -29.51 47.45 -40.18
CA GLN C 399 -29.06 48.08 -41.41
C GLN C 399 -29.30 47.14 -42.57
N LEU C 400 -29.20 45.84 -42.34
CA LEU C 400 -29.61 44.81 -43.32
C LEU C 400 -31.14 44.59 -43.26
N ASN C 401 -31.90 45.63 -42.90
CA ASN C 401 -33.31 45.52 -42.50
C ASN C 401 -33.94 44.19 -42.86
N LYS C 402 -34.60 44.17 -41.64
CA LYS C 402 -35.82 43.02 -41.10
C LYS C 402 -35.67 44.30 -40.29
N MET D 1 43.18 5.56 -20.89
CA MET D 1 42.20 4.91 -20.01
C MET D 1 40.69 5.09 -20.57
N LYS D 2 39.88 4.12 -20.95
CA LYS D 2 38.46 4.40 -21.28
C LYS D 2 37.66 4.63 -20.01
N ILE D 3 36.48 5.22 -20.13
CA ILE D 3 35.63 5.42 -18.96
C ILE D 3 35.20 4.06 -18.38
N GLN D 4 35.39 3.94 -17.06
CA GLN D 4 35.11 2.73 -16.32
C GLN D 4 33.71 2.69 -15.78
N MET D 5 33.08 1.54 -15.89
CA MET D 5 31.73 1.32 -15.35
C MET D 5 31.77 0.34 -14.15
N LYS D 6 31.07 0.66 -13.07
CA LYS D 6 30.99 -0.26 -11.91
C LYS D 6 29.95 -1.41 -12.08
N THR D 7 28.78 -1.07 -12.66
CA THR D 7 27.67 -2.01 -12.81
C THR D 7 27.23 -2.02 -14.26
N PRO D 8 26.92 -3.20 -14.81
CA PRO D 8 26.42 -3.19 -16.18
C PRO D 8 25.02 -2.54 -16.34
N LEU D 9 24.79 -1.97 -17.50
CA LEU D 9 23.46 -1.58 -17.93
C LEU D 9 22.74 -2.80 -18.47
N VAL D 10 21.42 -2.90 -18.26
CA VAL D 10 20.67 -3.95 -18.92
C VAL D 10 20.20 -3.37 -20.26
N GLU D 11 20.43 -4.12 -21.34
CA GLU D 11 20.23 -3.62 -22.71
C GLU D 11 19.19 -4.46 -23.39
N LEU D 12 18.10 -3.81 -23.81
CA LEU D 12 16.97 -4.43 -24.44
C LEU D 12 16.93 -3.98 -25.90
N ASP D 13 17.31 -4.91 -26.79
CA ASP D 13 17.31 -4.63 -28.24
C ASP D 13 15.90 -4.72 -28.83
N GLY D 14 15.76 -4.22 -30.06
CA GLY D 14 14.46 -3.97 -30.66
C GLY D 14 14.40 -4.41 -32.12
N ASP D 15 13.62 -3.66 -32.90
CA ASP D 15 13.25 -4.10 -34.23
C ASP D 15 13.61 -3.14 -35.36
N GLU D 16 13.62 -3.73 -36.57
CA GLU D 16 13.69 -2.99 -37.82
C GLU D 16 14.81 -1.91 -37.82
N MET D 17 14.50 -0.66 -38.18
CA MET D 17 15.58 0.35 -38.43
C MET D 17 16.29 0.75 -37.15
N THR D 18 15.52 0.81 -36.05
CA THR D 18 16.11 1.14 -34.77
C THR D 18 17.04 -0.01 -34.34
N ARG D 19 16.73 -1.25 -34.71
CA ARG D 19 17.65 -2.39 -34.48
C ARG D 19 18.95 -2.21 -35.27
N VAL D 20 18.80 -1.76 -36.50
CA VAL D 20 19.93 -1.48 -37.40
C VAL D 20 20.93 -0.46 -36.84
N LEU D 21 20.41 0.65 -36.32
CA LEU D 21 21.21 1.79 -35.86
C LEU D 21 21.88 1.57 -34.51
N TRP D 22 21.27 0.72 -33.71
CA TRP D 22 21.67 0.45 -32.32
C TRP D 22 23.15 0.06 -32.18
N PRO D 23 23.61 -0.95 -32.95
CA PRO D 23 25.08 -1.24 -32.90
C PRO D 23 26.00 -0.13 -33.45
N LEU D 24 25.53 0.65 -34.40
CA LEU D 24 26.32 1.78 -34.92
C LEU D 24 26.50 2.86 -33.85
N ILE D 25 25.47 3.10 -33.05
CA ILE D 25 25.59 4.01 -31.90
C ILE D 25 26.64 3.49 -30.91
N LYS D 26 26.57 2.22 -30.58
CA LYS D 26 27.57 1.61 -29.67
C LYS D 26 28.98 1.76 -30.26
N ASP D 27 29.13 1.31 -31.50
CA ASP D 27 30.40 1.29 -32.22
C ASP D 27 31.07 2.66 -32.31
N LYS D 28 30.28 3.68 -32.71
CA LYS D 28 30.80 5.04 -32.99
C LYS D 28 30.78 5.98 -31.81
N LEU D 29 29.79 5.85 -30.91
CA LEU D 29 29.59 6.87 -29.86
C LEU D 29 29.95 6.43 -28.45
N LEU D 30 29.93 5.12 -28.19
CA LEU D 30 30.12 4.63 -26.83
C LEU D 30 31.43 3.85 -26.65
N LEU D 31 31.57 2.79 -27.42
CA LEU D 31 32.63 1.81 -27.23
C LEU D 31 34.04 2.43 -27.36
N PRO D 32 34.23 3.46 -28.25
CA PRO D 32 35.54 4.12 -28.28
C PRO D 32 35.97 4.86 -26.99
N PHE D 33 35.04 5.14 -26.09
CA PHE D 33 35.25 6.09 -25.01
C PHE D 33 34.97 5.54 -23.63
N ILE D 34 34.27 4.41 -23.62
CA ILE D 34 33.78 3.79 -22.44
C ILE D 34 34.02 2.31 -22.54
N ASP D 35 34.51 1.74 -21.44
CA ASP D 35 34.51 0.29 -21.26
C ASP D 35 33.09 -0.20 -20.90
N LEU D 36 32.24 -0.24 -21.91
CA LEU D 36 30.80 -0.48 -21.76
C LEU D 36 30.49 -1.91 -21.34
N GLN D 37 29.76 -2.04 -20.24
CA GLN D 37 29.29 -3.31 -19.74
C GLN D 37 27.77 -3.28 -19.83
N THR D 38 27.23 -4.31 -20.45
CA THR D 38 25.85 -4.51 -20.68
C THR D 38 25.47 -5.99 -20.48
N GLU D 39 24.27 -6.22 -19.96
CA GLU D 39 23.62 -7.52 -19.96
C GLU D 39 22.56 -7.49 -21.03
N TYR D 40 22.78 -8.25 -22.10
CA TYR D 40 22.00 -8.08 -23.35
C TYR D 40 20.76 -8.98 -23.45
N TYR D 41 19.63 -8.35 -23.73
CA TYR D 41 18.36 -9.05 -23.99
C TYR D 41 17.80 -8.64 -25.33
N ASP D 42 17.59 -9.60 -26.21
CA ASP D 42 17.05 -9.33 -27.49
C ASP D 42 15.51 -9.32 -27.45
N LEU D 43 14.92 -8.12 -27.42
CA LEU D 43 13.46 -8.03 -27.57
C LEU D 43 13.02 -7.77 -29.02
N GLY D 44 13.86 -8.11 -29.98
CA GLY D 44 13.41 -8.25 -31.35
C GLY D 44 12.20 -9.19 -31.38
N ILE D 45 11.30 -8.92 -32.30
CA ILE D 45 10.02 -9.65 -32.45
C ILE D 45 10.24 -11.16 -32.62
N GLU D 46 11.33 -11.53 -33.28
CA GLU D 46 11.59 -12.96 -33.57
C GLU D 46 12.06 -13.72 -32.31
N GLU D 47 12.86 -13.07 -31.46
CA GLU D 47 13.25 -13.68 -30.19
C GLU D 47 12.10 -13.69 -29.16
N ARG D 48 11.21 -12.69 -29.20
CA ARG D 48 10.02 -12.71 -28.35
C ARG D 48 9.10 -13.87 -28.80
N ASP D 49 8.92 -14.01 -30.11
CA ASP D 49 8.17 -15.13 -30.68
C ASP D 49 8.75 -16.47 -30.26
N ARG D 50 10.08 -16.59 -30.37
CA ARG D 50 10.78 -17.84 -30.09
C ARG D 50 10.64 -18.26 -28.62
N THR D 51 10.75 -17.31 -27.71
CA THR D 51 10.70 -17.55 -26.26
C THR D 51 9.29 -17.42 -25.68
N ASN D 52 8.29 -17.28 -26.55
CA ASN D 52 6.90 -17.05 -26.12
C ASN D 52 6.75 -15.82 -25.22
N ASP D 53 7.48 -14.77 -25.60
CA ASP D 53 7.59 -13.52 -24.84
C ASP D 53 8.29 -13.63 -23.51
N GLN D 54 8.93 -14.76 -23.21
CA GLN D 54 9.66 -14.89 -21.96
C GLN D 54 10.83 -13.93 -21.87
N ILE D 55 11.48 -13.67 -23.02
CA ILE D 55 12.67 -12.80 -23.01
C ILE D 55 12.33 -11.40 -22.39
N THR D 56 11.09 -10.98 -22.60
CA THR D 56 10.62 -9.64 -22.16
C THR D 56 10.56 -9.63 -20.63
N ILE D 57 9.95 -10.70 -20.11
CA ILE D 57 9.96 -10.99 -18.64
C ILE D 57 11.35 -11.02 -18.04
N ASP D 58 12.26 -11.82 -18.61
CA ASP D 58 13.65 -11.96 -18.12
C ASP D 58 14.40 -10.61 -18.10
N ALA D 59 14.17 -9.81 -19.13
CA ALA D 59 14.82 -8.50 -19.25
C ALA D 59 14.36 -7.56 -18.14
N ALA D 60 13.04 -7.54 -17.88
CA ALA D 60 12.47 -6.76 -16.80
C ALA D 60 13.06 -7.17 -15.45
N GLU D 61 13.17 -8.48 -15.24
CA GLU D 61 13.75 -9.01 -14.00
C GLU D 61 15.20 -8.58 -13.84
N ALA D 62 15.96 -8.63 -14.92
CA ALA D 62 17.32 -8.05 -14.94
C ALA D 62 17.42 -6.55 -14.56
N ILE D 63 16.48 -5.73 -15.05
CA ILE D 63 16.46 -4.33 -14.64
C ILE D 63 16.28 -4.20 -13.13
N LYS D 64 15.37 -5.01 -12.57
CA LYS D 64 15.20 -5.06 -11.10
C LYS D 64 16.53 -5.45 -10.39
N LYS D 65 17.26 -6.39 -10.97
CA LYS D 65 18.52 -6.89 -10.38
C LYS D 65 19.60 -5.82 -10.39
N TYR D 66 19.74 -5.16 -11.54
CA TYR D 66 20.85 -4.22 -11.74
C TYR D 66 20.49 -2.78 -11.45
N GLY D 67 19.26 -2.40 -11.83
CA GLY D 67 18.70 -1.13 -11.45
C GLY D 67 18.35 -0.20 -12.61
N VAL D 68 19.07 -0.35 -13.72
CA VAL D 68 18.91 0.56 -14.89
C VAL D 68 18.90 -0.21 -16.19
N GLY D 69 17.88 0.04 -16.99
CA GLY D 69 17.82 -0.48 -18.33
C GLY D 69 17.76 0.59 -19.41
N VAL D 70 18.20 0.20 -20.61
CA VAL D 70 18.09 0.99 -21.82
C VAL D 70 17.38 0.12 -22.85
N LYS D 71 16.35 0.69 -23.49
CA LYS D 71 15.46 -0.08 -24.34
C LYS D 71 15.34 0.54 -25.73
N ASN D 72 15.56 -0.30 -26.73
CA ASN D 72 15.41 0.03 -28.14
C ASN D 72 13.92 -0.04 -28.49
N ALA D 73 13.49 0.66 -29.55
CA ALA D 73 12.11 0.58 -30.03
C ALA D 73 11.78 -0.84 -30.53
N THR D 74 10.56 -1.28 -30.21
CA THR D 74 10.03 -2.62 -30.55
C THR D 74 8.72 -2.55 -31.31
N ILE D 75 8.42 -3.63 -32.03
CA ILE D 75 7.13 -3.83 -32.63
C ILE D 75 6.12 -4.41 -31.63
N THR D 76 4.95 -3.81 -31.55
CA THR D 76 3.79 -4.45 -30.88
C THR D 76 2.90 -5.02 -31.99
N PRO D 77 2.96 -6.37 -32.23
CA PRO D 77 2.44 -6.87 -33.53
C PRO D 77 0.93 -6.92 -33.67
N ASN D 78 0.44 -6.26 -34.69
CA ASN D 78 -0.92 -6.42 -35.13
C ASN D 78 -0.97 -7.62 -36.09
N GLN D 79 -2.11 -7.89 -36.69
CA GLN D 79 -2.23 -9.07 -37.57
C GLN D 79 -1.34 -8.97 -38.82
N ASP D 80 -1.17 -7.77 -39.40
CA ASP D 80 -0.17 -7.57 -40.49
C ASP D 80 1.22 -8.05 -40.09
N ARG D 81 1.63 -7.74 -38.86
CA ARG D 81 2.96 -8.15 -38.37
C ARG D 81 3.05 -9.64 -38.07
N VAL D 82 1.96 -10.22 -37.56
CA VAL D 82 1.86 -11.68 -37.40
C VAL D 82 2.09 -12.36 -38.76
N GLU D 83 1.49 -11.79 -39.79
CA GLU D 83 1.60 -12.36 -41.13
C GLU D 83 3.03 -12.13 -41.65
N GLU D 84 3.50 -10.90 -41.51
CA GLU D 84 4.84 -10.52 -41.99
C GLU D 84 5.94 -11.39 -41.41
N TYR D 85 5.89 -11.66 -40.11
CA TYR D 85 6.91 -12.43 -39.42
C TYR D 85 6.53 -13.88 -39.09
N GLY D 86 5.31 -14.28 -39.44
CA GLY D 86 4.83 -15.62 -39.14
C GLY D 86 4.79 -15.88 -37.64
N LEU D 87 4.19 -14.96 -36.90
CA LEU D 87 4.20 -15.05 -35.45
C LEU D 87 3.15 -16.03 -34.95
N LYS D 88 3.37 -16.55 -33.75
CA LYS D 88 2.44 -17.43 -33.06
C LYS D 88 1.16 -16.69 -32.65
N GLU D 89 1.35 -15.47 -32.15
CA GLU D 89 0.24 -14.63 -31.71
C GLU D 89 0.63 -13.17 -31.69
N GLN D 90 -0.38 -12.34 -31.41
CA GLN D 90 -0.20 -10.90 -31.18
C GLN D 90 0.34 -10.71 -29.77
N TRP D 91 1.66 -10.88 -29.64
CA TRP D 91 2.33 -10.70 -28.37
C TRP D 91 2.01 -9.30 -27.84
N LYS D 92 1.79 -9.24 -26.52
CA LYS D 92 1.52 -7.97 -25.82
C LYS D 92 2.72 -7.00 -25.94
N SER D 93 2.41 -5.70 -26.03
CA SER D 93 3.44 -4.65 -25.95
C SER D 93 4.48 -4.94 -24.86
N PRO D 94 5.74 -5.05 -25.26
CA PRO D 94 6.80 -5.23 -24.27
C PRO D 94 7.00 -3.98 -23.39
N ASN D 95 6.65 -2.81 -23.93
CA ASN D 95 6.57 -1.60 -23.10
C ASN D 95 5.56 -1.71 -21.95
N ALA D 96 4.37 -2.21 -22.27
CA ALA D 96 3.28 -2.45 -21.28
C ALA D 96 3.70 -3.48 -20.23
N THR D 97 4.41 -4.51 -20.67
CA THR D 97 4.89 -5.56 -19.77
C THR D 97 5.93 -5.04 -18.81
N VAL D 98 6.90 -4.32 -19.32
CA VAL D 98 7.91 -3.78 -18.43
C VAL D 98 7.28 -2.82 -17.45
N ARG D 99 6.39 -1.97 -17.91
N ARG D 99 6.40 -1.97 -17.93
CA ARG D 99 5.76 -0.98 -17.02
CA ARG D 99 5.75 -0.96 -17.08
C ARG D 99 4.95 -1.66 -15.91
C ARG D 99 4.93 -1.63 -15.95
N ALA D 100 4.32 -2.77 -16.27
CA ALA D 100 3.46 -3.51 -15.32
C ALA D 100 4.29 -4.19 -14.24
N MET D 101 5.47 -4.67 -14.64
CA MET D 101 6.39 -5.35 -13.73
C MET D 101 7.13 -4.41 -12.81
N LEU D 102 7.42 -3.20 -13.28
CA LEU D 102 8.26 -2.25 -12.54
C LEU D 102 7.45 -1.20 -11.81
N ASP D 103 6.26 -0.85 -12.35
CA ASP D 103 5.48 0.28 -11.90
C ASP D 103 6.31 1.58 -12.11
N GLY D 104 5.67 2.72 -11.85
CA GLY D 104 6.36 4.00 -11.90
C GLY D 104 5.63 5.06 -12.74
N THR D 105 6.40 6.09 -13.07
CA THR D 105 5.97 7.23 -13.87
C THR D 105 6.98 7.40 -15.01
N VAL D 106 6.47 7.58 -16.22
CA VAL D 106 7.33 7.74 -17.40
C VAL D 106 7.43 9.24 -17.68
N PHE D 107 8.62 9.80 -17.55
CA PHE D 107 8.80 11.22 -17.87
C PHE D 107 9.31 11.41 -19.30
N ARG D 108 8.53 12.17 -20.11
CA ARG D 108 8.81 12.42 -21.52
C ARG D 108 9.05 13.91 -21.74
N LYS D 109 10.22 14.21 -22.32
CA LYS D 109 10.70 15.59 -22.39
C LYS D 109 11.27 15.86 -23.76
N PRO D 110 10.84 16.97 -24.38
CA PRO D 110 11.34 17.27 -25.71
C PRO D 110 12.83 17.56 -25.64
N ILE D 111 13.47 17.15 -26.72
CA ILE D 111 14.86 17.44 -27.00
C ILE D 111 14.84 18.60 -27.94
N MET D 112 15.06 19.81 -27.39
CA MET D 112 14.79 21.04 -28.14
C MET D 112 16.06 21.55 -28.79
N VAL D 113 15.89 22.09 -30.00
CA VAL D 113 16.96 22.81 -30.70
C VAL D 113 16.45 24.19 -31.11
N LYS D 114 17.37 25.13 -31.07
CA LYS D 114 17.08 26.53 -31.29
C LYS D 114 16.52 26.84 -32.66
N ASN D 115 16.85 25.99 -33.63
CA ASN D 115 16.48 26.15 -35.01
C ASN D 115 15.25 25.39 -35.47
N ILE D 116 14.43 24.91 -34.54
CA ILE D 116 13.14 24.36 -34.91
C ILE D 116 12.08 25.00 -34.03
N LYS D 117 11.10 25.64 -34.66
CA LYS D 117 10.00 26.28 -33.93
C LYS D 117 8.96 25.19 -33.62
N PRO D 118 8.43 25.16 -32.39
CA PRO D 118 7.28 24.25 -32.11
C PRO D 118 6.07 24.56 -32.99
N SER D 119 5.29 23.53 -33.28
CA SER D 119 3.97 23.64 -33.97
C SER D 119 3.02 24.62 -33.30
N VAL D 120 3.06 24.64 -31.98
CA VAL D 120 2.24 25.49 -31.16
C VAL D 120 2.96 26.80 -30.90
N ARG D 121 2.39 27.86 -31.43
CA ARG D 121 3.06 29.17 -31.53
C ARG D 121 3.52 29.74 -30.18
N SER D 122 2.70 29.56 -29.16
CA SER D 122 3.00 30.05 -27.83
C SER D 122 4.14 29.31 -27.09
N TRP D 123 4.46 28.09 -27.48
CA TRP D 123 5.43 27.30 -26.69
C TRP D 123 6.83 27.91 -26.80
N GLN D 124 7.39 28.31 -25.65
CA GLN D 124 8.75 28.84 -25.57
C GLN D 124 9.65 28.02 -24.62
N LYS D 125 9.07 27.13 -23.85
CA LYS D 125 9.80 26.33 -22.85
C LYS D 125 9.30 24.89 -22.97
N PRO D 126 10.13 23.91 -22.54
CA PRO D 126 9.73 22.51 -22.69
C PRO D 126 8.48 22.25 -21.85
N ILE D 127 7.69 21.32 -22.29
CA ILE D 127 6.60 20.78 -21.48
C ILE D 127 6.99 19.32 -21.29
N VAL D 128 7.06 18.89 -20.04
CA VAL D 128 7.33 17.50 -19.70
C VAL D 128 6.02 16.84 -19.35
N VAL D 129 5.80 15.67 -19.91
CA VAL D 129 4.65 14.83 -19.56
C VAL D 129 5.13 13.75 -18.58
N GLY D 130 4.48 13.68 -17.42
CA GLY D 130 4.76 12.62 -16.44
C GLY D 130 3.59 11.66 -16.47
N ARG D 131 3.79 10.54 -17.11
CA ARG D 131 2.73 9.57 -17.36
C ARG D 131 2.75 8.47 -16.32
N HIS D 132 1.64 8.29 -15.61
CA HIS D 132 1.46 7.11 -14.75
C HIS D 132 1.60 5.84 -15.57
N ALA D 133 2.55 4.99 -15.17
CA ALA D 133 2.92 3.81 -16.00
C ALA D 133 2.09 2.57 -15.79
N TYR D 134 1.25 2.58 -14.75
CA TYR D 134 0.62 1.38 -14.27
C TYR D 134 -0.92 1.42 -14.39
N GLY D 135 -1.47 0.28 -14.77
CA GLY D 135 -2.90 0.01 -14.71
C GLY D 135 -3.76 0.78 -15.69
N ASP D 136 -4.96 1.09 -15.24
CA ASP D 136 -6.03 1.59 -16.09
C ASP D 136 -6.19 0.62 -17.28
N PHE D 137 -6.49 1.11 -18.48
CA PHE D 137 -6.84 0.17 -19.56
C PHE D 137 -5.66 -0.61 -20.16
N TYR D 138 -4.44 -0.41 -19.64
CA TYR D 138 -3.28 -1.21 -20.07
C TYR D 138 -3.33 -2.60 -19.44
N LYS D 139 -4.18 -2.78 -18.41
CA LYS D 139 -4.52 -4.11 -17.88
C LYS D 139 -6.05 -4.28 -17.87
N ASN D 140 -6.61 -4.50 -19.05
CA ASN D 140 -8.03 -4.43 -19.17
C ASN D 140 -8.62 -5.82 -19.10
N ALA D 141 -9.90 -5.91 -18.74
CA ALA D 141 -10.68 -7.12 -19.07
C ALA D 141 -11.79 -6.67 -19.98
N GLU D 142 -12.10 -7.47 -21.00
CA GLU D 142 -13.16 -7.11 -21.94
C GLU D 142 -14.01 -8.31 -22.32
N ILE D 143 -15.28 -8.03 -22.60
CA ILE D 143 -16.25 -9.01 -23.06
C ILE D 143 -17.05 -8.43 -24.21
N PHE D 144 -17.20 -9.18 -25.31
CA PHE D 144 -18.17 -8.83 -26.32
C PHE D 144 -19.43 -9.61 -25.96
N ALA D 145 -20.42 -8.87 -25.48
CA ALA D 145 -21.66 -9.45 -24.95
C ALA D 145 -22.68 -9.49 -26.10
N GLU D 146 -22.55 -10.54 -26.89
CA GLU D 146 -23.25 -10.64 -28.16
C GLU D 146 -24.77 -10.77 -27.98
N ALA D 147 -25.19 -11.20 -26.80
CA ALA D 147 -26.61 -11.26 -26.40
C ALA D 147 -27.01 -10.14 -25.44
N GLY D 148 -26.10 -9.22 -25.14
CA GLY D 148 -26.37 -8.28 -24.08
C GLY D 148 -26.48 -8.86 -22.69
N GLY D 149 -27.22 -8.17 -21.82
CA GLY D 149 -27.41 -8.62 -20.47
C GLY D 149 -27.15 -7.53 -19.46
N LYS D 150 -27.04 -7.97 -18.23
CA LYS D 150 -26.73 -7.10 -17.12
C LYS D 150 -25.22 -7.06 -17.09
N LEU D 151 -24.68 -5.87 -17.26
CA LEU D 151 -23.23 -5.69 -17.35
C LEU D 151 -22.78 -5.07 -16.03
N GLU D 152 -21.92 -5.78 -15.31
CA GLU D 152 -21.45 -5.42 -13.97
C GLU D 152 -19.93 -5.42 -13.78
N ILE D 153 -19.49 -4.71 -12.75
CA ILE D 153 -18.20 -4.98 -12.15
C ILE D 153 -18.45 -5.65 -10.82
N VAL D 154 -17.57 -6.56 -10.46
CA VAL D 154 -17.72 -7.36 -9.24
C VAL D 154 -16.38 -7.49 -8.58
N VAL D 155 -16.39 -7.18 -7.30
CA VAL D 155 -15.24 -7.29 -6.41
C VAL D 155 -15.57 -8.31 -5.29
N THR D 156 -14.74 -9.34 -5.26
CA THR D 156 -14.84 -10.43 -4.31
C THR D 156 -13.58 -10.45 -3.48
N ASP D 157 -13.74 -10.08 -2.21
CA ASP D 157 -12.59 -10.05 -1.33
C ASP D 157 -12.44 -11.45 -0.74
N LYS D 158 -11.28 -11.65 -0.14
CA LYS D 158 -10.88 -12.92 0.46
C LYS D 158 -11.75 -13.36 1.61
N ASN D 159 -12.54 -12.46 2.18
CA ASN D 159 -13.52 -12.83 3.20
C ASN D 159 -14.83 -13.38 2.63
N GLY D 160 -14.92 -13.47 1.28
CA GLY D 160 -16.13 -13.87 0.57
C GLY D 160 -17.16 -12.82 0.19
N LYS D 161 -16.95 -11.56 0.53
CA LYS D 161 -17.96 -10.54 0.19
C LYS D 161 -17.86 -10.20 -1.28
N GLU D 162 -19.01 -10.24 -1.96
CA GLU D 162 -19.17 -9.66 -3.26
C GLU D 162 -19.69 -8.24 -3.13
N THR D 163 -19.01 -7.32 -3.81
CA THR D 163 -19.51 -5.98 -4.02
C THR D 163 -19.69 -5.86 -5.52
N ARG D 164 -20.89 -5.51 -5.94
CA ARG D 164 -21.26 -5.45 -7.33
C ARG D 164 -21.81 -4.07 -7.68
N GLN D 165 -21.53 -3.60 -8.89
CA GLN D 165 -22.13 -2.39 -9.40
C GLN D 165 -22.48 -2.65 -10.85
N THR D 166 -23.64 -2.16 -11.28
CA THR D 166 -24.09 -2.33 -12.65
C THR D 166 -23.66 -1.15 -13.48
N ILE D 167 -22.98 -1.47 -14.59
CA ILE D 167 -22.65 -0.52 -15.65
C ILE D 167 -23.91 -0.16 -16.41
N MET D 168 -24.59 -1.20 -16.90
CA MET D 168 -25.78 -1.00 -17.68
C MET D 168 -26.46 -2.35 -17.78
N GLU D 169 -27.78 -2.34 -17.93
CA GLU D 169 -28.51 -3.52 -18.40
C GLU D 169 -29.05 -3.25 -19.81
N VAL D 170 -28.73 -4.13 -20.74
CA VAL D 170 -29.02 -3.91 -22.16
C VAL D 170 -29.61 -5.18 -22.78
N ASP D 171 -30.41 -5.04 -23.82
CA ASP D 171 -31.04 -6.17 -24.51
C ASP D 171 -30.66 -6.12 -25.98
N GLU D 172 -29.34 -6.03 -26.23
CA GLU D 172 -28.77 -5.91 -27.57
C GLU D 172 -27.29 -6.15 -27.46
N PRO D 173 -26.62 -6.49 -28.57
CA PRO D 173 -25.18 -6.71 -28.55
C PRO D 173 -24.42 -5.50 -28.00
N ALA D 174 -23.47 -5.80 -27.11
CA ALA D 174 -22.77 -4.75 -26.32
C ALA D 174 -21.33 -5.18 -26.07
N ILE D 175 -20.50 -4.19 -25.76
CA ILE D 175 -19.14 -4.38 -25.36
C ILE D 175 -18.96 -3.81 -23.97
N VAL D 176 -18.08 -4.46 -23.21
CA VAL D 176 -17.81 -4.21 -21.78
C VAL D 176 -16.30 -4.17 -21.55
N GLN D 177 -15.84 -3.16 -20.82
CA GLN D 177 -14.46 -3.06 -20.43
C GLN D 177 -14.36 -2.74 -18.94
N GLY D 178 -13.45 -3.43 -18.29
CA GLY D 178 -13.11 -3.16 -16.91
C GLY D 178 -11.63 -2.86 -16.69
N ILE D 179 -11.36 -1.90 -15.81
CA ILE D 179 -10.01 -1.50 -15.49
C ILE D 179 -9.87 -1.34 -13.96
N HIS D 180 -8.62 -1.26 -13.51
CA HIS D 180 -8.32 -0.97 -12.10
C HIS D 180 -7.07 -0.14 -11.95
N ASN D 181 -6.92 0.39 -10.72
CA ASN D 181 -5.65 0.91 -10.29
C ASN D 181 -5.51 0.66 -8.80
N THR D 182 -4.34 0.91 -8.25
CA THR D 182 -4.13 0.74 -6.79
C THR D 182 -3.81 2.11 -6.14
N VAL D 183 -4.27 2.27 -4.90
CA VAL D 183 -3.99 3.47 -4.17
C VAL D 183 -2.47 3.68 -4.04
N ALA D 184 -1.75 2.60 -3.86
CA ALA D 184 -0.32 2.69 -3.64
C ALA D 184 0.38 3.19 -4.92
N SER D 185 0.00 2.63 -6.08
CA SER D 185 0.58 3.03 -7.37
C SER D 185 0.30 4.48 -7.68
N ILE D 186 -0.93 4.91 -7.44
CA ILE D 186 -1.29 6.30 -7.58
C ILE D 186 -0.45 7.20 -6.67
N GLY D 187 -0.22 6.74 -5.47
CA GLY D 187 0.64 7.46 -4.50
C GLY D 187 2.05 7.69 -5.00
N HIS D 188 2.64 6.65 -5.54
CA HIS D 188 3.96 6.71 -6.14
C HIS D 188 4.03 7.68 -7.31
N PHE D 189 2.93 7.73 -8.05
CA PHE D 189 2.78 8.56 -9.26
C PHE D 189 2.77 10.03 -8.79
N ALA D 190 1.95 10.33 -7.78
CA ALA D 190 1.92 11.65 -7.22
C ALA D 190 3.29 12.08 -6.74
N ARG D 191 3.90 11.25 -5.90
CA ARG D 191 5.21 11.58 -5.36
C ARG D 191 6.29 11.75 -6.43
N ALA D 192 6.31 10.86 -7.42
CA ALA D 192 7.30 10.97 -8.49
C ALA D 192 7.16 12.33 -9.21
N CYS D 193 5.93 12.75 -9.46
CA CYS D 193 5.67 14.04 -10.11
C CYS D 193 6.11 15.25 -9.24
N PHE D 194 5.77 15.20 -7.96
CA PHE D 194 6.10 16.31 -7.05
C PHE D 194 7.65 16.36 -6.88
N GLU D 195 8.30 15.24 -6.79
CA GLU D 195 9.78 15.18 -6.72
C GLU D 195 10.45 15.73 -7.99
N TYR D 196 9.93 15.33 -9.14
CA TYR D 196 10.40 15.85 -10.42
C TYR D 196 10.28 17.36 -10.51
N SER D 197 9.09 17.87 -10.17
CA SER D 197 8.81 19.32 -10.18
C SER D 197 9.81 20.07 -9.29
N LEU D 198 10.04 19.55 -8.10
CA LEU D 198 10.96 20.19 -7.15
C LEU D 198 12.39 20.16 -7.69
N ASP D 199 12.80 19.00 -8.18
CA ASP D 199 14.13 18.85 -8.73
C ASP D 199 14.36 19.79 -9.88
N GLN D 200 13.37 19.88 -10.76
CA GLN D 200 13.50 20.69 -11.94
C GLN D 200 13.04 22.14 -11.79
N LYS D 201 12.49 22.47 -10.63
CA LYS D 201 12.01 23.79 -10.30
C LYS D 201 10.93 24.23 -11.33
N ILE D 202 9.97 23.33 -11.57
CA ILE D 202 8.85 23.64 -12.46
C ILE D 202 7.51 23.33 -11.76
N ASP D 203 6.47 24.01 -12.17
CA ASP D 203 5.14 23.77 -11.63
C ASP D 203 4.65 22.39 -12.07
N CYS D 204 3.71 21.85 -11.32
CA CYS D 204 3.10 20.55 -11.62
C CYS D 204 1.62 20.77 -11.88
N TRP D 205 1.16 20.30 -13.02
CA TRP D 205 -0.27 20.41 -13.44
C TRP D 205 -0.78 18.97 -13.55
N PHE D 206 -1.92 18.69 -12.92
CA PHE D 206 -2.54 17.34 -12.99
C PHE D 206 -4.04 17.54 -13.29
N ALA D 207 -4.62 16.67 -14.11
CA ALA D 207 -6.02 16.77 -14.48
C ALA D 207 -6.66 15.41 -14.67
N THR D 208 -7.96 15.32 -14.39
CA THR D 208 -8.74 14.12 -14.67
C THR D 208 -10.12 14.59 -15.09
N LYS D 209 -11.09 13.68 -15.17
CA LYS D 209 -12.52 14.06 -15.37
C LYS D 209 -13.33 13.62 -14.15
N ASP D 210 -12.97 14.18 -13.01
CA ASP D 210 -13.53 13.72 -11.71
C ASP D 210 -15.00 14.08 -11.53
N THR D 211 -15.52 14.96 -12.40
CA THR D 211 -16.94 15.30 -12.44
C THR D 211 -17.82 14.18 -13.01
N ILE D 212 -17.23 13.35 -13.87
CA ILE D 212 -17.94 12.25 -14.55
C ILE D 212 -17.59 10.95 -13.83
N SER D 213 -16.31 10.81 -13.47
CA SER D 213 -15.77 9.63 -12.77
C SER D 213 -15.57 10.03 -11.31
N LYS D 214 -16.62 9.80 -10.54
CA LYS D 214 -16.77 10.39 -9.20
C LYS D 214 -16.09 9.55 -8.10
N GLN D 215 -15.68 8.30 -8.39
CA GLN D 215 -14.89 7.50 -7.48
C GLN D 215 -13.48 7.16 -8.02
N TYR D 216 -13.38 6.89 -9.31
CA TYR D 216 -12.11 6.44 -9.91
C TYR D 216 -11.17 7.63 -10.11
N ASP D 217 -11.53 8.52 -11.05
CA ASP D 217 -10.74 9.75 -11.25
C ASP D 217 -10.62 10.57 -9.96
N GLN D 218 -11.69 10.62 -9.18
CA GLN D 218 -11.70 11.33 -7.87
C GLN D 218 -10.64 10.82 -6.91
N ARG D 219 -10.38 9.52 -6.94
CA ARG D 219 -9.37 8.89 -6.09
C ARG D 219 -7.98 9.41 -6.43
N PHE D 220 -7.71 9.61 -7.73
CA PHE D 220 -6.45 10.23 -8.16
C PHE D 220 -6.33 11.65 -7.61
N LYS D 221 -7.40 12.41 -7.81
CA LYS D 221 -7.45 13.80 -7.32
C LYS D 221 -7.16 13.86 -5.80
N ILE D 222 -7.89 13.04 -5.03
CA ILE D 222 -7.73 12.99 -3.55
C ILE D 222 -6.30 12.60 -3.10
N ILE D 223 -5.72 11.58 -3.70
CA ILE D 223 -4.35 11.14 -3.36
C ILE D 223 -3.34 12.24 -3.66
N PHE D 224 -3.43 12.89 -4.81
CA PHE D 224 -2.55 14.02 -5.13
C PHE D 224 -2.68 15.14 -4.10
N GLU D 225 -3.91 15.43 -3.76
CA GLU D 225 -4.23 16.55 -2.86
C GLU D 225 -3.68 16.30 -1.47
N GLU D 226 -3.84 15.07 -1.00
CA GLU D 226 -3.41 14.68 0.35
C GLU D 226 -1.89 14.55 0.49
N ILE D 227 -1.26 13.86 -0.45
CA ILE D 227 0.18 13.82 -0.50
C ILE D 227 0.74 15.22 -0.63
N PHE D 228 0.11 16.05 -1.44
CA PHE D 228 0.63 17.41 -1.61
C PHE D 228 0.60 18.17 -0.28
N ALA D 229 -0.58 18.26 0.30
CA ALA D 229 -0.77 18.93 1.61
C ALA D 229 0.16 18.42 2.71
N GLN D 230 0.38 17.12 2.80
CA GLN D 230 1.15 16.51 3.88
C GLN D 230 2.65 16.51 3.68
N GLU D 231 3.08 16.47 2.42
CA GLU D 231 4.46 16.18 2.11
C GLU D 231 5.17 17.24 1.30
N TYR D 232 4.45 18.06 0.53
CA TYR D 232 5.10 18.92 -0.48
C TYR D 232 4.73 20.39 -0.44
N LYS D 233 3.63 20.79 0.18
CA LYS D 233 3.16 22.19 0.10
C LYS D 233 4.30 23.17 0.53
N GLU D 234 4.99 22.86 1.62
CA GLU D 234 6.06 23.79 2.13
C GLU D 234 7.26 23.79 1.22
N LYS D 235 7.65 22.61 0.75
CA LYS D 235 8.73 22.49 -0.19
C LYS D 235 8.44 23.26 -1.48
N PHE D 236 7.21 23.17 -1.98
CA PHE D 236 6.85 23.87 -3.21
C PHE D 236 6.91 25.41 -2.98
N ALA D 237 6.36 25.84 -1.87
CA ALA D 237 6.40 27.26 -1.48
C ALA D 237 7.83 27.79 -1.42
N ALA D 238 8.73 27.03 -0.79
CA ALA D 238 10.14 27.42 -0.68
C ALA D 238 10.85 27.50 -2.03
N ALA D 239 10.50 26.57 -2.94
CA ALA D 239 11.07 26.48 -4.30
C ALA D 239 10.40 27.43 -5.28
N GLY D 240 9.36 28.12 -4.84
CA GLY D 240 8.64 29.07 -5.70
C GLY D 240 7.82 28.42 -6.83
N ILE D 241 7.28 27.25 -6.57
CA ILE D 241 6.55 26.52 -7.62
C ILE D 241 5.17 26.15 -7.06
N GLU D 242 4.27 25.75 -7.94
CA GLU D 242 2.91 25.44 -7.56
C GLU D 242 2.45 24.10 -8.15
N TYR D 243 1.50 23.50 -7.46
CA TYR D 243 0.72 22.37 -7.94
C TYR D 243 -0.70 22.89 -8.32
N PHE D 244 -1.10 22.64 -9.57
CA PHE D 244 -2.40 23.04 -10.14
C PHE D 244 -3.18 21.80 -10.55
N TYR D 245 -4.40 21.65 -10.00
CA TYR D 245 -5.29 20.54 -10.43
C TYR D 245 -6.47 21.17 -11.18
N THR D 246 -6.89 20.56 -12.28
CA THR D 246 -8.09 20.96 -13.01
C THR D 246 -8.68 19.76 -13.76
N LEU D 247 -9.63 20.02 -14.64
CA LEU D 247 -10.17 18.97 -15.47
C LEU D 247 -9.35 18.84 -16.73
N ILE D 248 -9.30 17.63 -17.28
CA ILE D 248 -8.49 17.29 -18.44
C ILE D 248 -8.85 18.13 -19.67
N ASP D 249 -10.13 18.41 -19.92
CA ASP D 249 -10.51 19.23 -21.07
C ASP D 249 -9.99 20.68 -20.87
N ASP D 250 -9.99 21.16 -19.64
CA ASP D 250 -9.43 22.43 -19.33
C ASP D 250 -7.90 22.49 -19.55
N VAL D 251 -7.16 21.43 -19.15
N VAL D 251 -7.16 21.44 -19.15
CA VAL D 251 -5.69 21.50 -19.29
CA VAL D 251 -5.69 21.51 -19.31
C VAL D 251 -5.28 21.47 -20.76
C VAL D 251 -5.31 21.48 -20.80
N VAL D 252 -5.99 20.69 -21.55
N VAL D 252 -5.97 20.63 -21.58
CA VAL D 252 -5.66 20.58 -22.96
CA VAL D 252 -5.62 20.59 -23.01
C VAL D 252 -5.93 21.90 -23.71
C VAL D 252 -5.91 21.93 -23.71
N ALA D 253 -7.01 22.59 -23.35
CA ALA D 253 -7.30 23.94 -23.86
C ALA D 253 -6.14 24.88 -23.52
N ARG D 254 -5.75 24.89 -22.25
CA ARG D 254 -4.66 25.70 -21.73
C ARG D 254 -3.35 25.41 -22.47
N MET D 255 -3.14 24.14 -22.83
CA MET D 255 -1.88 23.74 -23.50
C MET D 255 -1.68 24.36 -24.88
N MET D 256 -2.75 24.71 -25.58
CA MET D 256 -2.64 25.34 -26.86
C MET D 256 -2.31 26.84 -26.77
N LYS D 257 -2.26 27.35 -25.55
CA LYS D 257 -2.03 28.76 -25.30
C LYS D 257 -0.85 29.10 -24.33
N THR D 258 -0.35 28.11 -23.63
CA THR D 258 0.73 28.24 -22.68
C THR D 258 2.06 28.54 -23.35
N GLU D 259 2.91 29.28 -22.64
CA GLU D 259 4.31 29.39 -23.01
C GLU D 259 5.09 28.09 -22.69
N GLY D 260 4.48 27.19 -21.91
CA GLY D 260 5.13 25.90 -21.51
C GLY D 260 5.87 26.01 -20.20
N GLY D 261 6.78 25.09 -19.93
CA GLY D 261 7.59 25.19 -18.70
C GLY D 261 7.10 24.50 -17.44
N MET D 262 6.09 23.63 -17.56
CA MET D 262 5.54 22.90 -16.41
C MET D 262 5.77 21.42 -16.61
N LEU D 263 5.56 20.67 -15.52
CA LEU D 263 5.34 19.21 -15.60
C LEU D 263 3.82 18.93 -15.70
N TRP D 264 3.43 18.23 -16.77
CA TRP D 264 2.04 17.87 -17.02
C TRP D 264 1.91 16.41 -16.61
N ALA D 265 1.45 16.22 -15.38
CA ALA D 265 1.16 14.89 -14.89
C ALA D 265 -0.11 14.33 -15.57
N CYS D 266 -0.03 13.09 -16.04
CA CYS D 266 -1.08 12.43 -16.76
C CYS D 266 -1.33 10.99 -16.33
N LYS D 267 -2.62 10.63 -16.18
CA LYS D 267 -3.00 9.20 -16.09
C LYS D 267 -2.45 8.50 -17.31
N ASN D 268 -2.39 7.18 -17.18
CA ASN D 268 -1.72 6.29 -18.10
C ASN D 268 -2.11 6.62 -19.55
N TYR D 269 -3.39 6.47 -19.92
CA TYR D 269 -3.85 6.71 -21.26
C TYR D 269 -3.59 8.13 -21.75
N ASP D 270 -3.93 9.11 -20.91
CA ASP D 270 -3.71 10.49 -21.25
C ASP D 270 -2.26 10.77 -21.58
N GLY D 271 -1.36 10.21 -20.80
CA GLY D 271 0.06 10.47 -20.95
C GLY D 271 0.65 9.81 -22.21
N ASP D 272 0.13 8.65 -22.55
CA ASP D 272 0.43 7.95 -23.80
C ASP D 272 0.11 8.88 -25.03
N VAL D 273 -1.12 9.33 -25.09
CA VAL D 273 -1.58 10.19 -26.18
C VAL D 273 -0.92 11.55 -26.16
N MET D 274 -0.97 12.22 -25.00
CA MET D 274 -0.50 13.58 -24.93
C MET D 274 1.01 13.73 -25.04
N SER D 275 1.79 12.73 -24.62
CA SER D 275 3.23 12.86 -24.77
C SER D 275 3.59 12.81 -26.27
N ASP D 276 2.88 11.99 -27.05
CA ASP D 276 3.02 11.98 -28.51
C ASP D 276 2.60 13.30 -29.14
N MET D 277 1.54 13.90 -28.62
N MET D 277 1.56 13.92 -28.62
CA MET D 277 1.06 15.18 -29.13
CA MET D 277 1.11 15.16 -29.20
C MET D 277 2.14 16.23 -28.91
C MET D 277 2.14 16.26 -28.91
N VAL D 278 2.64 16.30 -27.67
CA VAL D 278 3.70 17.25 -27.30
C VAL D 278 5.00 16.97 -28.09
N ALA D 279 5.41 15.69 -28.19
CA ALA D 279 6.62 15.33 -28.92
C ALA D 279 6.49 15.82 -30.40
N SER D 280 5.37 15.52 -31.02
CA SER D 280 5.16 15.91 -32.42
C SER D 280 5.19 17.44 -32.60
N ALA D 281 4.57 18.16 -31.70
CA ALA D 281 4.48 19.62 -31.76
C ALA D 281 5.85 20.25 -31.52
N PHE D 282 6.65 19.70 -30.61
CA PHE D 282 8.01 20.23 -30.51
C PHE D 282 8.87 19.96 -31.75
N GLY D 283 8.61 18.91 -32.51
CA GLY D 283 9.32 18.67 -33.79
C GLY D 283 9.17 17.25 -34.30
N SER D 284 9.39 16.29 -33.40
CA SER D 284 9.45 14.87 -33.78
C SER D 284 9.34 13.97 -32.57
N LEU D 285 8.73 12.79 -32.75
CA LEU D 285 8.77 11.70 -31.76
C LEU D 285 10.19 11.27 -31.49
N ALA D 286 11.09 11.45 -32.46
CA ALA D 286 12.51 11.11 -32.24
C ALA D 286 13.27 12.14 -31.41
N MET D 287 12.69 13.31 -31.19
CA MET D 287 13.29 14.41 -30.45
C MET D 287 12.53 14.52 -29.09
N MET D 288 12.48 13.39 -28.40
CA MET D 288 11.77 13.25 -27.10
C MET D 288 12.55 12.18 -26.32
N SER D 289 12.85 12.47 -25.07
CA SER D 289 13.49 11.49 -24.18
C SER D 289 12.35 10.79 -23.40
N SER D 290 12.64 9.61 -22.83
CA SER D 290 11.64 8.83 -22.07
C SER D 290 12.36 8.02 -20.99
N VAL D 291 11.99 8.25 -19.73
CA VAL D 291 12.48 7.42 -18.61
C VAL D 291 11.34 7.01 -17.68
N LEU D 292 11.22 5.70 -17.47
CA LEU D 292 10.37 5.13 -16.42
C LEU D 292 11.13 5.19 -15.08
N VAL D 293 10.57 5.91 -14.12
CA VAL D 293 11.13 6.01 -12.76
C VAL D 293 10.26 5.14 -11.86
N SER D 294 10.81 4.02 -11.36
CA SER D 294 10.01 3.00 -10.68
C SER D 294 10.05 3.28 -9.19
N PRO D 295 8.97 2.94 -8.47
CA PRO D 295 9.01 3.19 -7.04
C PRO D 295 9.94 2.25 -6.23
N TYR D 296 10.45 1.19 -6.85
CA TYR D 296 11.35 0.24 -6.21
C TYR D 296 12.80 0.66 -6.44
N GLY D 297 12.96 1.80 -7.12
CA GLY D 297 14.22 2.44 -7.31
C GLY D 297 14.88 2.09 -8.63
N TYR D 298 14.14 1.53 -9.58
CA TYR D 298 14.69 1.12 -10.87
C TYR D 298 14.38 2.19 -11.94
N PHE D 299 15.14 2.14 -13.04
CA PHE D 299 14.97 3.14 -14.13
C PHE D 299 15.03 2.42 -15.47
N GLU D 300 14.17 2.81 -16.41
CA GLU D 300 14.21 2.24 -17.75
C GLU D 300 14.12 3.38 -18.78
N TYR D 301 15.19 3.59 -19.53
CA TYR D 301 15.32 4.65 -20.52
C TYR D 301 14.98 4.01 -21.85
N GLU D 302 14.12 4.62 -22.65
CA GLU D 302 13.78 4.05 -23.94
C GLU D 302 13.72 5.07 -25.05
N ALA D 303 13.80 4.55 -26.27
CA ALA D 303 13.40 5.28 -27.45
C ALA D 303 11.90 5.04 -27.72
N ALA D 304 11.12 6.04 -27.35
CA ALA D 304 9.68 5.98 -27.34
C ALA D 304 9.07 6.40 -28.68
N HIS D 305 9.31 5.56 -29.68
CA HIS D 305 8.79 5.85 -31.02
C HIS D 305 8.79 4.56 -31.81
N GLY D 306 8.40 4.62 -33.06
CA GLY D 306 8.26 3.41 -33.86
C GLY D 306 9.60 2.91 -34.41
N THR D 307 9.55 1.76 -35.06
CA THR D 307 10.78 1.10 -35.52
C THR D 307 11.14 1.40 -36.99
N VAL D 308 10.28 2.19 -37.65
CA VAL D 308 10.50 2.80 -39.00
C VAL D 308 10.64 1.76 -40.10
N GLN D 309 9.57 0.97 -40.22
CA GLN D 309 9.46 -0.12 -41.20
C GLN D 309 9.93 0.28 -42.61
N ARG D 310 9.40 1.40 -43.10
CA ARG D 310 9.67 1.89 -44.45
C ARG D 310 11.19 2.09 -44.68
N HIS D 311 11.84 2.74 -43.72
CA HIS D 311 13.30 2.93 -43.76
C HIS D 311 14.08 1.62 -43.64
N TYR D 312 13.62 0.70 -42.79
CA TYR D 312 14.24 -0.63 -42.64
C TYR D 312 14.28 -1.37 -44.01
N TYR D 313 13.17 -1.29 -44.75
CA TYR D 313 13.08 -1.99 -46.06
C TYR D 313 14.04 -1.34 -47.05
N GLN D 314 14.12 0.00 -47.03
CA GLN D 314 15.10 0.74 -47.81
C GLN D 314 16.54 0.31 -47.48
N HIS D 315 16.85 0.30 -46.18
CA HIS D 315 18.16 -0.11 -45.67
C HIS D 315 18.60 -1.50 -46.16
N LEU D 316 17.67 -2.45 -46.08
CA LEU D 316 17.94 -3.83 -46.58
C LEU D 316 18.22 -3.87 -48.06
N LYS D 317 17.74 -2.87 -48.79
CA LYS D 317 18.07 -2.73 -50.22
C LYS D 317 19.31 -1.89 -50.50
N GLY D 318 20.06 -1.56 -49.43
CA GLY D 318 21.27 -0.77 -49.57
C GLY D 318 21.06 0.73 -49.79
N GLU D 319 19.90 1.25 -49.39
CA GLU D 319 19.66 2.66 -49.54
C GLU D 319 19.85 3.32 -48.19
N ARG D 320 20.47 4.49 -48.22
CA ARG D 320 20.57 5.32 -47.02
C ARG D 320 19.24 5.95 -46.70
N THR D 321 19.02 6.22 -45.41
CA THR D 321 17.72 6.62 -44.92
C THR D 321 17.83 7.93 -44.11
N SER D 322 16.69 8.55 -43.85
CA SER D 322 16.65 9.83 -43.16
C SER D 322 16.21 9.60 -41.70
N THR D 323 16.32 8.36 -41.21
CA THR D 323 15.92 8.02 -39.85
C THR D 323 16.67 8.91 -38.85
N ASN D 324 15.91 9.52 -37.95
CA ASN D 324 16.46 10.33 -36.87
C ASN D 324 16.78 9.43 -35.66
N PRO D 325 18.08 9.27 -35.33
CA PRO D 325 18.49 8.43 -34.17
C PRO D 325 18.63 9.14 -32.82
N VAL D 326 18.23 10.40 -32.72
CA VAL D 326 18.53 11.18 -31.51
C VAL D 326 17.89 10.52 -30.25
N ALA D 327 16.65 10.06 -30.36
CA ALA D 327 16.00 9.42 -29.18
C ALA D 327 16.76 8.14 -28.77
N LEU D 328 17.30 7.40 -29.75
CA LEU D 328 18.13 6.21 -29.45
C LEU D 328 19.35 6.59 -28.65
N ILE D 329 19.98 7.67 -29.10
CA ILE D 329 21.16 8.22 -28.47
C ILE D 329 20.89 8.69 -27.05
N TYR D 330 19.83 9.51 -26.87
CA TYR D 330 19.44 9.98 -25.54
C TYR D 330 18.96 8.86 -24.60
N ALA D 331 18.53 7.71 -25.12
CA ALA D 331 18.18 6.59 -24.27
C ALA D 331 19.47 6.06 -23.62
N TRP D 332 20.51 5.93 -24.44
CA TRP D 332 21.83 5.49 -23.93
C TRP D 332 22.44 6.47 -22.98
N THR D 333 22.46 7.73 -23.36
CA THR D 333 23.06 8.74 -22.52
C THR D 333 22.30 8.89 -21.19
N GLY D 334 20.95 8.82 -21.22
CA GLY D 334 20.17 8.87 -20.01
C GLY D 334 20.45 7.71 -19.08
N ALA D 335 20.51 6.50 -19.63
CA ALA D 335 20.76 5.30 -18.82
C ALA D 335 22.17 5.30 -18.29
N LEU D 336 23.15 5.71 -19.12
CA LEU D 336 24.53 5.72 -18.67
C LEU D 336 24.76 6.78 -17.60
N ARG D 337 24.12 7.93 -17.74
CA ARG D 337 24.24 8.91 -16.70
C ARG D 337 23.69 8.37 -15.36
N LYS D 338 22.52 7.72 -15.41
CA LYS D 338 21.90 7.26 -14.16
C LYS D 338 22.76 6.15 -13.54
N ARG D 339 23.30 5.27 -14.38
CA ARG D 339 24.20 4.23 -13.93
C ARG D 339 25.38 4.85 -13.16
N GLY D 340 25.94 5.95 -13.71
CA GLY D 340 27.07 6.66 -13.14
C GLY D 340 26.73 7.43 -11.88
N GLU D 341 25.51 7.95 -11.83
CA GLU D 341 24.99 8.58 -10.61
C GLU D 341 24.90 7.53 -9.51
N LEU D 342 24.27 6.39 -9.82
CA LEU D 342 24.14 5.29 -8.87
C LEU D 342 25.47 4.65 -8.44
N ASP D 343 26.41 4.53 -9.38
CA ASP D 343 27.69 3.84 -9.16
C ASP D 343 28.76 4.77 -8.59
N GLY D 344 28.48 6.07 -8.52
CA GLY D 344 29.48 7.05 -8.16
C GLY D 344 30.65 7.13 -9.14
N THR D 345 30.35 7.11 -10.43
CA THR D 345 31.33 7.25 -11.48
C THR D 345 31.04 8.51 -12.35
N PRO D 346 31.35 9.73 -11.84
CA PRO D 346 30.94 10.98 -12.49
C PRO D 346 31.49 11.23 -13.90
N ASP D 347 32.57 10.55 -14.25
CA ASP D 347 33.11 10.69 -15.60
C ASP D 347 32.12 10.18 -16.65
N LEU D 348 31.40 9.13 -16.31
CA LEU D 348 30.37 8.59 -17.17
C LEU D 348 29.28 9.63 -17.37
N CYS D 349 28.82 10.23 -16.28
CA CYS D 349 27.86 11.32 -16.32
C CYS D 349 28.33 12.48 -17.19
N ALA D 350 29.58 12.92 -17.01
CA ALA D 350 30.14 14.05 -17.80
C ALA D 350 30.20 13.73 -19.31
N PHE D 351 30.56 12.49 -19.63
CA PHE D 351 30.57 12.02 -21.00
C PHE D 351 29.14 12.13 -21.59
N CYS D 352 28.17 11.62 -20.88
CA CYS D 352 26.75 11.76 -21.28
C CYS D 352 26.33 13.20 -21.52
N ASP D 353 26.71 14.11 -20.62
CA ASP D 353 26.48 15.52 -20.83
C ASP D 353 27.09 16.00 -22.17
N SER D 354 28.34 15.58 -22.44
CA SER D 354 29.04 15.98 -23.66
C SER D 354 28.35 15.46 -24.92
N LEU D 355 27.96 14.19 -24.91
CA LEU D 355 27.35 13.64 -26.09
C LEU D 355 25.97 14.27 -26.33
N GLU D 356 25.18 14.47 -25.29
CA GLU D 356 23.89 15.16 -25.49
C GLU D 356 24.13 16.58 -26.08
N ALA D 357 25.08 17.29 -25.50
CA ALA D 357 25.44 18.64 -25.97
C ALA D 357 25.95 18.68 -27.44
N ILE D 358 26.76 17.70 -27.81
CA ILE D 358 27.33 17.55 -29.17
C ILE D 358 26.20 17.30 -30.16
N THR D 359 25.22 16.49 -29.77
CA THR D 359 24.06 16.17 -30.59
C THR D 359 23.30 17.47 -30.90
N ILE D 360 23.00 18.25 -29.88
CA ILE D 360 22.30 19.52 -30.05
C ILE D 360 23.14 20.54 -30.91
N GLU D 361 24.42 20.65 -30.61
CA GLU D 361 25.34 21.57 -31.34
C GLU D 361 25.41 21.24 -32.83
N CYS D 362 25.44 19.95 -33.17
CA CYS D 362 25.46 19.47 -34.56
C CYS D 362 24.22 19.95 -35.31
N ILE D 363 23.05 19.66 -34.72
CA ILE D 363 21.75 20.01 -35.34
C ILE D 363 21.62 21.55 -35.44
N GLU D 364 21.98 22.23 -34.37
CA GLU D 364 21.84 23.67 -34.32
C GLU D 364 22.78 24.38 -35.26
N SER D 365 23.91 23.74 -35.56
CA SER D 365 24.86 24.23 -36.58
C SER D 365 24.41 23.94 -38.02
N GLY D 366 23.32 23.19 -38.20
CA GLY D 366 22.78 22.99 -39.54
C GLY D 366 23.08 21.66 -40.21
N TYR D 367 23.54 20.69 -39.42
CA TYR D 367 23.87 19.32 -39.87
C TYR D 367 22.92 18.32 -39.20
N MET D 368 22.02 17.75 -39.97
CA MET D 368 20.90 17.05 -39.39
C MET D 368 20.28 16.09 -40.37
N THR D 369 19.46 15.21 -39.81
CA THR D 369 18.68 14.29 -40.62
C THR D 369 17.51 15.01 -41.30
N GLY D 370 17.03 14.39 -42.36
CA GLY D 370 16.12 15.02 -43.33
C GLY D 370 14.77 15.41 -42.73
N ASP D 371 14.33 14.67 -41.69
CA ASP D 371 13.09 15.06 -40.94
C ASP D 371 13.21 16.46 -40.31
N LEU D 372 14.35 16.70 -39.69
CA LEU D 372 14.60 17.98 -39.03
C LEU D 372 14.83 19.07 -40.07
N ALA D 373 15.53 18.71 -41.15
CA ALA D 373 15.80 19.62 -42.25
C ALA D 373 14.51 20.17 -42.90
N ARG D 374 13.42 19.39 -42.88
CA ARG D 374 12.14 19.86 -43.40
C ARG D 374 11.46 20.93 -42.58
N ILE D 375 11.83 21.04 -41.30
CA ILE D 375 11.13 21.92 -40.35
C ILE D 375 12.00 22.98 -39.69
N CYS D 376 13.30 23.01 -40.05
CA CYS D 376 14.19 23.96 -39.39
C CYS D 376 14.25 25.29 -40.13
N GLU D 377 14.65 26.32 -39.41
CA GLU D 377 14.82 27.67 -39.95
C GLU D 377 15.93 28.27 -39.11
N PRO D 378 17.04 28.73 -39.74
CA PRO D 378 17.23 28.76 -41.19
C PRO D 378 17.39 27.38 -41.80
N ALA D 379 17.43 27.29 -43.13
CA ALA D 379 17.65 26.00 -43.79
C ALA D 379 18.96 25.31 -43.32
N ALA D 380 18.93 23.97 -43.33
CA ALA D 380 20.11 23.17 -42.97
C ALA D 380 21.25 23.44 -43.98
N ILE D 381 22.48 23.40 -43.47
CA ILE D 381 23.67 23.42 -44.33
C ILE D 381 23.81 22.09 -45.06
N LYS D 382 23.58 20.99 -44.34
CA LYS D 382 23.80 19.67 -44.89
C LYS D 382 22.85 18.66 -44.28
N VAL D 383 22.12 17.94 -45.12
CA VAL D 383 21.24 16.83 -44.69
C VAL D 383 22.12 15.58 -44.66
N LEU D 384 22.25 15.00 -43.48
CA LEU D 384 23.07 13.77 -43.26
C LEU D 384 22.10 12.63 -43.14
N ASP D 385 22.38 11.53 -43.84
CA ASP D 385 21.61 10.33 -43.64
C ASP D 385 21.87 9.81 -42.23
N SER D 386 21.03 8.89 -41.81
CA SER D 386 21.04 8.40 -40.42
C SER D 386 22.46 7.93 -39.97
N ILE D 387 23.13 7.21 -40.83
CA ILE D 387 24.44 6.63 -40.52
C ILE D 387 25.56 7.69 -40.60
N GLU D 388 25.48 8.59 -41.57
CA GLU D 388 26.35 9.76 -41.67
C GLU D 388 26.21 10.67 -40.45
N PHE D 389 24.98 10.78 -39.92
CA PHE D 389 24.72 11.63 -38.73
C PHE D 389 25.44 11.03 -37.50
N ILE D 390 25.33 9.72 -37.32
CA ILE D 390 25.97 9.04 -36.18
C ILE D 390 27.50 9.21 -36.30
N ASP D 391 28.01 8.99 -37.51
N ASP D 391 28.03 9.05 -37.50
CA ASP D 391 29.44 9.14 -37.79
CA ASP D 391 29.50 9.18 -37.67
C ASP D 391 29.91 10.58 -37.42
C ASP D 391 29.97 10.63 -37.45
N GLU D 392 29.14 11.59 -37.81
CA GLU D 392 29.48 13.01 -37.54
C GLU D 392 29.62 13.24 -36.03
N LEU D 393 28.67 12.69 -35.25
CA LEU D 393 28.71 12.77 -33.80
C LEU D 393 29.96 12.07 -33.24
N GLY D 394 30.25 10.90 -33.78
CA GLY D 394 31.49 10.18 -33.34
C GLY D 394 32.76 11.01 -33.60
N LYS D 395 32.83 11.69 -34.74
CA LYS D 395 33.99 12.59 -35.02
C LYS D 395 34.06 13.77 -34.06
N ARG D 396 32.90 14.30 -33.66
CA ARG D 396 32.88 15.39 -32.69
C ARG D 396 33.37 14.89 -31.33
N LEU D 397 33.04 13.64 -30.99
CA LEU D 397 33.45 13.03 -29.75
C LEU D 397 34.95 12.79 -29.80
N GLN D 398 35.40 12.23 -30.91
CA GLN D 398 36.87 11.99 -31.15
C GLN D 398 37.64 13.28 -30.95
N GLN D 399 37.12 14.39 -31.46
CA GLN D 399 37.74 15.70 -31.31
C GLN D 399 37.80 16.19 -29.89
N LEU D 400 36.82 15.79 -29.08
CA LEU D 400 36.77 16.22 -27.69
C LEU D 400 37.69 15.31 -26.90
N ASN D 401 38.96 14.61 -28.03
CA ASN D 401 40.27 13.83 -27.69
C ASN D 401 40.05 12.67 -26.67
N LYS D 402 39.01 11.90 -26.97
CA LYS D 402 38.59 10.82 -26.06
C LYS D 402 37.98 11.33 -24.76
#